data_3DKE
# 
_entry.id   3DKE 
# 
_audit_conform.dict_name       mmcif_pdbx.dic 
_audit_conform.dict_version    5.351 
_audit_conform.dict_location   http://mmcif.pdb.org/dictionaries/ascii/mmcif_pdbx.dic 
# 
loop_
_database_2.database_id 
_database_2.database_code 
_database_2.pdbx_database_accession 
_database_2.pdbx_DOI 
PDB   3DKE         pdb_00003dke 10.2210/pdb3dke/pdb 
RCSB  RCSB048147   ?            ?                   
WWPDB D_1000048147 ?            ?                   
# 
loop_
_pdbx_database_related.db_name 
_pdbx_database_related.db_id 
_pdbx_database_related.details 
_pdbx_database_related.content_type 
PDB 181L 'T4 lysozyme L99A bound with benzene at room temperature' unspecified 
PDB 3DMV .                                                         unspecified 
PDB 3DMX .                                                         unspecified 
PDB 3DMZ .                                                         unspecified 
PDB 3DN0 .                                                         unspecified 
PDB 3DN1 .                                                         unspecified 
PDB 3DN2 .                                                         unspecified 
PDB 3DN3 .                                                         unspecified 
PDB 3DN4 .                                                         unspecified 
PDB 3DN6 .                                                         unspecified 
PDB 3DN8 .                                                         unspecified 
PDB 3DNA .                                                         unspecified 
# 
_pdbx_database_status.status_code                     REL 
_pdbx_database_status.entry_id                        3DKE 
_pdbx_database_status.recvd_initial_deposition_date   2008-06-24 
_pdbx_database_status.deposit_site                    RCSB 
_pdbx_database_status.process_site                    RCSB 
_pdbx_database_status.status_code_sf                  REL 
_pdbx_database_status.status_code_mr                  ? 
_pdbx_database_status.SG_entry                        ? 
_pdbx_database_status.pdb_format_compatible           Y 
_pdbx_database_status.status_code_cs                  ? 
_pdbx_database_status.status_code_nmr_data            ? 
_pdbx_database_status.methods_development_category    ? 
# 
loop_
_audit_author.name 
_audit_author.pdbx_ordinal 
'Liu, L.J.'      1 
'Matthews, B.W.' 2 
# 
_citation.id                        primary 
_citation.title                     
'Use of experimental crystallographic phases to examine the hydration of polar and nonpolar cavities in T4 lysozyme' 
_citation.journal_abbrev            Proc.Natl.Acad.Sci.USA 
_citation.journal_volume            105 
_citation.page_first                14406 
_citation.page_last                 14411 
_citation.year                      2008 
_citation.journal_id_ASTM           PNASA6 
_citation.country                   US 
_citation.journal_id_ISSN           0027-8424 
_citation.journal_id_CSD            0040 
_citation.book_publisher            ? 
_citation.pdbx_database_id_PubMed   18780783 
_citation.pdbx_database_id_DOI      10.1073/pnas.0806307105 
# 
loop_
_citation_author.citation_id 
_citation_author.name 
_citation_author.ordinal 
_citation_author.identifier_ORCID 
primary 'Liu, L.'        1 ? 
primary 'Quillin, M.L.'  2 ? 
primary 'Matthews, B.W.' 3 ? 
# 
_cell.entry_id           3DKE 
_cell.length_a           60.226 
_cell.length_b           60.226 
_cell.length_c           96.677 
_cell.angle_alpha        90.00 
_cell.angle_beta         90.00 
_cell.angle_gamma        120.00 
_cell.Z_PDB              6 
_cell.pdbx_unique_axis   ? 
_cell.length_a_esd       ? 
_cell.length_b_esd       ? 
_cell.length_c_esd       ? 
_cell.angle_alpha_esd    ? 
_cell.angle_beta_esd     ? 
_cell.angle_gamma_esd    ? 
# 
_symmetry.entry_id                         3DKE 
_symmetry.space_group_name_H-M             'P 32 2 1' 
_symmetry.pdbx_full_space_group_name_H-M   ? 
_symmetry.cell_setting                     ? 
_symmetry.Int_Tables_number                154 
_symmetry.space_group_name_Hall            ? 
# 
loop_
_entity.id 
_entity.type 
_entity.src_method 
_entity.pdbx_description 
_entity.formula_weight 
_entity.pdbx_number_of_molecules 
_entity.pdbx_ec 
_entity.pdbx_mutation 
_entity.pdbx_fragment 
_entity.details 
1 polymer     man Lysozyme                                              18755.826 1   3.2.1.17 'C54T, C97A, L99A, M102L' ? ? 
2 non-polymer syn 'POTASSIUM ION'                                       39.098    1   ?        ?                         ? ? 
3 non-polymer syn 'CHLORIDE ION'                                        35.453    2   ?        ?                         ? ? 
4 non-polymer syn 'AZIDE ION'                                           42.020    1   ?        ?                         ? ? 
5 non-polymer syn '4-(2-HYDROXYETHYL)-1-PIPERAZINE ETHANESULFONIC ACID' 238.305   1   ?        ?                         ? ? 
6 non-polymer syn BETA-MERCAPTOETHANOL                                  78.133    2   ?        ?                         ? ? 
7 non-polymer syn '2-HYDROXYETHYL DISULFIDE'                            154.251   2   ?        ?                         ? ? 
8 non-polymer syn GLYCEROL                                              92.094    2   ?        ?                         ? ? 
9 water       nat water                                                 18.015    256 ?        ?                         ? ? 
# 
_entity_name_com.entity_id   1 
_entity_name_com.name        'Lysis protein, Muramidase, Endolysin' 
# 
_entity_poly.entity_id                      1 
_entity_poly.type                           'polypeptide(L)' 
_entity_poly.nstd_linkage                   no 
_entity_poly.nstd_monomer                   yes 
_entity_poly.pdbx_seq_one_letter_code       
;(MSE)NIFE(MSE)LRIDEGLRLKIYKDTEGYYTIGIGHLLTKSPSLNAAKSELDKAIGRNTNGVITKDEAEKLFNQDVD
AAVRGILRNAKLKPVYDSLDAVRRAAAINLVFQ(MSE)GETGVAGFTNSLR(MSE)LQQKRWDEAAVNLAKSRWYNQTPN
RAKRVITTFRTGTWDAYKNL
;
_entity_poly.pdbx_seq_one_letter_code_can   
;MNIFEMLRIDEGLRLKIYKDTEGYYTIGIGHLLTKSPSLNAAKSELDKAIGRNTNGVITKDEAEKLFNQDVDAAVRGILR
NAKLKPVYDSLDAVRRAAAINLVFQMGETGVAGFTNSLRMLQQKRWDEAAVNLAKSRWYNQTPNRAKRVITTFRTGTWDA
YKNL
;
_entity_poly.pdbx_strand_id                 X 
_entity_poly.pdbx_target_identifier         ? 
# 
loop_
_entity_poly_seq.entity_id 
_entity_poly_seq.num 
_entity_poly_seq.mon_id 
_entity_poly_seq.hetero 
1 1   MSE n 
1 2   ASN n 
1 3   ILE n 
1 4   PHE n 
1 5   GLU n 
1 6   MSE n 
1 7   LEU n 
1 8   ARG n 
1 9   ILE n 
1 10  ASP n 
1 11  GLU n 
1 12  GLY n 
1 13  LEU n 
1 14  ARG n 
1 15  LEU n 
1 16  LYS n 
1 17  ILE n 
1 18  TYR n 
1 19  LYS n 
1 20  ASP n 
1 21  THR n 
1 22  GLU n 
1 23  GLY n 
1 24  TYR n 
1 25  TYR n 
1 26  THR n 
1 27  ILE n 
1 28  GLY n 
1 29  ILE n 
1 30  GLY n 
1 31  HIS n 
1 32  LEU n 
1 33  LEU n 
1 34  THR n 
1 35  LYS n 
1 36  SER n 
1 37  PRO n 
1 38  SER n 
1 39  LEU n 
1 40  ASN n 
1 41  ALA n 
1 42  ALA n 
1 43  LYS n 
1 44  SER n 
1 45  GLU n 
1 46  LEU n 
1 47  ASP n 
1 48  LYS n 
1 49  ALA n 
1 50  ILE n 
1 51  GLY n 
1 52  ARG n 
1 53  ASN n 
1 54  THR n 
1 55  ASN n 
1 56  GLY n 
1 57  VAL n 
1 58  ILE n 
1 59  THR n 
1 60  LYS n 
1 61  ASP n 
1 62  GLU n 
1 63  ALA n 
1 64  GLU n 
1 65  LYS n 
1 66  LEU n 
1 67  PHE n 
1 68  ASN n 
1 69  GLN n 
1 70  ASP n 
1 71  VAL n 
1 72  ASP n 
1 73  ALA n 
1 74  ALA n 
1 75  VAL n 
1 76  ARG n 
1 77  GLY n 
1 78  ILE n 
1 79  LEU n 
1 80  ARG n 
1 81  ASN n 
1 82  ALA n 
1 83  LYS n 
1 84  LEU n 
1 85  LYS n 
1 86  PRO n 
1 87  VAL n 
1 88  TYR n 
1 89  ASP n 
1 90  SER n 
1 91  LEU n 
1 92  ASP n 
1 93  ALA n 
1 94  VAL n 
1 95  ARG n 
1 96  ARG n 
1 97  ALA n 
1 98  ALA n 
1 99  ALA n 
1 100 ILE n 
1 101 ASN n 
1 102 LEU n 
1 103 VAL n 
1 104 PHE n 
1 105 GLN n 
1 106 MSE n 
1 107 GLY n 
1 108 GLU n 
1 109 THR n 
1 110 GLY n 
1 111 VAL n 
1 112 ALA n 
1 113 GLY n 
1 114 PHE n 
1 115 THR n 
1 116 ASN n 
1 117 SER n 
1 118 LEU n 
1 119 ARG n 
1 120 MSE n 
1 121 LEU n 
1 122 GLN n 
1 123 GLN n 
1 124 LYS n 
1 125 ARG n 
1 126 TRP n 
1 127 ASP n 
1 128 GLU n 
1 129 ALA n 
1 130 ALA n 
1 131 VAL n 
1 132 ASN n 
1 133 LEU n 
1 134 ALA n 
1 135 LYS n 
1 136 SER n 
1 137 ARG n 
1 138 TRP n 
1 139 TYR n 
1 140 ASN n 
1 141 GLN n 
1 142 THR n 
1 143 PRO n 
1 144 ASN n 
1 145 ARG n 
1 146 ALA n 
1 147 LYS n 
1 148 ARG n 
1 149 VAL n 
1 150 ILE n 
1 151 THR n 
1 152 THR n 
1 153 PHE n 
1 154 ARG n 
1 155 THR n 
1 156 GLY n 
1 157 THR n 
1 158 TRP n 
1 159 ASP n 
1 160 ALA n 
1 161 TYR n 
1 162 LYS n 
1 163 ASN n 
1 164 LEU n 
# 
_entity_src_gen.entity_id                          1 
_entity_src_gen.pdbx_src_id                        1 
_entity_src_gen.pdbx_alt_source_flag               sample 
_entity_src_gen.pdbx_seq_type                      ? 
_entity_src_gen.pdbx_beg_seq_num                   ? 
_entity_src_gen.pdbx_end_seq_num                   ? 
_entity_src_gen.gene_src_common_name               ? 
_entity_src_gen.gene_src_genus                     ? 
_entity_src_gen.pdbx_gene_src_gene                 E 
_entity_src_gen.gene_src_species                   ? 
_entity_src_gen.gene_src_strain                    ? 
_entity_src_gen.gene_src_tissue                    ? 
_entity_src_gen.gene_src_tissue_fraction           ? 
_entity_src_gen.gene_src_details                   ? 
_entity_src_gen.pdbx_gene_src_fragment             ? 
_entity_src_gen.pdbx_gene_src_scientific_name      'Bacteriophage T4' 
_entity_src_gen.pdbx_gene_src_ncbi_taxonomy_id     10665 
_entity_src_gen.pdbx_gene_src_variant              ? 
_entity_src_gen.pdbx_gene_src_cell_line            ? 
_entity_src_gen.pdbx_gene_src_atcc                 ? 
_entity_src_gen.pdbx_gene_src_organ                ? 
_entity_src_gen.pdbx_gene_src_organelle            ? 
_entity_src_gen.pdbx_gene_src_cell                 ? 
_entity_src_gen.pdbx_gene_src_cellular_location    ? 
_entity_src_gen.host_org_common_name               ? 
_entity_src_gen.pdbx_host_org_scientific_name      'Escherichia coli' 
_entity_src_gen.pdbx_host_org_ncbi_taxonomy_id     562 
_entity_src_gen.host_org_genus                     ? 
_entity_src_gen.pdbx_host_org_gene                 ? 
_entity_src_gen.pdbx_host_org_organ                ? 
_entity_src_gen.host_org_species                   ? 
_entity_src_gen.pdbx_host_org_tissue               ? 
_entity_src_gen.pdbx_host_org_tissue_fraction      ? 
_entity_src_gen.pdbx_host_org_strain               ? 
_entity_src_gen.pdbx_host_org_variant              ? 
_entity_src_gen.pdbx_host_org_cell_line            ? 
_entity_src_gen.pdbx_host_org_atcc                 ? 
_entity_src_gen.pdbx_host_org_culture_collection   ? 
_entity_src_gen.pdbx_host_org_cell                 ? 
_entity_src_gen.pdbx_host_org_organelle            ? 
_entity_src_gen.pdbx_host_org_cellular_location    ? 
_entity_src_gen.pdbx_host_org_vector_type          ? 
_entity_src_gen.pdbx_host_org_vector               ? 
_entity_src_gen.host_org_details                   ? 
_entity_src_gen.expression_system_id               ? 
_entity_src_gen.plasmid_name                       ? 
_entity_src_gen.plasmid_details                    ? 
_entity_src_gen.pdbx_description                   ? 
# 
_struct_ref.id                         1 
_struct_ref.db_name                    UNP 
_struct_ref.db_code                    LYS_BPT4 
_struct_ref.pdbx_db_accession          P00720 
_struct_ref.entity_id                  1 
_struct_ref.pdbx_seq_one_letter_code   
;MNIFEMLRIDEGLRLKIYKDTEGYYTIGIGHLLTKSPSLNAAKSELDKAIGRNCNGVITKDEAEKLFNQDVDAAVRGILR
NAKLKPVYDSLDAVRRCALINMVFQMGETGVAGFTNSLRMLQQKRWDEAAVNLAKSRWYNQTPNRAKRVITTFRTGTWDA
YKNL
;
_struct_ref.pdbx_align_begin           1 
_struct_ref.pdbx_db_isoform            ? 
# 
_struct_ref_seq.align_id                      1 
_struct_ref_seq.ref_id                        1 
_struct_ref_seq.pdbx_PDB_id_code              3DKE 
_struct_ref_seq.pdbx_strand_id                X 
_struct_ref_seq.seq_align_beg                 1 
_struct_ref_seq.pdbx_seq_align_beg_ins_code   ? 
_struct_ref_seq.seq_align_end                 164 
_struct_ref_seq.pdbx_seq_align_end_ins_code   ? 
_struct_ref_seq.pdbx_db_accession             P00720 
_struct_ref_seq.db_align_beg                  1 
_struct_ref_seq.pdbx_db_align_beg_ins_code    ? 
_struct_ref_seq.db_align_end                  164 
_struct_ref_seq.pdbx_db_align_end_ins_code    ? 
_struct_ref_seq.pdbx_auth_seq_align_beg       1 
_struct_ref_seq.pdbx_auth_seq_align_end       164 
# 
loop_
_struct_ref_seq_dif.align_id 
_struct_ref_seq_dif.pdbx_pdb_id_code 
_struct_ref_seq_dif.mon_id 
_struct_ref_seq_dif.pdbx_pdb_strand_id 
_struct_ref_seq_dif.seq_num 
_struct_ref_seq_dif.pdbx_pdb_ins_code 
_struct_ref_seq_dif.pdbx_seq_db_name 
_struct_ref_seq_dif.pdbx_seq_db_accession_code 
_struct_ref_seq_dif.db_mon_id 
_struct_ref_seq_dif.pdbx_seq_db_seq_num 
_struct_ref_seq_dif.details 
_struct_ref_seq_dif.pdbx_auth_seq_num 
_struct_ref_seq_dif.pdbx_ordinal 
1 3DKE THR X 54  ? UNP P00720 CYS 54  'engineered mutation' 54  1 
1 3DKE ALA X 97  ? UNP P00720 CYS 97  'engineered mutation' 97  2 
1 3DKE ALA X 99  ? UNP P00720 LEU 99  'engineered mutation' 99  3 
1 3DKE LEU X 102 ? UNP P00720 MET 102 'engineered mutation' 102 4 
# 
loop_
_chem_comp.id 
_chem_comp.type 
_chem_comp.mon_nstd_flag 
_chem_comp.name 
_chem_comp.pdbx_synonyms 
_chem_comp.formula 
_chem_comp.formula_weight 
ALA 'L-peptide linking' y ALANINE                                               ?                               'C3 H7 N O2'     
89.093  
ARG 'L-peptide linking' y ARGININE                                              ?                               'C6 H15 N4 O2 1' 
175.209 
ASN 'L-peptide linking' y ASPARAGINE                                            ?                               'C4 H8 N2 O3'    
132.118 
ASP 'L-peptide linking' y 'ASPARTIC ACID'                                       ?                               'C4 H7 N O4'     
133.103 
AZI non-polymer         . 'AZIDE ION'                                           ?                               'N3 -1'          
42.020  
BME non-polymer         . BETA-MERCAPTOETHANOL                                  ?                               'C2 H6 O S'      
78.133  
CL  non-polymer         . 'CHLORIDE ION'                                        ?                               'Cl -1'          
35.453  
CYS 'L-peptide linking' y CYSTEINE                                              ?                               'C3 H7 N O2 S'   
121.158 
EPE non-polymer         . '4-(2-HYDROXYETHYL)-1-PIPERAZINE ETHANESULFONIC ACID' HEPES                           'C8 H18 N2 O4 S' 
238.305 
GLN 'L-peptide linking' y GLUTAMINE                                             ?                               'C5 H10 N2 O3'   
146.144 
GLU 'L-peptide linking' y 'GLUTAMIC ACID'                                       ?                               'C5 H9 N O4'     
147.129 
GLY 'peptide linking'   y GLYCINE                                               ?                               'C2 H5 N O2'     
75.067  
GOL non-polymer         . GLYCEROL                                              'GLYCERIN; PROPANE-1,2,3-TRIOL' 'C3 H8 O3'       
92.094  
HED non-polymer         . '2-HYDROXYETHYL DISULFIDE'                            ?                               'C4 H10 O2 S2'   
154.251 
HIS 'L-peptide linking' y HISTIDINE                                             ?                               'C6 H10 N3 O2 1' 
156.162 
HOH non-polymer         . WATER                                                 ?                               'H2 O'           
18.015  
ILE 'L-peptide linking' y ISOLEUCINE                                            ?                               'C6 H13 N O2'    
131.173 
K   non-polymer         . 'POTASSIUM ION'                                       ?                               'K 1'            
39.098  
LEU 'L-peptide linking' y LEUCINE                                               ?                               'C6 H13 N O2'    
131.173 
LYS 'L-peptide linking' y LYSINE                                                ?                               'C6 H15 N2 O2 1' 
147.195 
MET 'L-peptide linking' y METHIONINE                                            ?                               'C5 H11 N O2 S'  
149.211 
MSE 'L-peptide linking' n SELENOMETHIONINE                                      ?                               'C5 H11 N O2 Se' 
196.106 
PHE 'L-peptide linking' y PHENYLALANINE                                         ?                               'C9 H11 N O2'    
165.189 
PRO 'L-peptide linking' y PROLINE                                               ?                               'C5 H9 N O2'     
115.130 
SER 'L-peptide linking' y SERINE                                                ?                               'C3 H7 N O3'     
105.093 
THR 'L-peptide linking' y THREONINE                                             ?                               'C4 H9 N O3'     
119.119 
TRP 'L-peptide linking' y TRYPTOPHAN                                            ?                               'C11 H12 N2 O2'  
204.225 
TYR 'L-peptide linking' y TYROSINE                                              ?                               'C9 H11 N O3'    
181.189 
VAL 'L-peptide linking' y VALINE                                                ?                               'C5 H11 N O2'    
117.146 
# 
_exptl.entry_id          3DKE 
_exptl.method            'X-RAY DIFFRACTION' 
_exptl.crystals_number   1 
# 
_exptl_crystal.id                    1 
_exptl_crystal.density_meas          ? 
_exptl_crystal.density_Matthews      2.70 
_exptl_crystal.density_percent_sol   54.42 
_exptl_crystal.description           ? 
_exptl_crystal.F_000                 ? 
_exptl_crystal.preparation           ? 
# 
_exptl_crystal_grow.crystal_id      1 
_exptl_crystal_grow.method          'VAPOR DIFFUSION, HANGING DROP' 
_exptl_crystal_grow.temp            277 
_exptl_crystal_grow.temp_details    ? 
_exptl_crystal_grow.pH              6.9 
_exptl_crystal_grow.pdbx_details    
'2.0-2.2 M NaH2PO4 and K2HPO4, pH 6.9, 5mM BME, 5mM oxidized BME, VAPOR DIFFUSION, HANGING DROP, temperature 277K' 
_exptl_crystal_grow.pdbx_pH_range   . 
# 
_diffrn.id                     1 
_diffrn.ambient_temp           100 
_diffrn.ambient_temp_details   ? 
_diffrn.crystal_id             1 
# 
_diffrn_detector.diffrn_id              1 
_diffrn_detector.detector               CCD 
_diffrn_detector.type                   'ADSC QUANTUM 315' 
_diffrn_detector.pdbx_collection_date   2007-01-25 
_diffrn_detector.details                ? 
# 
_diffrn_radiation.diffrn_id                        1 
_diffrn_radiation.wavelength_id                    1 
_diffrn_radiation.pdbx_monochromatic_or_laue_m_l   M 
_diffrn_radiation.monochromator                    'Si 111 CHANNEL' 
_diffrn_radiation.pdbx_diffrn_protocol             MAD 
_diffrn_radiation.pdbx_scattering_type             x-ray 
# 
loop_
_diffrn_radiation_wavelength.id 
_diffrn_radiation_wavelength.wavelength 
_diffrn_radiation_wavelength.wt 
1 0.9796 1.0 
2 0.9797 1.0 
3 0.9742 1.0 
4 0.9807 1.0 
# 
_diffrn_source.diffrn_id                   1 
_diffrn_source.source                      SYNCHROTRON 
_diffrn_source.type                        'ALS BEAMLINE 8.2.1' 
_diffrn_source.pdbx_synchrotron_site       ALS 
_diffrn_source.pdbx_synchrotron_beamline   8.2.1 
_diffrn_source.pdbx_wavelength             ? 
_diffrn_source.pdbx_wavelength_list        0.9796,0.9797,0.9742,0.9807 
# 
_reflns.entry_id                     3DKE 
_reflns.observed_criterion_sigma_F   0.0 
_reflns.observed_criterion_sigma_I   2.0 
_reflns.d_resolution_high            1.25 
_reflns.d_resolution_low             52.2 
_reflns.number_all                   ? 
_reflns.number_obs                   56299 
_reflns.percent_possible_obs         99.9 
_reflns.pdbx_Rmerge_I_obs            0.115 
_reflns.pdbx_Rsym_value              ? 
_reflns.pdbx_netI_over_sigmaI        23.2 
_reflns.B_iso_Wilson_estimate        11.6 
_reflns.pdbx_redundancy              9.6 
_reflns.R_free_details               ? 
_reflns.limit_h_max                  ? 
_reflns.limit_h_min                  ? 
_reflns.limit_k_max                  ? 
_reflns.limit_k_min                  ? 
_reflns.limit_l_max                  ? 
_reflns.limit_l_min                  ? 
_reflns.observed_criterion_F_max     ? 
_reflns.observed_criterion_F_min     ? 
_reflns.pdbx_chi_squared             ? 
_reflns.pdbx_scaling_rejects         ? 
_reflns.pdbx_ordinal                 1 
_reflns.pdbx_diffrn_id               1 
# 
_reflns_shell.d_res_high             1.25 
_reflns_shell.d_res_low              1.27 
_reflns_shell.percent_possible_all   100 
_reflns_shell.Rmerge_I_obs           0.214 
_reflns_shell.pdbx_Rsym_value        ? 
_reflns_shell.meanI_over_sigI_obs    13.9 
_reflns_shell.pdbx_redundancy        7.1 
_reflns_shell.percent_possible_obs   ? 
_reflns_shell.number_unique_all      2753 
_reflns_shell.number_measured_all    ? 
_reflns_shell.number_measured_obs    ? 
_reflns_shell.number_unique_obs      ? 
_reflns_shell.pdbx_chi_squared       ? 
_reflns_shell.pdbx_ordinal           1 
_reflns_shell.pdbx_diffrn_id         1 
# 
_refine.entry_id                                 3DKE 
_refine.ls_number_reflns_obs                     53423 
_refine.ls_number_reflns_all                     ? 
_refine.pdbx_ls_sigma_I                          ? 
_refine.pdbx_ls_sigma_F                          ? 
_refine.pdbx_data_cutoff_high_absF               ? 
_refine.pdbx_data_cutoff_low_absF                ? 
_refine.pdbx_data_cutoff_high_rms_absF           ? 
_refine.ls_d_res_low                             52.13 
_refine.ls_d_res_high                            1.25 
_refine.ls_percent_reflns_obs                    99.81 
_refine.ls_R_factor_obs                          0.15626 
_refine.ls_R_factor_all                          ? 
_refine.ls_R_factor_R_work                       0.15538 
_refine.ls_R_factor_R_free                       0.17281 
_refine.ls_R_factor_R_free_error                 ? 
_refine.ls_R_factor_R_free_error_details         ? 
_refine.ls_percent_reflns_R_free                 5.1 
_refine.ls_number_reflns_R_free                  2851 
_refine.ls_number_parameters                     ? 
_refine.ls_number_restraints                     ? 
_refine.occupancy_min                            ? 
_refine.occupancy_max                            ? 
_refine.correlation_coeff_Fo_to_Fc               0.968 
_refine.correlation_coeff_Fo_to_Fc_free          0.960 
_refine.B_iso_mean                               14.834 
_refine.aniso_B[1][1]                            -0.60 
_refine.aniso_B[2][2]                            -0.60 
_refine.aniso_B[3][3]                            0.90 
_refine.aniso_B[1][2]                            -0.30 
_refine.aniso_B[1][3]                            0.00 
_refine.aniso_B[2][3]                            0.00 
_refine.solvent_model_details                    MASK 
_refine.solvent_model_param_ksol                 ? 
_refine.solvent_model_param_bsol                 ? 
_refine.pdbx_solvent_vdw_probe_radii             1.20 
_refine.pdbx_solvent_ion_probe_radii             0.80 
_refine.pdbx_solvent_shrinkage_radii             0.80 
_refine.pdbx_ls_cross_valid_method               THROUGHOUT 
_refine.details                                  'HYDROGENS HAVE BEEN ADDED IN THE RIDING POSITIONS' 
_refine.pdbx_starting_model                      ? 
_refine.pdbx_method_to_determine_struct          MAD 
_refine.pdbx_isotropic_thermal_model             ? 
_refine.pdbx_stereochemistry_target_values       'MAXIMUM LIKELIHOOD' 
_refine.pdbx_stereochem_target_val_spec_case     ? 
_refine.pdbx_R_Free_selection_details            RANDOM 
_refine.pdbx_overall_ESU_R                       0.041 
_refine.pdbx_overall_ESU_R_Free                  0.039 
_refine.overall_SU_ML                            0.019 
_refine.overall_SU_B                             0.915 
_refine.ls_redundancy_reflns_obs                 ? 
_refine.B_iso_min                                ? 
_refine.B_iso_max                                ? 
_refine.overall_SU_R_Cruickshank_DPI             ? 
_refine.overall_SU_R_free                        ? 
_refine.ls_wR_factor_R_free                      ? 
_refine.ls_wR_factor_R_work                      ? 
_refine.overall_FOM_free_R_set                   ? 
_refine.overall_FOM_work_R_set                   ? 
_refine.pdbx_overall_phase_error                 ? 
_refine.pdbx_refine_id                           'X-RAY DIFFRACTION' 
_refine.pdbx_TLS_residual_ADP_flag               'LIKELY RESIDUAL' 
_refine.pdbx_diffrn_id                           1 
_refine.pdbx_overall_SU_R_free_Cruickshank_DPI   ? 
_refine.pdbx_overall_SU_R_Blow_DPI               ? 
_refine.pdbx_overall_SU_R_free_Blow_DPI          ? 
# 
_refine_hist.pdbx_refine_id                   'X-RAY DIFFRACTION' 
_refine_hist.cycle_id                         LAST 
_refine_hist.pdbx_number_atoms_protein        1305 
_refine_hist.pdbx_number_atoms_nucleic_acid   0 
_refine_hist.pdbx_number_atoms_ligand         57 
_refine_hist.number_atoms_solvent             256 
_refine_hist.number_atoms_total               1618 
_refine_hist.d_res_high                       1.25 
_refine_hist.d_res_low                        52.13 
# 
loop_
_refine_ls_restr.type 
_refine_ls_restr.dev_ideal 
_refine_ls_restr.dev_ideal_target 
_refine_ls_restr.weight 
_refine_ls_restr.number 
_refine_ls_restr.pdbx_refine_id 
_refine_ls_restr.pdbx_restraint_function 
r_bond_refined_d             0.007  0.022  ? 1405 'X-RAY DIFFRACTION' ? 
r_bond_other_d               ?      ?      ? ?    'X-RAY DIFFRACTION' ? 
r_angle_refined_deg          1.142  1.979  ? 1883 'X-RAY DIFFRACTION' ? 
r_angle_other_deg            ?      ?      ? ?    'X-RAY DIFFRACTION' ? 
r_dihedral_angle_1_deg       4.551  5.000  ? 172  'X-RAY DIFFRACTION' ? 
r_dihedral_angle_2_deg       30.990 23.594 ? 64   'X-RAY DIFFRACTION' ? 
r_dihedral_angle_3_deg       9.729  15.000 ? 255  'X-RAY DIFFRACTION' ? 
r_dihedral_angle_4_deg       12.380 15.000 ? 13   'X-RAY DIFFRACTION' ? 
r_chiral_restr               0.069  0.200  ? 206  'X-RAY DIFFRACTION' ? 
r_gen_planes_refined         0.004  0.020  ? 1016 'X-RAY DIFFRACTION' ? 
r_gen_planes_other           ?      ?      ? ?    'X-RAY DIFFRACTION' ? 
r_nbd_refined                0.202  0.200  ? 722  'X-RAY DIFFRACTION' ? 
r_nbd_other                  ?      ?      ? ?    'X-RAY DIFFRACTION' ? 
r_nbtor_refined              0.306  0.200  ? 974  'X-RAY DIFFRACTION' ? 
r_nbtor_other                ?      ?      ? ?    'X-RAY DIFFRACTION' ? 
r_xyhbond_nbd_refined        0.121  0.200  ? 191  'X-RAY DIFFRACTION' ? 
r_xyhbond_nbd_other          ?      ?      ? ?    'X-RAY DIFFRACTION' ? 
r_metal_ion_refined          0.052  0.200  ? 3    'X-RAY DIFFRACTION' ? 
r_metal_ion_other            ?      ?      ? ?    'X-RAY DIFFRACTION' ? 
r_symmetry_vdw_refined       0.196  0.200  ? 65   'X-RAY DIFFRACTION' ? 
r_symmetry_vdw_other         ?      ?      ? ?    'X-RAY DIFFRACTION' ? 
r_symmetry_hbond_refined     0.188  0.200  ? 41   'X-RAY DIFFRACTION' ? 
r_symmetry_hbond_other       ?      ?      ? ?    'X-RAY DIFFRACTION' ? 
r_symmetry_metal_ion_refined ?      ?      ? ?    'X-RAY DIFFRACTION' ? 
r_symmetry_metal_ion_other   ?      ?      ? ?    'X-RAY DIFFRACTION' ? 
r_mcbond_it                  0.671  1.500  ? 831  'X-RAY DIFFRACTION' ? 
r_mcbond_other               ?      ?      ? ?    'X-RAY DIFFRACTION' ? 
r_mcangle_it                 1.152  2.000  ? 1337 'X-RAY DIFFRACTION' ? 
r_scbond_it                  2.393  3.000  ? 580  'X-RAY DIFFRACTION' ? 
r_scangle_it                 3.414  4.500  ? 543  'X-RAY DIFFRACTION' ? 
r_rigid_bond_restr           ?      ?      ? ?    'X-RAY DIFFRACTION' ? 
r_sphericity_free            ?      ?      ? ?    'X-RAY DIFFRACTION' ? 
r_sphericity_bonded          ?      ?      ? ?    'X-RAY DIFFRACTION' ? 
# 
_refine_ls_shell.pdbx_total_number_of_bins_used   20 
_refine_ls_shell.d_res_high                       1.25 
_refine_ls_shell.d_res_low                        1.286 
_refine_ls_shell.number_reflns_R_work             3840 
_refine_ls_shell.R_factor_R_work                  0.169 
_refine_ls_shell.percent_reflns_obs               98.42 
_refine_ls_shell.R_factor_R_free                  0.204 
_refine_ls_shell.R_factor_R_free_error            ? 
_refine_ls_shell.percent_reflns_R_free            ? 
_refine_ls_shell.number_reflns_R_free             209 
_refine_ls_shell.number_reflns_all                ? 
_refine_ls_shell.R_factor_all                     ? 
_refine_ls_shell.number_reflns_obs                ? 
_refine_ls_shell.redundancy_reflns_obs            ? 
_refine_ls_shell.pdbx_refine_id                   'X-RAY DIFFRACTION' 
# 
_struct.entry_id                  3DKE 
_struct.title                     'Polar and non-polar cavities in phage T4 lysozyme' 
_struct.pdbx_model_details        ? 
_struct.pdbx_CASP_flag            ? 
_struct.pdbx_model_type_details   ? 
# 
_struct_keywords.entry_id        3DKE 
_struct_keywords.pdbx_keywords   HYDROLASE 
_struct_keywords.text            
'T4 lysozyme, cavity, experimental phases, Antimicrobial, Bacteriolytic enzyme, Glycosidase, Hydrolase' 
# 
loop_
_struct_asym.id 
_struct_asym.pdbx_blank_PDB_chainid_flag 
_struct_asym.pdbx_modified 
_struct_asym.entity_id 
_struct_asym.details 
A N N 1 ? 
B N N 2 ? 
C N N 3 ? 
D N N 3 ? 
E N N 4 ? 
F N N 5 ? 
G N N 6 ? 
H N N 6 ? 
I N N 7 ? 
J N N 7 ? 
K N N 8 ? 
L N N 8 ? 
M N N 9 ? 
# 
loop_
_struct_conf.conf_type_id 
_struct_conf.id 
_struct_conf.pdbx_PDB_helix_id 
_struct_conf.beg_label_comp_id 
_struct_conf.beg_label_asym_id 
_struct_conf.beg_label_seq_id 
_struct_conf.pdbx_beg_PDB_ins_code 
_struct_conf.end_label_comp_id 
_struct_conf.end_label_asym_id 
_struct_conf.end_label_seq_id 
_struct_conf.pdbx_end_PDB_ins_code 
_struct_conf.beg_auth_comp_id 
_struct_conf.beg_auth_asym_id 
_struct_conf.beg_auth_seq_id 
_struct_conf.end_auth_comp_id 
_struct_conf.end_auth_asym_id 
_struct_conf.end_auth_seq_id 
_struct_conf.pdbx_PDB_helix_class 
_struct_conf.details 
_struct_conf.pdbx_PDB_helix_length 
HELX_P HELX_P1  1  ASN A 2   ? GLY A 12  ? ASN X 2   GLY X 12  1 ? 11 
HELX_P HELX_P2  2  SER A 38  ? GLY A 51  ? SER X 38  GLY X 51  1 ? 14 
HELX_P HELX_P3  3  THR A 59  ? ASN A 81  ? THR X 59  ASN X 81  1 ? 23 
HELX_P HELX_P4  4  LYS A 83  ? LEU A 91  ? LYS X 83  LEU X 91  1 ? 9  
HELX_P HELX_P5  5  ASP A 92  ? GLY A 107 ? ASP X 92  GLY X 107 1 ? 16 
HELX_P HELX_P6  6  GLU A 108 ? GLY A 110 ? GLU X 108 GLY X 110 5 ? 3  
HELX_P HELX_P7  7  VAL A 111 ? GLY A 113 ? VAL X 111 GLY X 113 5 ? 3  
HELX_P HELX_P8  8  PHE A 114 ? GLN A 123 ? PHE X 114 GLN X 123 1 ? 10 
HELX_P HELX_P9  9  ARG A 125 ? LYS A 135 ? ARG X 125 LYS X 135 1 ? 11 
HELX_P HELX_P10 10 SER A 136 ? THR A 142 ? SER X 136 THR X 142 1 ? 7  
HELX_P HELX_P11 11 THR A 142 ? GLY A 156 ? THR X 142 GLY X 156 1 ? 15 
# 
_struct_conf_type.id          HELX_P 
_struct_conf_type.criteria    ? 
_struct_conf_type.reference   ? 
# 
loop_
_struct_conn.id 
_struct_conn.conn_type_id 
_struct_conn.pdbx_leaving_atom_flag 
_struct_conn.pdbx_PDB_id 
_struct_conn.ptnr1_label_asym_id 
_struct_conn.ptnr1_label_comp_id 
_struct_conn.ptnr1_label_seq_id 
_struct_conn.ptnr1_label_atom_id 
_struct_conn.pdbx_ptnr1_label_alt_id 
_struct_conn.pdbx_ptnr1_PDB_ins_code 
_struct_conn.pdbx_ptnr1_standard_comp_id 
_struct_conn.ptnr1_symmetry 
_struct_conn.ptnr2_label_asym_id 
_struct_conn.ptnr2_label_comp_id 
_struct_conn.ptnr2_label_seq_id 
_struct_conn.ptnr2_label_atom_id 
_struct_conn.pdbx_ptnr2_label_alt_id 
_struct_conn.pdbx_ptnr2_PDB_ins_code 
_struct_conn.ptnr1_auth_asym_id 
_struct_conn.ptnr1_auth_comp_id 
_struct_conn.ptnr1_auth_seq_id 
_struct_conn.ptnr2_auth_asym_id 
_struct_conn.ptnr2_auth_comp_id 
_struct_conn.ptnr2_auth_seq_id 
_struct_conn.ptnr2_symmetry 
_struct_conn.pdbx_ptnr3_label_atom_id 
_struct_conn.pdbx_ptnr3_label_seq_id 
_struct_conn.pdbx_ptnr3_label_comp_id 
_struct_conn.pdbx_ptnr3_label_asym_id 
_struct_conn.pdbx_ptnr3_label_alt_id 
_struct_conn.pdbx_ptnr3_PDB_ins_code 
_struct_conn.details 
_struct_conn.pdbx_dist_value 
_struct_conn.pdbx_value_order 
_struct_conn.pdbx_role 
covale1 covale both ? A MSE 1   C  A ? ? 1_555 A ASN 2   N ? ? X MSE 1   X ASN 2    1_555 ? ? ? ? ? ? ? 1.329 ? ? 
covale2 covale both ? A MSE 1   C  B ? ? 1_555 A ASN 2   N ? ? X MSE 1   X ASN 2    1_555 ? ? ? ? ? ? ? 1.332 ? ? 
covale3 covale both ? A GLU 5   C  ? ? ? 1_555 A MSE 6   N ? ? X GLU 5   X MSE 6    1_555 ? ? ? ? ? ? ? 1.332 ? ? 
covale4 covale both ? A MSE 6   C  ? ? ? 1_555 A LEU 7   N ? ? X MSE 6   X LEU 7    1_555 ? ? ? ? ? ? ? 1.331 ? ? 
covale5 covale both ? A GLN 105 C  ? ? ? 1_555 A MSE 106 N ? ? X GLN 105 X MSE 106  1_555 ? ? ? ? ? ? ? 1.331 ? ? 
covale6 covale both ? A MSE 106 C  ? ? ? 1_555 A GLY 107 N ? ? X MSE 106 X GLY 107  1_555 ? ? ? ? ? ? ? 1.332 ? ? 
covale7 covale both ? A ARG 119 C  ? ? ? 1_555 A MSE 120 N ? ? X ARG 119 X MSE 120  1_555 ? ? ? ? ? ? ? 1.333 ? ? 
covale8 covale both ? A MSE 120 C  ? ? ? 1_555 A LEU 121 N ? ? X MSE 120 X LEU 121  1_555 ? ? ? ? ? ? ? 1.332 ? ? 
metalc1 metalc ?    ? A GLU 11  O  ? ? ? 1_555 B K   .   K ? ? X GLU 11  X K   601  1_555 ? ? ? ? ? ? ? 2.873 ? ? 
metalc2 metalc ?    ? A TYR 18  OH ? ? ? 1_555 B K   .   K ? ? X TYR 18  X K   601  1_555 ? ? ? ? ? ? ? 2.757 ? ? 
metalc3 metalc ?    ? B K   .   K  ? ? ? 1_555 M HOH .   O ? ? X K   601 X HOH 906  1_555 ? ? ? ? ? ? ? 2.826 ? ? 
metalc4 metalc ?    ? B K   .   K  ? ? ? 1_555 M HOH .   O ? ? X K   601 X HOH 947  1_555 ? ? ? ? ? ? ? 2.716 ? ? 
metalc5 metalc ?    ? B K   .   K  ? ? ? 1_555 M HOH .   O ? ? X K   601 X HOH 956  1_555 ? ? ? ? ? ? ? 2.752 ? ? 
metalc6 metalc ?    ? B K   .   K  ? ? ? 1_555 M HOH .   O ? ? X K   601 X HOH 1045 1_555 ? ? ? ? ? ? ? 2.884 ? ? 
# 
loop_
_struct_conn_type.id 
_struct_conn_type.criteria 
_struct_conn_type.reference 
covale ? ? 
metalc ? ? 
# 
_struct_sheet.id               A 
_struct_sheet.type             ? 
_struct_sheet.number_strands   3 
_struct_sheet.details          ? 
# 
loop_
_struct_sheet_order.sheet_id 
_struct_sheet_order.range_id_1 
_struct_sheet_order.range_id_2 
_struct_sheet_order.offset 
_struct_sheet_order.sense 
A 1 2 ? anti-parallel 
A 2 3 ? anti-parallel 
# 
loop_
_struct_sheet_range.sheet_id 
_struct_sheet_range.id 
_struct_sheet_range.beg_label_comp_id 
_struct_sheet_range.beg_label_asym_id 
_struct_sheet_range.beg_label_seq_id 
_struct_sheet_range.pdbx_beg_PDB_ins_code 
_struct_sheet_range.end_label_comp_id 
_struct_sheet_range.end_label_asym_id 
_struct_sheet_range.end_label_seq_id 
_struct_sheet_range.pdbx_end_PDB_ins_code 
_struct_sheet_range.beg_auth_comp_id 
_struct_sheet_range.beg_auth_asym_id 
_struct_sheet_range.beg_auth_seq_id 
_struct_sheet_range.end_auth_comp_id 
_struct_sheet_range.end_auth_asym_id 
_struct_sheet_range.end_auth_seq_id 
A 1 ARG A 14 ? LYS A 19 ? ARG X 14 LYS X 19 
A 2 TYR A 25 ? GLY A 28 ? TYR X 25 GLY X 28 
A 3 HIS A 31 ? LEU A 32 ? HIS X 31 LEU X 32 
# 
loop_
_pdbx_struct_sheet_hbond.sheet_id 
_pdbx_struct_sheet_hbond.range_id_1 
_pdbx_struct_sheet_hbond.range_id_2 
_pdbx_struct_sheet_hbond.range_1_label_atom_id 
_pdbx_struct_sheet_hbond.range_1_label_comp_id 
_pdbx_struct_sheet_hbond.range_1_label_asym_id 
_pdbx_struct_sheet_hbond.range_1_label_seq_id 
_pdbx_struct_sheet_hbond.range_1_PDB_ins_code 
_pdbx_struct_sheet_hbond.range_1_auth_atom_id 
_pdbx_struct_sheet_hbond.range_1_auth_comp_id 
_pdbx_struct_sheet_hbond.range_1_auth_asym_id 
_pdbx_struct_sheet_hbond.range_1_auth_seq_id 
_pdbx_struct_sheet_hbond.range_2_label_atom_id 
_pdbx_struct_sheet_hbond.range_2_label_comp_id 
_pdbx_struct_sheet_hbond.range_2_label_asym_id 
_pdbx_struct_sheet_hbond.range_2_label_seq_id 
_pdbx_struct_sheet_hbond.range_2_PDB_ins_code 
_pdbx_struct_sheet_hbond.range_2_auth_atom_id 
_pdbx_struct_sheet_hbond.range_2_auth_comp_id 
_pdbx_struct_sheet_hbond.range_2_auth_asym_id 
_pdbx_struct_sheet_hbond.range_2_auth_seq_id 
A 1 2 N TYR A 18 ? N TYR X 18 O THR A 26 ? O THR X 26 
A 2 3 N ILE A 27 ? N ILE X 27 O HIS A 31 ? O HIS X 31 
# 
loop_
_struct_site.id 
_struct_site.pdbx_evidence_code 
_struct_site.pdbx_auth_asym_id 
_struct_site.pdbx_auth_comp_id 
_struct_site.pdbx_auth_seq_id 
_struct_site.pdbx_auth_ins_code 
_struct_site.pdbx_num_residues 
_struct_site.details 
AC1 Software X K   601 ? 6  'BINDING SITE FOR RESIDUE K X 601'   
AC2 Software X CL  701 ? 6  'BINDING SITE FOR RESIDUE CL X 701'  
AC3 Software X CL  702 ? 3  'BINDING SITE FOR RESIDUE CL X 702'  
AC4 Software X AZI 401 ? 7  'BINDING SITE FOR RESIDUE AZI X 401' 
AC5 Software X EPE 901 ? 13 'BINDING SITE FOR RESIDUE EPE X 901' 
AC6 Software X BME 805 ? 5  'BINDING SITE FOR RESIDUE BME X 805' 
AC7 Software X BME 806 ? 7  'BINDING SITE FOR RESIDUE BME X 806' 
AC8 Software X HED 801 ? 5  'BINDING SITE FOR RESIDUE HED X 801' 
AC9 Software X HED 802 ? 9  'BINDING SITE FOR RESIDUE HED X 802' 
BC1 Software X GOL 501 ? 6  'BINDING SITE FOR RESIDUE GOL X 501' 
BC2 Software X GOL 502 ? 3  'BINDING SITE FOR RESIDUE GOL X 502' 
# 
loop_
_struct_site_gen.id 
_struct_site_gen.site_id 
_struct_site_gen.pdbx_num_res 
_struct_site_gen.label_comp_id 
_struct_site_gen.label_asym_id 
_struct_site_gen.label_seq_id 
_struct_site_gen.pdbx_auth_ins_code 
_struct_site_gen.auth_comp_id 
_struct_site_gen.auth_asym_id 
_struct_site_gen.auth_seq_id 
_struct_site_gen.label_atom_id 
_struct_site_gen.label_alt_id 
_struct_site_gen.symmetry 
_struct_site_gen.details 
1  AC1 6  GLU A 11  ? GLU X 11   . ? 1_555 ? 
2  AC1 6  TYR A 18  ? TYR X 18   . ? 1_555 ? 
3  AC1 6  HOH M .   ? HOH X 906  . ? 1_555 ? 
4  AC1 6  HOH M .   ? HOH X 947  . ? 1_555 ? 
5  AC1 6  HOH M .   ? HOH X 956  . ? 1_555 ? 
6  AC1 6  HOH M .   ? HOH X 1045 . ? 1_555 ? 
7  AC2 6  LYS A 124 ? LYS X 124  . ? 4_655 ? 
8  AC2 6  THR A 142 ? THR X 142  . ? 1_555 ? 
9  AC2 6  ASN A 144 ? ASN X 144  . ? 1_555 ? 
10 AC2 6  ARG A 145 ? ARG X 145  . ? 1_555 ? 
11 AC2 6  HOH M .   ? HOH X 941  . ? 1_555 ? 
12 AC2 6  HOH M .   ? HOH X 1042 . ? 1_555 ? 
13 AC3 3  ASN A 132 ? ASN X 132  . ? 1_555 ? 
14 AC3 3  LYS A 135 ? LYS X 135  . ? 1_555 ? 
15 AC3 3  HOH M .   ? HOH X 910  . ? 1_555 ? 
16 AC4 7  LYS A 19  ? LYS X 19   . ? 1_555 ? 
17 AC4 7  ARG A 125 ? ARG X 125  . ? 4_655 ? 
18 AC4 7  TRP A 126 ? TRP X 126  . ? 4_655 ? 
19 AC4 7  ASP A 127 ? ASP X 127  . ? 4_655 ? 
20 AC4 7  GLU A 128 ? GLU X 128  . ? 4_655 ? 
21 AC4 7  HOH M .   ? HOH X 924  . ? 4_655 ? 
22 AC4 7  HOH M .   ? HOH X 935  . ? 1_555 ? 
23 AC5 13 ASP A 47  ? ASP X 47   . ? 2_654 ? 
24 AC5 13 LYS A 48  ? LYS X 48   . ? 2_654 ? 
25 AC5 13 GLY A 51  ? GLY X 51   . ? 2_654 ? 
26 AC5 13 ASN A 53  ? ASN X 53   . ? 2_654 ? 
27 AC5 13 GLY A 110 ? GLY X 110  . ? 1_555 ? 
28 AC5 13 ALA A 112 ? ALA X 112  . ? 1_555 ? 
29 AC5 13 GLY A 113 ? GLY X 113  . ? 1_555 ? 
30 AC5 13 PHE A 114 ? PHE X 114  . ? 1_555 ? 
31 AC5 13 SER A 136 ? SER X 136  . ? 1_555 ? 
32 AC5 13 ARG A 137 ? ARG X 137  . ? 1_555 ? 
33 AC5 13 TRP A 138 ? TRP X 138  . ? 1_555 ? 
34 AC5 13 HOH M .   ? HOH X 1025 . ? 2_654 ? 
35 AC5 13 HOH M .   ? HOH X 1105 . ? 1_555 ? 
36 AC6 5  THR A 34  ? THR X 34   . ? 1_555 ? 
37 AC6 5  SER A 36  ? SER X 36   . ? 1_555 ? 
38 AC6 5  GLU A 45  ? GLU X 45   . ? 1_555 ? 
39 AC6 5  ASN A 116 ? ASN X 116  . ? 3_665 ? 
40 AC6 5  HOH M .   ? HOH X 1098 . ? 1_555 ? 
41 AC7 7  GLN A 69  ? GLN X 69   . ? 1_555 ? 
42 AC7 7  ASP A 72  ? ASP X 72   . ? 1_555 ? 
43 AC7 7  ARG A 96  ? ARG X 96   . ? 5_555 ? 
44 AC7 7  ASN A 140 ? ASN X 140  . ? 3_665 ? 
45 AC7 7  HOH M .   ? HOH X 960  . ? 3_665 ? 
46 AC7 7  HOH M .   ? HOH X 1027 . ? 1_555 ? 
47 AC7 7  HOH M .   ? HOH X 1121 . ? 1_555 ? 
48 AC8 5  ASN A 81  ? ASN X 81   . ? 1_555 ? 
49 AC8 5  LYS A 83  ? LYS X 83   . ? 1_555 ? 
50 AC8 5  THR A 115 ? THR X 115  . ? 1_555 ? 
51 AC8 5  LEU A 118 ? LEU X 118  . ? 1_555 ? 
52 AC8 5  HOH M .   ? HOH X 1147 . ? 1_555 ? 
53 AC9 9  GLU A 22  ? GLU X 22   . ? 1_555 ? 
54 AC9 9  LYS A 35  ? LYS X 35   . ? 1_555 ? 
55 AC9 9  GLN A 105 ? GLN X 105  . ? 1_555 ? 
56 AC9 9  THR A 109 ? THR X 109  . ? 1_555 ? 
57 AC9 9  ARG A 137 ? ARG X 137  . ? 1_555 ? 
58 AC9 9  HOH M .   ? HOH X 919  . ? 1_555 ? 
59 AC9 9  HOH M .   ? HOH X 985  . ? 1_555 ? 
60 AC9 9  HOH M .   ? HOH X 1067 . ? 1_555 ? 
61 AC9 9  HOH M .   ? HOH X 1105 . ? 1_555 ? 
62 BC1 6  GLY A 30  ? GLY X 30   . ? 1_555 ? 
63 BC1 6  LEU A 32  ? LEU X 32   . ? 1_555 ? 
64 BC1 6  ASP A 70  ? ASP X 70   . ? 1_555 ? 
65 BC1 6  PHE A 104 ? PHE X 104  . ? 1_555 ? 
66 BC1 6  GLY A 107 ? GLY X 107  . ? 1_555 ? 
67 BC1 6  HOH M .   ? HOH X 1096 . ? 1_555 ? 
68 BC2 3  ASN A 68  ? ASN X 68   . ? 5_555 ? 
69 BC2 3  ASP A 72  ? ASP X 72   . ? 5_555 ? 
70 BC2 3  ILE A 100 ? ILE X 100  . ? 1_555 ? 
# 
_atom_sites.entry_id                    3DKE 
_atom_sites.fract_transf_matrix[1][1]   -0.01736877 
_atom_sites.fract_transf_matrix[1][2]   -0.00457226 
_atom_sites.fract_transf_matrix[1][3]   0.00670854 
_atom_sites.fract_transf_matrix[2][1]   -0.00174255 
_atom_sites.fract_transf_matrix[2][2]   -0.01282935 
_atom_sites.fract_transf_matrix[2][3]   0.01414126 
_atom_sites.fract_transf_matrix[3][1]   0.00069563 
_atom_sites.fract_transf_matrix[3][2]   0.00760089 
_atom_sites.fract_transf_matrix[3][3]   0.00698147 
_atom_sites.fract_transf_vector[1]      0.686987 
_atom_sites.fract_transf_vector[2]      0.221173 
_atom_sites.fract_transf_vector[3]      0.102282 
# 
loop_
_atom_type.symbol 
C  
CL 
K  
N  
O  
S  
SE 
# 
loop_
_atom_site.group_PDB 
_atom_site.id 
_atom_site.type_symbol 
_atom_site.label_atom_id 
_atom_site.label_alt_id 
_atom_site.label_comp_id 
_atom_site.label_asym_id 
_atom_site.label_entity_id 
_atom_site.label_seq_id 
_atom_site.pdbx_PDB_ins_code 
_atom_site.Cartn_x 
_atom_site.Cartn_y 
_atom_site.Cartn_z 
_atom_site.occupancy 
_atom_site.B_iso_or_equiv 
_atom_site.pdbx_formal_charge 
_atom_site.auth_seq_id 
_atom_site.auth_comp_id 
_atom_site.auth_asym_id 
_atom_site.auth_atom_id 
_atom_site.pdbx_PDB_model_num 
HETATM 1    N  N   A MSE A 1 1   ? -7.680  10.206  -11.332 0.52 12.49  ? 1    MSE X N   1 
HETATM 2    N  N   B MSE A 1 1   ? -7.523  10.029  -11.712 0.48 11.96  ? 1    MSE X N   1 
HETATM 3    C  CA  A MSE A 1 1   ? -7.015  9.142   -10.532 0.52 12.14  ? 1    MSE X CA  1 
HETATM 4    C  CA  B MSE A 1 1   ? -6.932  9.165   -10.655 0.48 11.35  ? 1    MSE X CA  1 
HETATM 5    C  C   A MSE A 1 1   ? -5.522  9.418   -10.328 0.52 11.26  ? 1    MSE X C   1 
HETATM 6    C  C   B MSE A 1 1   ? -5.520  9.612   -10.291 0.48 10.72  ? 1    MSE X C   1 
HETATM 7    O  O   A MSE A 1 1   ? -4.799  9.765   -11.265 0.52 11.41  ? 1    MSE X O   1 
HETATM 8    O  O   B MSE A 1 1   ? -4.853  10.288  -11.076 0.48 10.69  ? 1    MSE X O   1 
HETATM 9    C  CB  A MSE A 1 1   ? -7.246  7.777   -11.175 0.52 12.67  ? 1    MSE X CB  1 
HETATM 10   C  CB  B MSE A 1 1   ? -6.933  7.711   -11.117 0.48 11.68  ? 1    MSE X CB  1 
HETATM 11   C  CG  A MSE A 1 1   ? -6.895  6.600   -10.296 0.52 14.88  ? 1    MSE X CG  1 
HETATM 12   C  CG  B MSE A 1 1   ? -8.330  7.127   -11.269 0.48 13.01  ? 1    MSE X CG  1 
HETATM 13   SE SE  A MSE A 1 1   ? -7.907  6.354   -8.656  0.52 18.74  ? 1    MSE X SE  1 
HETATM 14   SE SE  B MSE A 1 1   ? -9.095  6.652   -9.548  0.48 17.68  ? 1    MSE X SE  1 
HETATM 15   C  CE  A MSE A 1 1   ? -9.731  6.513   -9.340  0.52 17.60  ? 1    MSE X CE  1 
HETATM 16   C  CE  B MSE A 1 1   ? -7.708  5.331   -9.160  0.48 12.29  ? 1    MSE X CE  1 
ATOM   17   N  N   . ASN A 1 2   ? -5.092  9.257   -9.081  1.00 10.45  ? 2    ASN X N   1 
ATOM   18   C  CA  . ASN A 1 2   ? -3.713  9.435   -8.643  1.00 9.87   ? 2    ASN X CA  1 
ATOM   19   C  C   . ASN A 1 2   ? -3.502  8.446   -7.493  1.00 9.73   ? 2    ASN X C   1 
ATOM   20   O  O   . ASN A 1 2   ? -4.445  7.771   -7.063  1.00 9.34   ? 2    ASN X O   1 
ATOM   21   C  CB  . ASN A 1 2   ? -3.444  10.895  -8.219  1.00 9.57   ? 2    ASN X CB  1 
ATOM   22   C  CG  . ASN A 1 2   ? -4.365  11.364  -7.109  1.00 8.84   ? 2    ASN X CG  1 
ATOM   23   O  OD1 . ASN A 1 2   ? -4.408  10.762  -6.036  1.00 8.79   ? 2    ASN X OD1 1 
ATOM   24   N  ND2 . ASN A 1 2   ? -5.106  12.444  -7.361  1.00 8.11   ? 2    ASN X ND2 1 
ATOM   25   N  N   . ILE A 1 3   ? -2.280  8.374   -6.982  1.00 9.50   ? 3    ILE X N   1 
ATOM   26   C  CA  . ILE A 1 3   ? -1.948  7.421   -5.931  1.00 9.60   ? 3    ILE X CA  1 
ATOM   27   C  C   . ILE A 1 3   ? -2.797  7.578   -4.665  1.00 8.74   ? 3    ILE X C   1 
ATOM   28   O  O   . ILE A 1 3   ? -3.141  6.576   -4.033  1.00 9.24   ? 3    ILE X O   1 
ATOM   29   C  CB  . ILE A 1 3   ? -0.426  7.448   -5.602  1.00 9.88   ? 3    ILE X CB  1 
ATOM   30   C  CG1 . ILE A 1 3   ? -0.057  6.387   -4.552  1.00 10.38  ? 3    ILE X CG1 1 
ATOM   31   C  CG2 . ILE A 1 3   ? 0.029   8.840   -5.152  1.00 10.23  ? 3    ILE X CG2 1 
ATOM   32   C  CD1 . ILE A 1 3   ? -0.420  4.935   -4.913  1.00 11.14  ? 3    ILE X CD1 1 
ATOM   33   N  N   . PHE A 1 4   ? -3.129  8.817   -4.287  1.00 8.29   ? 4    PHE X N   1 
ATOM   34   C  CA  . PHE A 1 4   ? -3.957  9.024   -3.095  1.00 8.49   ? 4    PHE X CA  1 
ATOM   35   C  C   . PHE A 1 4   ? -5.352  8.450   -3.296  1.00 8.61   ? 4    PHE X C   1 
ATOM   36   O  O   . PHE A 1 4   ? -5.856  7.730   -2.436  1.00 9.37   ? 4    PHE X O   1 
ATOM   37   C  CB  . PHE A 1 4   ? -4.008  10.499  -2.691  1.00 8.50   ? 4    PHE X CB  1 
ATOM   38   C  CG  . PHE A 1 4   ? -2.718  11.001  -2.136  1.00 8.40   ? 4    PHE X CG  1 
ATOM   39   C  CD1 . PHE A 1 4   ? -2.464  10.924  -0.777  1.00 10.08  ? 4    PHE X CD1 1 
ATOM   40   C  CD2 . PHE A 1 4   ? -1.746  11.532  -2.972  1.00 9.32   ? 4    PHE X CD2 1 
ATOM   41   C  CE1 . PHE A 1 4   ? -1.265  11.385  -0.257  1.00 11.48  ? 4    PHE X CE1 1 
ATOM   42   C  CE2 . PHE A 1 4   ? -0.543  11.995  -2.451  1.00 10.64  ? 4    PHE X CE2 1 
ATOM   43   C  CZ  . PHE A 1 4   ? -0.304  11.917  -1.093  1.00 10.81  ? 4    PHE X CZ  1 
ATOM   44   N  N   . GLU A 1 5   ? -5.963  8.744   -4.440  1.00 8.66   ? 5    GLU X N   1 
ATOM   45   C  CA  . GLU A 1 5   ? -7.304  8.240   -4.731  1.00 9.24   ? 5    GLU X CA  1 
ATOM   46   C  C   . GLU A 1 5   ? -7.306  6.720   -4.838  1.00 9.52   ? 5    GLU X C   1 
ATOM   47   O  O   . GLU A 1 5   ? -8.248  6.060   -4.396  1.00 9.50   ? 5    GLU X O   1 
ATOM   48   C  CB  . GLU A 1 5   ? -7.845  8.865   -6.012  1.00 9.67   ? 5    GLU X CB  1 
ATOM   49   C  CG  . GLU A 1 5   ? -8.087  10.358  -5.922  1.00 10.90  ? 5    GLU X CG  1 
ATOM   50   C  CD  . GLU A 1 5   ? -8.791  10.923  -7.140  1.00 12.85  ? 5    GLU X CD  1 
ATOM   51   O  OE1 . GLU A 1 5   ? -9.217  10.136  -8.012  1.00 17.12  ? 5    GLU X OE1 1 
ATOM   52   O  OE2 . GLU A 1 5   ? -8.942  12.155  -7.219  1.00 13.78  ? 5    GLU X OE2 1 
HETATM 53   N  N   . MSE A 1 6   ? -6.253  6.169   -5.440  1.00 9.24   ? 6    MSE X N   1 
HETATM 54   C  CA  . MSE A 1 6   ? -6.118  4.728   -5.630  1.00 10.11  ? 6    MSE X CA  1 
HETATM 55   C  C   . MSE A 1 6   ? -6.019  3.991   -4.297  1.00 9.86   ? 6    MSE X C   1 
HETATM 56   O  O   . MSE A 1 6   ? -6.767  3.035   -4.032  1.00 9.66   ? 6    MSE X O   1 
HETATM 57   C  CB  . MSE A 1 6   ? -4.878  4.463   -6.477  1.00 10.66  ? 6    MSE X CB  1 
HETATM 58   C  CG  . MSE A 1 6   ? -4.644  3.016   -6.826  1.00 10.69  ? 6    MSE X CG  1 
HETATM 59   SE SE  . MSE A 1 6   ? -2.771  2.748   -7.330  1.00 14.78  ? 6    MSE X SE  1 
HETATM 60   C  CE  . MSE A 1 6   ? -2.942  1.117   -8.398  1.00 12.83  ? 6    MSE X CE  1 
ATOM   61   N  N   . LEU A 1 7   ? -5.107  4.444   -3.441  1.00 9.54   ? 7    LEU X N   1 
ATOM   62   C  CA  . LEU A 1 7   ? -4.967  3.829   -2.126  1.00 9.89   ? 7    LEU X CA  1 
ATOM   63   C  C   . LEU A 1 7   ? -6.184  4.072   -1.229  1.00 9.71   ? 7    LEU X C   1 
ATOM   64   O  O   . LEU A 1 7   ? -6.538  3.210   -0.435  1.00 9.91   ? 7    LEU X O   1 
ATOM   65   C  CB  . LEU A 1 7   ? -3.673  4.252   -1.438  1.00 10.04  ? 7    LEU X CB  1 
ATOM   66   C  CG  . LEU A 1 7   ? -2.439  3.427   -1.808  1.00 9.75   ? 7    LEU X CG  1 
ATOM   67   C  CD1 . LEU A 1 7   ? -1.164  4.146   -1.399  1.00 10.00  ? 7    LEU X CD1 1 
ATOM   68   C  CD2 . LEU A 1 7   ? -2.499  2.034   -1.190  1.00 10.30  ? 7    LEU X CD2 1 
ATOM   69   N  N   . ARG A 1 8   ? -6.853  5.213   -1.382  1.00 9.38   ? 8    ARG X N   1 
ATOM   70   C  CA  . ARG A 1 8   ? -8.080  5.458   -0.625  1.00 9.31   ? 8    ARG X CA  1 
ATOM   71   C  C   . ARG A 1 8   ? -9.156  4.411   -0.980  1.00 9.10   ? 8    ARG X C   1 
ATOM   72   O  O   . ARG A 1 8   ? -9.852  3.901   -0.100  1.00 9.38   ? 8    ARG X O   1 
ATOM   73   C  CB  . ARG A 1 8   ? -8.573  6.892   -0.854  1.00 9.71   ? 8    ARG X CB  1 
ATOM   74   C  CG  . ARG A 1 8   ? -9.972  7.187   -0.337  1.00 9.99   ? 8    ARG X CG  1 
ATOM   75   C  CD  . ARG A 1 8   ? -10.110 7.079   1.184   1.00 11.12  ? 8    ARG X CD  1 
ATOM   76   N  NE  . ARG A 1 8   ? -11.499 7.316   1.583   1.00 11.95  ? 8    ARG X NE  1 
ATOM   77   C  CZ  . ARG A 1 8   ? -12.468 6.402   1.555   1.00 12.17  ? 8    ARG X CZ  1 
ATOM   78   N  NH1 . ARG A 1 8   ? -12.218 5.159   1.171   1.00 13.10  ? 8    ARG X NH1 1 
ATOM   79   N  NH2 . ARG A 1 8   ? -13.700 6.734   1.920   1.00 13.38  ? 8    ARG X NH2 1 
ATOM   80   N  N   . ILE A 1 9   ? -9.282  4.089   -2.265  1.00 8.92   ? 9    ILE X N   1 
ATOM   81   C  CA  . ILE A 1 9   ? -10.187 3.027   -2.686  1.00 9.58   ? 9    ILE X CA  1 
ATOM   82   C  C   . ILE A 1 9   ? -9.773  1.678   -2.084  1.00 9.02   ? 9    ILE X C   1 
ATOM   83   O  O   . ILE A 1 9   ? -10.602 0.955   -1.526  1.00 9.27   ? 9    ILE X O   1 
ATOM   84   C  CB  . ILE A 1 9   ? -10.268 2.935   -4.229  1.00 9.83   ? 9    ILE X CB  1 
ATOM   85   C  CG1 . ILE A 1 9   ? -11.066 4.119   -4.778  1.00 11.11  ? 9    ILE X CG1 1 
ATOM   86   C  CG2 . ILE A 1 9   ? -10.869 1.589   -4.680  1.00 11.23  ? 9    ILE X CG2 1 
ATOM   87   C  CD1 . ILE A 1 9   ? -10.874 4.355   -6.255  1.00 11.57  ? 9    ILE X CD1 1 
ATOM   88   N  N   . ASP A 1 10  ? -8.493  1.335   -2.199  1.00 8.64   ? 10   ASP X N   1 
ATOM   89   C  CA  . ASP A 1 10  ? -8.033  0.020   -1.778  1.00 9.03   ? 10   ASP X CA  1 
ATOM   90   C  C   . ASP A 1 10  ? -8.012  -0.167  -0.263  1.00 8.87   ? 10   ASP X C   1 
ATOM   91   O  O   . ASP A 1 10  ? -8.214  -1.284  0.216   1.00 9.75   ? 10   ASP X O   1 
ATOM   92   C  CB  . ASP A 1 10  ? -6.657  -0.291  -2.373  1.00 9.46   ? 10   ASP X CB  1 
ATOM   93   C  CG  . ASP A 1 10  ? -6.712  -0.607  -3.856  1.00 9.67   ? 10   ASP X CG  1 
ATOM   94   O  OD1 . ASP A 1 10  ? -7.775  -1.054  -4.344  1.00 10.03  ? 10   ASP X OD1 1 
ATOM   95   O  OD2 . ASP A 1 10  ? -5.675  -0.434  -4.529  1.00 10.83  ? 10   ASP X OD2 1 
ATOM   96   N  N   . GLU A 1 11  ? -7.780  0.915   0.482   1.00 8.62   ? 11   GLU X N   1 
ATOM   97   C  CA  . GLU A 1 11  ? -7.625  0.831   1.927   1.00 8.84   ? 11   GLU X CA  1 
ATOM   98   C  C   . GLU A 1 11  ? -8.876  1.185   2.722   1.00 8.60   ? 11   GLU X C   1 
ATOM   99   O  O   . GLU A 1 11  ? -9.000  0.772   3.876   1.00 8.72   ? 11   GLU X O   1 
ATOM   100  C  CB  . GLU A 1 11  ? -6.454  1.701   2.401   1.00 9.13   ? 11   GLU X CB  1 
ATOM   101  C  CG  . GLU A 1 11  ? -5.079  1.231   1.945   1.00 10.40  ? 11   GLU X CG  1 
ATOM   102  C  CD  . GLU A 1 11  ? -4.634  -0.095  2.552   1.00 10.62  ? 11   GLU X CD  1 
ATOM   103  O  OE1 . GLU A 1 11  ? -5.276  -0.594  3.506   1.00 11.93  ? 11   GLU X OE1 1 
ATOM   104  O  OE2 . GLU A 1 11  ? -3.625  -0.645  2.059   1.00 11.88  ? 11   GLU X OE2 1 
ATOM   105  N  N   . GLY A 1 12  ? -9.789  1.946   2.125   1.00 8.56   ? 12   GLY X N   1 
ATOM   106  C  CA  . GLY A 1 12  ? -10.960 2.432   2.848   1.00 8.66   ? 12   GLY X CA  1 
ATOM   107  C  C   . GLY A 1 12  ? -10.605 3.528   3.837   1.00 8.94   ? 12   GLY X C   1 
ATOM   108  O  O   . GLY A 1 12  ? -9.455  3.975   3.907   1.00 9.75   ? 12   GLY X O   1 
ATOM   109  N  N   . LEU A 1 13  ? -11.605 3.964   4.597   1.00 10.31  ? 13   LEU X N   1 
ATOM   110  C  CA  . LEU A 1 13  ? -11.437 4.986   5.626   1.00 10.87  ? 13   LEU X CA  1 
ATOM   111  C  C   . LEU A 1 13  ? -12.242 4.601   6.849   1.00 11.24  ? 13   LEU X C   1 
ATOM   112  O  O   . LEU A 1 13  ? -13.469 4.477   6.771   1.00 12.01  ? 13   LEU X O   1 
ATOM   113  C  CB  . LEU A 1 13  ? -11.889 6.359   5.114   1.00 11.38  ? 13   LEU X CB  1 
ATOM   114  C  CG  . LEU A 1 13  ? -11.982 7.497   6.139   1.00 12.65  ? 13   LEU X CG  1 
ATOM   115  C  CD1 . LEU A 1 13  ? -10.632 7.825   6.748   1.00 13.33  ? 13   LEU X CD1 1 
ATOM   116  C  CD2 . LEU A 1 13  ? -12.591 8.735   5.496   1.00 14.98  ? 13   LEU X CD2 1 
ATOM   117  N  N   . ARG A 1 14  ? -11.556 4.422   7.977   1.00 11.15  ? 14   ARG X N   1 
ATOM   118  C  CA  . ARG A 1 14  ? -12.215 4.093   9.240   1.00 11.99  ? 14   ARG X CA  1 
ATOM   119  C  C   . ARG A 1 14  ? -11.610 4.952   10.345  1.00 11.38  ? 14   ARG X C   1 
ATOM   120  O  O   . ARG A 1 14  ? -10.392 5.127   10.412  1.00 12.05  ? 14   ARG X O   1 
ATOM   121  C  CB  . ARG A 1 14  ? -12.103 2.589   9.527   1.00 13.27  ? 14   ARG X CB  1 
ATOM   122  C  CG  . ARG A 1 14  ? -12.742 1.754   8.404   1.00 16.25  ? 14   ARG X CG  1 
ATOM   123  C  CD  . ARG A 1 14  ? -12.786 0.258   8.640   1.00 18.49  ? 14   ARG X CD  1 
ATOM   124  N  NE  . ARG A 1 14  ? -13.640 -0.084  9.770   1.00 20.16  ? 14   ARG X NE  1 
ATOM   125  C  CZ  . ARG A 1 14  ? -13.917 -1.325  10.151  1.00 20.08  ? 14   ARG X CZ  1 
ATOM   126  N  NH1 . ARG A 1 14  ? -13.422 -2.358  9.483   1.00 20.42  ? 14   ARG X NH1 1 
ATOM   127  N  NH2 . ARG A 1 14  ? -14.691 -1.530  11.206  1.00 21.27  ? 14   ARG X NH2 1 
ATOM   128  N  N   . LEU A 1 15  ? -12.465 5.514   11.193  1.00 10.64  ? 15   LEU X N   1 
ATOM   129  C  CA  . LEU A 1 15  ? -12.018 6.487   12.193  1.00 10.84  ? 15   LEU X CA  1 
ATOM   130  C  C   . LEU A 1 15  ? -11.821 5.888   13.580  1.00 10.51  ? 15   LEU X C   1 
ATOM   131  O  O   . LEU A 1 15  ? -11.422 6.588   14.511  1.00 11.73  ? 15   LEU X O   1 
ATOM   132  C  CB  . LEU A 1 15  ? -12.972 7.689   12.246  1.00 11.34  ? 15   LEU X CB  1 
ATOM   133  C  CG  . LEU A 1 15  ? -13.120 8.477   10.939  1.00 11.74  ? 15   LEU X CG  1 
ATOM   134  C  CD1 . LEU A 1 15  ? -14.046 9.676   11.125  1.00 13.87  ? 15   LEU X CD1 1 
ATOM   135  C  CD2 . LEU A 1 15  ? -11.768 8.926   10.375  1.00 12.91  ? 15   LEU X CD2 1 
ATOM   136  N  N   . LYS A 1 16  ? -12.112 4.597   13.710  1.00 10.94  ? 16   LYS X N   1 
ATOM   137  C  CA  . LYS A 1 16  ? -11.898 3.854   14.946  1.00 11.63  ? 16   LYS X CA  1 
ATOM   138  C  C   . LYS A 1 16  ? -10.969 2.690   14.641  1.00 10.53  ? 16   LYS X C   1 
ATOM   139  O  O   . LYS A 1 16  ? -10.972 2.167   13.525  1.00 11.23  ? 16   LYS X O   1 
ATOM   140  C  CB  . LYS A 1 16  ? -13.226 3.307   15.477  1.00 12.76  ? 16   LYS X CB  1 
ATOM   141  C  CG  . LYS A 1 16  ? -14.299 4.356   15.751  1.00 16.40  ? 16   LYS X CG  1 
ATOM   142  C  CD  . LYS A 1 16  ? -15.669 3.714   15.973  1.00 20.75  ? 16   LYS X CD  1 
ATOM   143  C  CE  . LYS A 1 16  ? -15.671 2.746   17.150  1.00 23.34  ? 16   LYS X CE  1 
ATOM   144  N  NZ  . LYS A 1 16  ? -16.983 2.059   17.313  1.00 24.88  ? 16   LYS X NZ  1 
ATOM   145  N  N   . ILE A 1 17  ? -10.172 2.273   15.621  1.00 10.22  ? 17   ILE X N   1 
ATOM   146  C  CA  . ILE A 1 17  ? -9.290  1.118   15.442  1.00 10.04  ? 17   ILE X CA  1 
ATOM   147  C  C   . ILE A 1 17  ? -10.082 -0.094  14.968  1.00 10.17  ? 17   ILE X C   1 
ATOM   148  O  O   . ILE A 1 17  ? -11.154 -0.405  15.498  1.00 10.53  ? 17   ILE X O   1 
ATOM   149  C  CB  . ILE A 1 17  ? -8.509  0.789   16.739  1.00 10.12  ? 17   ILE X CB  1 
ATOM   150  C  CG1 . ILE A 1 17  ? -7.566  1.945   17.105  1.00 11.54  ? 17   ILE X CG1 1 
ATOM   151  C  CG2 . ILE A 1 17  ? -7.727  -0.521  16.586  1.00 10.94  ? 17   ILE X CG2 1 
ATOM   152  C  CD1 . ILE A 1 17  ? -6.827  1.755   18.422  1.00 12.87  ? 17   ILE X CD1 1 
ATOM   153  N  N   . TYR A 1 18  ? -9.549  -0.769  13.957  1.00 9.74   ? 18   TYR X N   1 
ATOM   154  C  CA  . TYR A 1 18  ? -10.164 -1.978  13.424  1.00 10.26  ? 18   TYR X CA  1 
ATOM   155  C  C   . TYR A 1 18  ? -9.059  -2.958  13.040  1.00 9.89   ? 18   TYR X C   1 
ATOM   156  O  O   . TYR A 1 18  ? -7.878  -2.605  13.052  1.00 10.59  ? 18   TYR X O   1 
ATOM   157  C  CB  . TYR A 1 18  ? -11.058 -1.630  12.227  1.00 10.95  ? 18   TYR X CB  1 
ATOM   158  C  CG  . TYR A 1 18  ? -10.305 -1.275  10.972  1.00 11.38  ? 18   TYR X CG  1 
ATOM   159  C  CD1 . TYR A 1 18  ? -9.807  0.015   10.764  1.00 11.69  ? 18   TYR X CD1 1 
ATOM   160  C  CD2 . TYR A 1 18  ? -10.096 -2.235  9.983   1.00 12.55  ? 18   TYR X CD2 1 
ATOM   161  C  CE1 . TYR A 1 18  ? -9.123  0.338   9.598   1.00 12.68  ? 18   TYR X CE1 1 
ATOM   162  C  CE2 . TYR A 1 18  ? -9.410  -1.933  8.831   1.00 14.13  ? 18   TYR X CE2 1 
ATOM   163  C  CZ  . TYR A 1 18  ? -8.926  -0.652  8.639   1.00 12.69  ? 18   TYR X CZ  1 
ATOM   164  O  OH  . TYR A 1 18  ? -8.254  -0.372  7.465   1.00 14.53  ? 18   TYR X OH  1 
ATOM   165  N  N   . LYS A 1 19  ? -9.431  -4.192  12.716  1.00 9.66   ? 19   LYS X N   1 
ATOM   166  C  CA  . LYS A 1 19  ? -8.446  -5.176  12.272  1.00 9.63   ? 19   LYS X CA  1 
ATOM   167  C  C   . LYS A 1 19  ? -8.416  -5.258  10.756  1.00 9.40   ? 19   LYS X C   1 
ATOM   168  O  O   . LYS A 1 19  ? -9.467  -5.369  10.111  1.00 9.81   ? 19   LYS X O   1 
ATOM   169  C  CB  . LYS A 1 19  ? -8.731  -6.550  12.875  1.00 9.76   ? 19   LYS X CB  1 
ATOM   170  C  CG  . LYS A 1 19  ? -8.446  -6.620  14.366  1.00 10.03  ? 19   LYS X CG  1 
ATOM   171  C  CD  . LYS A 1 19  ? -8.743  -8.008  14.887  1.00 10.45  ? 19   LYS X CD  1 
ATOM   172  C  CE  . LYS A 1 19  ? -8.539  -8.133  16.377  1.00 11.30  ? 19   LYS X CE  1 
ATOM   173  N  NZ  . LYS A 1 19  ? -8.700  -9.564  16.767  1.00 10.92  ? 19   LYS X NZ  1 
ATOM   174  N  N   . ASP A 1 20  ? -7.205  -5.210  10.192  1.00 9.30   ? 20   ASP X N   1 
ATOM   175  C  CA  . ASP A 1 20  ? -7.013  -5.288  8.744   1.00 9.33   ? 20   ASP X CA  1 
ATOM   176  C  C   . ASP A 1 20  ? -7.202  -6.721  8.238   1.00 8.81   ? 20   ASP X C   1 
ATOM   177  O  O   . ASP A 1 20  ? -7.634  -7.602  8.988   1.00 8.63   ? 20   ASP X O   1 
ATOM   178  C  CB  . ASP A 1 20  ? -5.654  -4.668  8.336   1.00 9.99   ? 20   ASP X CB  1 
ATOM   179  C  CG  . ASP A 1 20  ? -4.440  -5.544  8.678   1.00 10.15  ? 20   ASP X CG  1 
ATOM   180  O  OD1 . ASP A 1 20  ? -4.599  -6.679  9.167   1.00 9.81   ? 20   ASP X OD1 1 
ATOM   181  O  OD2 . ASP A 1 20  ? -3.297  -5.076  8.444   1.00 12.25  ? 20   ASP X OD2 1 
ATOM   182  N  N   A THR A 1 21  ? -6.864  -6.952  6.968   0.68 8.36   ? 21   THR X N   1 
ATOM   183  N  N   B THR A 1 21  ? -6.884  -6.966  6.976   0.32 8.69   ? 21   THR X N   1 
ATOM   184  C  CA  A THR A 1 21  ? -7.083  -8.252  6.337   0.68 8.33   ? 21   THR X CA  1 
ATOM   185  C  CA  B THR A 1 21  ? -7.164  -8.276  6.414   0.32 8.67   ? 21   THR X CA  1 
ATOM   186  C  C   A THR A 1 21  ? -6.255  -9.366  6.970   0.68 7.95   ? 21   THR X C   1 
ATOM   187  C  C   B THR A 1 21  ? -6.232  -9.386  6.937   0.32 8.39   ? 21   THR X C   1 
ATOM   188  O  O   A THR A 1 21  ? -6.606  -10.537 6.850   0.68 7.45   ? 21   THR X O   1 
ATOM   189  O  O   B THR A 1 21  ? -6.494  -10.570 6.714   0.32 8.17   ? 21   THR X O   1 
ATOM   190  C  CB  A THR A 1 21  ? -6.801  -8.226  4.816   0.68 8.93   ? 21   THR X CB  1 
ATOM   191  C  CB  B THR A 1 21  ? -7.203  -8.235  4.886   0.32 9.12   ? 21   THR X CB  1 
ATOM   192  O  OG1 A THR A 1 21  ? -5.417  -7.949  4.576   0.68 9.04   ? 21   THR X OG1 1 
ATOM   193  O  OG1 B THR A 1 21  ? -7.795  -9.442  4.405   0.32 9.66   ? 21   THR X OG1 1 
ATOM   194  C  CG2 A THR A 1 21  ? -7.687  -7.199  4.108   0.68 8.45   ? 21   THR X CG2 1 
ATOM   195  C  CG2 B THR A 1 21  ? -5.814  -8.082  4.316   0.32 8.61   ? 21   THR X CG2 1 
ATOM   196  N  N   . GLU A 1 22  ? -5.159  -8.993  7.623   1.00 8.21   ? 22   GLU X N   1 
ATOM   197  C  CA  . GLU A 1 22  ? -4.277  -9.935  8.306   1.00 8.37   ? 22   GLU X CA  1 
ATOM   198  C  C   . GLU A 1 22  ? -4.588  -10.045 9.801   1.00 8.15   ? 22   GLU X C   1 
ATOM   199  O  O   . GLU A 1 22  ? -3.894  -10.755 10.524  1.00 9.13   ? 22   GLU X O   1 
ATOM   200  C  CB  . GLU A 1 22  ? -2.811  -9.544  8.112   1.00 8.78   ? 22   GLU X CB  1 
ATOM   201  C  CG  . GLU A 1 22  ? -2.322  -9.623  6.664   1.00 10.37  ? 22   GLU X CG  1 
ATOM   202  C  CD  . GLU A 1 22  ? -2.212  -11.047 6.122   1.00 11.65  ? 22   GLU X CD  1 
ATOM   203  O  OE1 . GLU A 1 22  ? -2.070  -12.008 6.910   1.00 13.00  ? 22   GLU X OE1 1 
ATOM   204  O  OE2 . GLU A 1 22  ? -2.260  -11.208 4.888   1.00 12.95  ? 22   GLU X OE2 1 
ATOM   205  N  N   . GLY A 1 23  ? -5.628  -9.346  10.259  1.00 7.93   ? 23   GLY X N   1 
ATOM   206  C  CA  . GLY A 1 23  ? -6.018  -9.364  11.668  1.00 8.61   ? 23   GLY X CA  1 
ATOM   207  C  C   . GLY A 1 23  ? -5.270  -8.380  12.555  1.00 8.90   ? 23   GLY X C   1 
ATOM   208  O  O   . GLY A 1 23  ? -5.326  -8.506  13.775  1.00 9.50   ? 23   GLY X O   1 
ATOM   209  N  N   . TYR A 1 24  ? -4.589  -7.395  11.958  1.00 8.66   ? 24   TYR X N   1 
ATOM   210  C  CA  . TYR A 1 24  ? -3.764  -6.442  12.706  1.00 9.01   ? 24   TYR X CA  1 
ATOM   211  C  C   . TYR A 1 24  ? -4.452  -5.101  12.906  1.00 8.77   ? 24   TYR X C   1 
ATOM   212  O  O   . TYR A 1 24  ? -5.063  -4.555  11.979  1.00 8.99   ? 24   TYR X O   1 
ATOM   213  C  CB  . TYR A 1 24  ? -2.437  -6.198  11.991  1.00 9.74   ? 24   TYR X CB  1 
ATOM   214  C  CG  . TYR A 1 24  ? -1.571  -7.419  11.809  1.00 10.66  ? 24   TYR X CG  1 
ATOM   215  C  CD1 . TYR A 1 24  ? -1.353  -8.317  12.852  1.00 12.69  ? 24   TYR X CD1 1 
ATOM   216  C  CD2 . TYR A 1 24  ? -0.943  -7.661  10.589  1.00 12.33  ? 24   TYR X CD2 1 
ATOM   217  C  CE1 . TYR A 1 24  ? -0.541  -9.437  12.681  1.00 14.43  ? 24   TYR X CE1 1 
ATOM   218  C  CE2 . TYR A 1 24  ? -0.124  -8.773  10.407  1.00 13.63  ? 24   TYR X CE2 1 
ATOM   219  C  CZ  . TYR A 1 24  ? 0.066   -9.655  11.456  1.00 14.16  ? 24   TYR X CZ  1 
ATOM   220  O  OH  . TYR A 1 24  ? 0.874   -10.753 11.287  1.00 16.10  ? 24   TYR X OH  1 
ATOM   221  N  N   . TYR A 1 25  ? -4.323  -4.558  14.113  1.00 8.95   ? 25   TYR X N   1 
ATOM   222  C  CA  . TYR A 1 25  ? -4.912  -3.267  14.449  1.00 8.91   ? 25   TYR X CA  1 
ATOM   223  C  C   . TYR A 1 25  ? -4.408  -2.144  13.553  1.00 8.81   ? 25   TYR X C   1 
ATOM   224  O  O   . TYR A 1 25  ? -3.197  -1.949  13.392  1.00 9.40   ? 25   TYR X O   1 
ATOM   225  C  CB  . TYR A 1 25  ? -4.655  -2.938  15.917  1.00 9.52   ? 25   TYR X CB  1 
ATOM   226  C  CG  . TYR A 1 25  ? -5.363  -3.863  16.882  1.00 9.32   ? 25   TYR X CG  1 
ATOM   227  C  CD1 . TYR A 1 25  ? -6.753  -3.988  16.864  1.00 9.70   ? 25   TYR X CD1 1 
ATOM   228  C  CD2 . TYR A 1 25  ? -4.646  -4.602  17.826  1.00 10.05  ? 25   TYR X CD2 1 
ATOM   229  C  CE1 . TYR A 1 25  ? -7.415  -4.835  17.753  1.00 10.39  ? 25   TYR X CE1 1 
ATOM   230  C  CE2 . TYR A 1 25  ? -5.300  -5.457  18.721  1.00 10.44  ? 25   TYR X CE2 1 
ATOM   231  C  CZ  . TYR A 1 25  ? -6.680  -5.557  18.683  1.00 11.15  ? 25   TYR X CZ  1 
ATOM   232  O  OH  . TYR A 1 25  ? -7.320  -6.393  19.572  1.00 12.57  ? 25   TYR X OH  1 
ATOM   233  N  N   . THR A 1 26  ? -5.370  -1.410  12.997  1.00 8.76   ? 26   THR X N   1 
ATOM   234  C  CA  . THR A 1 26  ? -5.171  -0.424  11.938  1.00 9.17   ? 26   THR X CA  1 
ATOM   235  C  C   . THR A 1 26  ? -6.168  0.716   12.179  1.00 9.26   ? 26   THR X C   1 
ATOM   236  O  O   . THR A 1 26  ? -7.166  0.536   12.885  1.00 9.63   ? 26   THR X O   1 
ATOM   237  C  CB  . THR A 1 26  ? -5.456  -1.114  10.572  1.00 9.65   ? 26   THR X CB  1 
ATOM   238  O  OG1 . THR A 1 26  ? -4.525  -2.180  10.393  1.00 10.21  ? 26   THR X OG1 1 
ATOM   239  C  CG2 . THR A 1 26  ? -5.321  -0.189  9.376   1.00 10.47  ? 26   THR X CG2 1 
ATOM   240  N  N   . ILE A 1 27  ? -5.920  1.881   11.587  1.00 9.29   ? 27   ILE X N   1 
ATOM   241  C  CA  . ILE A 1 27  ? -6.901  2.960   11.625  1.00 9.72   ? 27   ILE X CA  1 
ATOM   242  C  C   . ILE A 1 27  ? -6.732  3.816   10.372  1.00 9.12   ? 27   ILE X C   1 
ATOM   243  O  O   . ILE A 1 27  ? -5.727  3.697   9.656   1.00 9.40   ? 27   ILE X O   1 
ATOM   244  C  CB  . ILE A 1 27  ? -6.767  3.814   12.928  1.00 10.35  ? 27   ILE X CB  1 
ATOM   245  C  CG1 . ILE A 1 27  ? -8.057  4.601   13.245  1.00 11.12  ? 27   ILE X CG1 1 
ATOM   246  C  CG2 . ILE A 1 27  ? -5.534  4.699   12.852  1.00 11.43  ? 27   ILE X CG2 1 
ATOM   247  C  CD1 . ILE A 1 27  ? -8.102  5.164   14.645  1.00 11.72  ? 27   ILE X CD1 1 
ATOM   248  N  N   . GLY A 1 28  ? -7.704  4.685   10.117  1.00 9.28   ? 28   GLY X N   1 
ATOM   249  C  CA  . GLY A 1 28  ? -7.574  5.687   9.070   1.00 9.33   ? 28   GLY X CA  1 
ATOM   250  C  C   . GLY A 1 28  ? -7.674  5.071   7.695   1.00 9.38   ? 28   GLY X C   1 
ATOM   251  O  O   . GLY A 1 28  ? -8.607  4.317   7.417   1.00 9.83   ? 28   GLY X O   1 
ATOM   252  N  N   . ILE A 1 29  ? -6.703  5.401   6.845   1.00 9.02   ? 29   ILE X N   1 
ATOM   253  C  CA  . ILE A 1 29  ? -6.616  4.895   5.479   1.00 9.33   ? 29   ILE X CA  1 
ATOM   254  C  C   . ILE A 1 29  ? -5.429  3.927   5.439   1.00 9.41   ? 29   ILE X C   1 
ATOM   255  O  O   . ILE A 1 29  ? -4.329  4.263   4.997   1.00 10.14  ? 29   ILE X O   1 
ATOM   256  C  CB  . ILE A 1 29  ? -6.489  6.062   4.464   1.00 9.04   ? 29   ILE X CB  1 
ATOM   257  C  CG1 . ILE A 1 29  ? -7.639  7.060   4.667   1.00 9.54   ? 29   ILE X CG1 1 
ATOM   258  C  CG2 . ILE A 1 29  ? -6.463  5.537   3.028   1.00 9.05   ? 29   ILE X CG2 1 
ATOM   259  C  CD1 . ILE A 1 29  ? -7.456  8.414   3.986   1.00 11.28  ? 29   ILE X CD1 1 
ATOM   260  N  N   . GLY A 1 30  ? -5.650  2.725   5.961   1.00 9.77   ? 30   GLY X N   1 
ATOM   261  C  CA  . GLY A 1 30  ? -4.616  1.707   5.944   1.00 9.86   ? 30   GLY X CA  1 
ATOM   262  C  C   . GLY A 1 30  ? -3.407  1.983   6.822   1.00 9.62   ? 30   GLY X C   1 
ATOM   263  O  O   . GLY A 1 30  ? -2.318  1.493   6.526   1.00 10.32  ? 30   GLY X O   1 
ATOM   264  N  N   . HIS A 1 31  ? -3.571  2.756   7.899   1.00 9.39   ? 31   HIS X N   1 
ATOM   265  C  CA  . HIS A 1 31  ? -2.450  2.991   8.798   1.00 9.73   ? 31   HIS X CA  1 
ATOM   266  C  C   . HIS A 1 31  ? -2.332  1.862   9.822   1.00 9.40   ? 31   HIS X C   1 
ATOM   267  O  O   . HIS A 1 31  ? -3.060  1.838   10.819  1.00 9.96   ? 31   HIS X O   1 
ATOM   268  C  CB  . HIS A 1 31  ? -2.540  4.333   9.515   1.00 10.05  ? 31   HIS X CB  1 
ATOM   269  C  CG  . HIS A 1 31  ? -1.324  4.613   10.329  1.00 10.77  ? 31   HIS X CG  1 
ATOM   270  N  ND1 . HIS A 1 31  ? -0.180  5.144   9.779   1.00 11.80  ? 31   HIS X ND1 1 
ATOM   271  C  CD2 . HIS A 1 31  ? -1.036  4.358   11.628  1.00 12.30  ? 31   HIS X CD2 1 
ATOM   272  C  CE1 . HIS A 1 31  ? 0.753   5.233   10.710  1.00 12.42  ? 31   HIS X CE1 1 
ATOM   273  N  NE2 . HIS A 1 31  ? 0.262   4.758   11.840  1.00 12.48  ? 31   HIS X NE2 1 
ATOM   274  N  N   . LEU A 1 32  ? -1.432  0.919   9.555   1.00 9.89   ? 32   LEU X N   1 
ATOM   275  C  CA  . LEU A 1 32  ? -1.159  -0.171  10.485  1.00 10.38  ? 32   LEU X CA  1 
ATOM   276  C  C   . LEU A 1 32  ? -0.591  0.384   11.791  1.00 10.35  ? 32   LEU X C   1 
ATOM   277  O  O   . LEU A 1 32  ? 0.344   1.185   11.770  1.00 10.99  ? 32   LEU X O   1 
ATOM   278  C  CB  . LEU A 1 32  ? -0.167  -1.150  9.858   1.00 11.08  ? 32   LEU X CB  1 
ATOM   279  C  CG  . LEU A 1 32  ? 0.349   -2.264  10.771  1.00 12.41  ? 32   LEU X CG  1 
ATOM   280  C  CD1 . LEU A 1 32  ? -0.760  -3.223  11.101  1.00 13.99  ? 32   LEU X CD1 1 
ATOM   281  C  CD2 . LEU A 1 32  ? 1.547   -2.974  10.156  1.00 15.66  ? 32   LEU X CD2 1 
ATOM   282  N  N   . LEU A 1 33  ? -1.162  -0.027  12.920  1.00 9.94   ? 33   LEU X N   1 
ATOM   283  C  CA  . LEU A 1 33  ? -0.688  0.444   14.221  1.00 10.33  ? 33   LEU X CA  1 
ATOM   284  C  C   . LEU A 1 33  ? 0.341   -0.490  14.839  1.00 10.83  ? 33   LEU X C   1 
ATOM   285  O  O   . LEU A 1 33  ? 1.367   -0.040  15.340  1.00 11.45  ? 33   LEU X O   1 
ATOM   286  C  CB  . LEU A 1 33  ? -1.867  0.660   15.168  1.00 10.32  ? 33   LEU X CB  1 
ATOM   287  C  CG  . LEU A 1 33  ? -2.764  1.842   14.793  1.00 10.55  ? 33   LEU X CG  1 
ATOM   288  C  CD1 . LEU A 1 33  ? -4.079  1.770   15.535  1.00 12.45  ? 33   LEU X CD1 1 
ATOM   289  C  CD2 . LEU A 1 33  ? -2.057  3.168   15.069  1.00 11.41  ? 33   LEU X CD2 1 
ATOM   290  N  N   . THR A 1 34  ? 0.061   -1.786  14.807  1.00 10.99  ? 34   THR X N   1 
ATOM   291  C  CA  . THR A 1 34  ? 0.939   -2.770  15.420  1.00 11.38  ? 34   THR X CA  1 
ATOM   292  C  C   . THR A 1 34  ? 0.515   -4.152  14.977  1.00 11.41  ? 34   THR X C   1 
ATOM   293  O  O   . THR A 1 34  ? -0.638  -4.354  14.594  1.00 11.60  ? 34   THR X O   1 
ATOM   294  C  CB  . THR A 1 34  ? 0.892   -2.692  16.975  1.00 11.69  ? 34   THR X CB  1 
ATOM   295  O  OG1 . THR A 1 34  ? 1.783   -3.661  17.537  1.00 12.05  ? 34   THR X OG1 1 
ATOM   296  C  CG2 . THR A 1 34  ? -0.520  -2.942  17.505  1.00 12.15  ? 34   THR X CG2 1 
ATOM   297  N  N   . LYS A 1 35  ? 1.447   -5.100  15.042  1.00 12.00  ? 35   LYS X N   1 
ATOM   298  C  CA  . LYS A 1 35  ? 1.119   -6.506  14.839  1.00 12.63  ? 35   LYS X CA  1 
ATOM   299  C  C   . LYS A 1 35  ? 0.816   -7.215  16.165  1.00 12.54  ? 35   LYS X C   1 
ATOM   300  O  O   . LYS A 1 35  ? 0.445   -8.390  16.172  1.00 12.81  ? 35   LYS X O   1 
ATOM   301  C  CB  . LYS A 1 35  ? 2.212   -7.211  14.019  1.00 13.48  ? 35   LYS X CB  1 
ATOM   302  C  CG  . LYS A 1 35  ? 2.252   -6.714  12.576  1.00 14.77  ? 35   LYS X CG  1 
ATOM   303  C  CD  . LYS A 1 35  ? 3.337   -7.356  11.735  1.00 17.35  ? 35   LYS X CD  1 
ATOM   304  C  CE  . LYS A 1 35  ? 3.329   -6.738  10.345  1.00 18.45  ? 35   LYS X CE  1 
ATOM   305  N  NZ  . LYS A 1 35  ? 4.389   -7.283  9.462   1.00 20.67  ? 35   LYS X NZ  1 
ATOM   306  N  N   . SER A 1 36  ? 0.948   -6.490  17.276  1.00 12.52  ? 36   SER X N   1 
ATOM   307  C  CA  . SER A 1 36  ? 0.623   -7.029  18.600  1.00 12.43  ? 36   SER X CA  1 
ATOM   308  C  C   . SER A 1 36  ? -0.873  -7.326  18.741  1.00 12.25  ? 36   SER X C   1 
ATOM   309  O  O   . SER A 1 36  ? -1.702  -6.553  18.255  1.00 11.95  ? 36   SER X O   1 
ATOM   310  C  CB  . SER A 1 36  ? 1.040   -6.036  19.688  1.00 12.81  ? 36   SER X CB  1 
ATOM   311  O  OG  . SER A 1 36  ? 0.548   -6.426  20.960  1.00 13.47  ? 36   SER X OG  1 
ATOM   312  N  N   . PRO A 1 37  ? -1.226  -8.440  19.414  1.00 12.27  ? 37   PRO X N   1 
ATOM   313  C  CA  . PRO A 1 37  ? -2.644  -8.687  19.690  1.00 12.64  ? 37   PRO X CA  1 
ATOM   314  C  C   . PRO A 1 37  ? -3.215  -7.810  20.810  1.00 12.31  ? 37   PRO X C   1 
ATOM   315  O  O   . PRO A 1 37  ? -4.402  -7.896  21.109  1.00 12.96  ? 37   PRO X O   1 
ATOM   316  C  CB  . PRO A 1 37  ? -2.670  -10.166 20.089  1.00 12.95  ? 37   PRO X CB  1 
ATOM   317  C  CG  . PRO A 1 37  ? -1.337  -10.400 20.691  1.00 13.15  ? 37   PRO X CG  1 
ATOM   318  C  CD  . PRO A 1 37  ? -0.373  -9.537  19.916  1.00 12.84  ? 37   PRO X CD  1 
ATOM   319  N  N   . SER A 1 38  ? -2.384  -6.960  21.404  1.00 11.99  ? 38   SER X N   1 
ATOM   320  C  CA  . SER A 1 38  ? -2.826  -6.083  22.482  1.00 11.94  ? 38   SER X CA  1 
ATOM   321  C  C   . SER A 1 38  ? -3.463  -4.800  21.943  1.00 11.42  ? 38   SER X C   1 
ATOM   322  O  O   . SER A 1 38  ? -2.786  -3.965  21.331  1.00 11.26  ? 38   SER X O   1 
ATOM   323  C  CB  . SER A 1 38  ? -1.652  -5.740  23.402  1.00 12.01  ? 38   SER X CB  1 
ATOM   324  O  OG  . SER A 1 38  ? -1.988  -4.685  24.290  1.00 12.73  ? 38   SER X OG  1 
ATOM   325  N  N   . LEU A 1 39  ? -4.760  -4.636  22.184  1.00 11.27  ? 39   LEU X N   1 
ATOM   326  C  CA  . LEU A 1 39  ? -5.451  -3.397  21.822  1.00 11.29  ? 39   LEU X CA  1 
ATOM   327  C  C   . LEU A 1 39  ? -4.847  -2.187  22.543  1.00 10.86  ? 39   LEU X C   1 
ATOM   328  O  O   . LEU A 1 39  ? -4.746  -1.096  21.975  1.00 10.63  ? 39   LEU X O   1 
ATOM   329  C  CB  . LEU A 1 39  ? -6.959  -3.495  22.092  1.00 11.72  ? 39   LEU X CB  1 
ATOM   330  C  CG  . LEU A 1 39  ? -7.811  -2.259  21.762  1.00 12.63  ? 39   LEU X CG  1 
ATOM   331  C  CD1 . LEU A 1 39  ? -7.675  -1.864  20.293  1.00 13.18  ? 39   LEU X CD1 1 
ATOM   332  C  CD2 . LEU A 1 39  ? -9.270  -2.490  22.133  1.00 14.42  ? 39   LEU X CD2 1 
ATOM   333  N  N   . ASN A 1 40  ? -4.431  -2.384  23.791  1.00 10.98  ? 40   ASN X N   1 
ATOM   334  C  CA  . ASN A 1 40  ? -3.778  -1.307  24.525  1.00 11.39  ? 40   ASN X CA  1 
ATOM   335  C  C   . ASN A 1 40  ? -2.483  -0.854  23.853  1.00 10.92  ? 40   ASN X C   1 
ATOM   336  O  O   . ASN A 1 40  ? -2.221  0.346   23.761  1.00 10.44  ? 40   ASN X O   1 
ATOM   337  C  CB  . ASN A 1 40  ? -3.538  -1.699  25.986  1.00 12.26  ? 40   ASN X CB  1 
ATOM   338  C  CG  . ASN A 1 40  ? -4.799  -1.607  26.823  1.00 14.75  ? 40   ASN X CG  1 
ATOM   339  O  OD1 . ASN A 1 40  ? -5.718  -0.849  26.504  1.00 18.59  ? 40   ASN X OD1 1 
ATOM   340  N  ND2 . ASN A 1 40  ? -4.846  -2.372  27.903  1.00 17.37  ? 40   ASN X ND2 1 
ATOM   341  N  N   . ALA A 1 41  ? -1.694  -1.807  23.359  1.00 10.46  ? 41   ALA X N   1 
ATOM   342  C  CA  . ALA A 1 41  ? -0.477  -1.475  22.617  1.00 10.58  ? 41   ALA X CA  1 
ATOM   343  C  C   . ALA A 1 41  ? -0.802  -0.690  21.349  1.00 10.15  ? 41   ALA X C   1 
ATOM   344  O  O   . ALA A 1 41  ? -0.104  0.267   21.014  1.00 10.01  ? 41   ALA X O   1 
ATOM   345  C  CB  . ALA A 1 41  ? 0.315   -2.730  22.286  1.00 10.92  ? 41   ALA X CB  1 
ATOM   346  N  N   . ALA A 1 42  ? -1.864  -1.091  20.654  1.00 9.77   ? 42   ALA X N   1 
ATOM   347  C  CA  . ALA A 1 42  ? -2.319  -0.386  19.454  1.00 9.72   ? 42   ALA X CA  1 
ATOM   348  C  C   . ALA A 1 42  ? -2.762  1.044   19.768  1.00 9.66   ? 42   ALA X C   1 
ATOM   349  O  O   . ALA A 1 42  ? -2.434  1.978   19.033  1.00 9.52   ? 42   ALA X O   1 
ATOM   350  C  CB  . ALA A 1 42  ? -3.448  -1.154  18.784  1.00 10.07  ? 42   ALA X CB  1 
ATOM   351  N  N   . LYS A 1 43  ? -3.499  1.213   20.861  1.00 9.69   ? 43   LYS X N   1 
ATOM   352  C  CA  . LYS A 1 43  ? -3.937  2.542   21.287  1.00 9.94   ? 43   LYS X CA  1 
ATOM   353  C  C   . LYS A 1 43  ? -2.754  3.450   21.616  1.00 9.64   ? 43   LYS X C   1 
ATOM   354  O  O   . LYS A 1 43  ? -2.766  4.642   21.297  1.00 9.84   ? 43   LYS X O   1 
ATOM   355  C  CB  . LYS A 1 43  ? -4.880  2.446   22.483  1.00 10.74  ? 43   LYS X CB  1 
ATOM   356  C  CG  . LYS A 1 43  ? -6.270  1.982   22.105  1.00 11.91  ? 43   LYS X CG  1 
ATOM   357  C  CD  . LYS A 1 43  ? -7.128  1.768   23.327  1.00 14.53  ? 43   LYS X CD  1 
ATOM   358  C  CE  . LYS A 1 43  ? -8.567  1.477   22.939  1.00 16.09  ? 43   LYS X CE  1 
ATOM   359  N  NZ  . LYS A 1 43  ? -9.418  1.308   24.141  1.00 18.23  ? 43   LYS X NZ  1 
ATOM   360  N  N   . SER A 1 44  ? -1.727  2.875   22.236  1.00 9.57   ? 44   SER X N   1 
ATOM   361  C  CA  A SER A 1 44  ? -0.505  3.605   22.539  0.81 9.48   ? 44   SER X CA  1 
ATOM   362  C  CA  B SER A 1 44  ? -0.503  3.617   22.535  0.19 9.58   ? 44   SER X CA  1 
ATOM   363  C  C   . SER A 1 44  ? 0.207   4.057   21.255  1.00 9.43   ? 44   SER X C   1 
ATOM   364  O  O   . SER A 1 44  ? 0.632   5.207   21.136  1.00 9.41   ? 44   SER X O   1 
ATOM   365  C  CB  A SER A 1 44  ? 0.395   2.729   23.407  0.81 9.91   ? 44   SER X CB  1 
ATOM   366  C  CB  B SER A 1 44  ? 0.428   2.801   23.436  0.19 9.69   ? 44   SER X CB  1 
ATOM   367  O  OG  A SER A 1 44  ? 1.562   3.419   23.778  0.81 9.51   ? 44   SER X OG  1 
ATOM   368  O  OG  B SER A 1 44  ? -0.052  2.782   24.771  0.19 10.13  ? 44   SER X OG  1 
ATOM   369  N  N   . GLU A 1 45  ? 0.322   3.155   20.280  1.00 9.34   ? 45   GLU X N   1 
ATOM   370  C  CA  . GLU A 1 45  ? 0.889   3.533   18.977  1.00 9.56   ? 45   GLU X CA  1 
ATOM   371  C  C   . GLU A 1 45  ? 0.091   4.662   18.321  1.00 9.67   ? 45   GLU X C   1 
ATOM   372  O  O   . GLU A 1 45  ? 0.660   5.566   17.705  1.00 9.77   ? 45   GLU X O   1 
ATOM   373  C  CB  . GLU A 1 45  ? 0.960   2.329   18.034  1.00 9.90   ? 45   GLU X CB  1 
ATOM   374  C  CG  . GLU A 1 45  ? 2.026   1.300   18.391  1.00 10.18  ? 45   GLU X CG  1 
ATOM   375  C  CD  . GLU A 1 45  ? 3.444   1.874   18.388  1.00 10.95  ? 45   GLU X CD  1 
ATOM   376  O  OE1 . GLU A 1 45  ? 3.855   2.491   17.382  1.00 11.54  ? 45   GLU X OE1 1 
ATOM   377  O  OE2 . GLU A 1 45  ? 4.164   1.704   19.394  1.00 12.68  ? 45   GLU X OE2 1 
ATOM   378  N  N   . LEU A 1 46  ? -1.234  4.600   18.440  1.00 9.47   ? 46   LEU X N   1 
ATOM   379  C  CA  . LEU A 1 46  ? -2.092  5.629   17.862  1.00 9.87   ? 46   LEU X CA  1 
ATOM   380  C  C   . LEU A 1 46  ? -1.842  6.987   18.513  1.00 9.78   ? 46   LEU X C   1 
ATOM   381  O  O   . LEU A 1 46  ? -1.694  7.997   17.823  1.00 9.81   ? 46   LEU X O   1 
ATOM   382  C  CB  . LEU A 1 46  ? -3.561  5.240   17.983  1.00 10.12  ? 46   LEU X CB  1 
ATOM   383  C  CG  . LEU A 1 46  ? -4.557  6.232   17.394  1.00 10.67  ? 46   LEU X CG  1 
ATOM   384  C  CD1 . LEU A 1 46  ? -4.276  6.522   15.922  1.00 11.85  ? 46   LEU X CD1 1 
ATOM   385  C  CD2 . LEU A 1 46  ? -5.970  5.722   17.585  1.00 11.96  ? 46   LEU X CD2 1 
ATOM   386  N  N   . ASP A 1 47  ? -1.799  7.010   19.842  1.00 9.66   ? 47   ASP X N   1 
ATOM   387  C  CA  . ASP A 1 47  ? -1.507  8.238   20.570  1.00 9.87   ? 47   ASP X CA  1 
ATOM   388  C  C   . ASP A 1 47  ? -0.164  8.833   20.145  1.00 9.73   ? 47   ASP X C   1 
ATOM   389  O  O   . ASP A 1 47  ? -0.050  10.041  19.949  1.00 9.88   ? 47   ASP X O   1 
ATOM   390  C  CB  . ASP A 1 47  ? -1.512  7.971   22.079  1.00 10.39  ? 47   ASP X CB  1 
ATOM   391  C  CG  . ASP A 1 47  ? -2.887  7.600   22.617  1.00 11.65  ? 47   ASP X CG  1 
ATOM   392  O  OD1 . ASP A 1 47  ? -3.894  7.713   21.881  1.00 12.97  ? 47   ASP X OD1 1 
ATOM   393  O  OD2 . ASP A 1 47  ? -2.958  7.205   23.799  1.00 13.80  ? 47   ASP X OD2 1 
ATOM   394  N  N   . LYS A 1 48  ? 0.842   7.975   19.996  1.00 9.30   ? 48   LYS X N   1 
ATOM   395  C  CA  . LYS A 1 48  ? 2.167   8.395   19.549  1.00 9.33   ? 48   LYS X CA  1 
ATOM   396  C  C   . LYS A 1 48  ? 2.122   9.028   18.146  1.00 9.04   ? 48   LYS X C   1 
ATOM   397  O  O   . LYS A 1 48  ? 2.764   10.051  17.886  1.00 8.98   ? 48   LYS X O   1 
ATOM   398  C  CB  . LYS A 1 48  ? 3.117   7.193   19.599  1.00 9.21   ? 48   LYS X CB  1 
ATOM   399  C  CG  . LYS A 1 48  ? 4.572   7.498   19.284  1.00 9.00   ? 48   LYS X CG  1 
ATOM   400  C  CD  . LYS A 1 48  ? 5.531   6.402   19.787  1.00 9.64   ? 48   LYS X CD  1 
ATOM   401  C  CE  . LYS A 1 48  ? 5.148   4.983   19.363  1.00 9.77   ? 48   LYS X CE  1 
ATOM   402  N  NZ  . LYS A 1 48  ? 5.448   4.697   17.934  1.00 9.73   ? 48   LYS X NZ  1 
ATOM   403  N  N   . ALA A 1 49  ? 1.353   8.415   17.252  1.00 9.10   ? 49   ALA X N   1 
ATOM   404  C  CA  . ALA A 1 49  ? 1.239   8.888   15.876  1.00 9.13   ? 49   ALA X CA  1 
ATOM   405  C  C   . ALA A 1 49  ? 0.512   10.224  15.756  1.00 9.09   ? 49   ALA X C   1 
ATOM   406  O  O   . ALA A 1 49  ? 0.885   11.062  14.932  1.00 8.83   ? 49   ALA X O   1 
ATOM   407  C  CB  . ALA A 1 49  ? 0.541   7.840   15.029  1.00 10.09  ? 49   ALA X CB  1 
ATOM   408  N  N   . ILE A 1 50  ? -0.521  10.412  16.572  1.00 9.22   ? 50   ILE X N   1 
ATOM   409  C  CA  . ILE A 1 50  ? -1.368  11.606  16.495  1.00 10.17  ? 50   ILE X CA  1 
ATOM   410  C  C   . ILE A 1 50  ? -0.856  12.741  17.377  1.00 10.03  ? 50   ILE X C   1 
ATOM   411  O  O   . ILE A 1 50  ? -1.072  13.915  17.076  1.00 10.67  ? 50   ILE X O   1 
ATOM   412  C  CB  . ILE A 1 50  ? -2.847  11.267  16.855  1.00 10.66  ? 50   ILE X CB  1 
ATOM   413  C  CG1 . ILE A 1 50  ? -3.387  10.156  15.946  1.00 12.34  ? 50   ILE X CG1 1 
ATOM   414  C  CG2 . ILE A 1 50  ? -3.744  12.513  16.803  1.00 11.41  ? 50   ILE X CG2 1 
ATOM   415  C  CD1 . ILE A 1 50  ? -3.406  10.513  14.470  1.00 14.62  ? 50   ILE X CD1 1 
ATOM   416  N  N   . GLY A 1 51  ? -0.193  12.393  18.476  1.00 10.03  ? 51   GLY X N   1 
ATOM   417  C  CA  . GLY A 1 51  ? 0.330   13.385  19.413  1.00 9.99   ? 51   GLY X CA  1 
ATOM   418  C  C   . GLY A 1 51  ? -0.622  13.806  20.509  1.00 10.36  ? 51   GLY X C   1 
ATOM   419  O  O   . GLY A 1 51  ? -0.418  14.857  21.111  1.00 10.81  ? 51   GLY X O   1 
ATOM   420  N  N   . ARG A 1 52  ? -1.646  12.993  20.782  1.00 10.45  ? 52   ARG X N   1 
ATOM   421  C  CA  . ARG A 1 52  ? -2.600  13.266  21.865  1.00 11.06  ? 52   ARG X CA  1 
ATOM   422  C  C   . ARG A 1 52  ? -3.189  11.942  22.354  1.00 11.40  ? 52   ARG X C   1 
ATOM   423  O  O   . ARG A 1 52  ? -3.012  10.911  21.703  1.00 11.60  ? 52   ARG X O   1 
ATOM   424  C  CB  . ARG A 1 52  ? -3.719  14.208  21.381  1.00 11.50  ? 52   ARG X CB  1 
ATOM   425  C  CG  . ARG A 1 52  ? -4.664  13.571  20.362  1.00 10.89  ? 52   ARG X CG  1 
ATOM   426  C  CD  . ARG A 1 52  ? -5.714  14.544  19.804  1.00 11.26  ? 52   ARG X CD  1 
ATOM   427  N  NE  . ARG A 1 52  ? -6.565  13.883  18.814  1.00 11.84  ? 52   ARG X NE  1 
ATOM   428  C  CZ  . ARG A 1 52  ? -7.614  13.109  19.091  1.00 11.84  ? 52   ARG X CZ  1 
ATOM   429  N  NH1 . ARG A 1 52  ? -7.994  12.889  20.346  1.00 12.90  ? 52   ARG X NH1 1 
ATOM   430  N  NH2 . ARG A 1 52  ? -8.291  12.543  18.100  1.00 13.05  ? 52   ARG X NH2 1 
ATOM   431  N  N   . ASN A 1 53  ? -3.897  11.972  23.481  1.00 11.84  ? 53   ASN X N   1 
ATOM   432  C  CA  . ASN A 1 53  ? -4.597  10.788  23.982  1.00 13.42  ? 53   ASN X CA  1 
ATOM   433  C  C   . ASN A 1 53  ? -5.897  10.593  23.193  1.00 13.45  ? 53   ASN X C   1 
ATOM   434  O  O   . ASN A 1 53  ? -6.868  11.329  23.394  1.00 13.61  ? 53   ASN X O   1 
ATOM   435  C  CB  . ASN A 1 53  ? -4.875  10.931  25.485  1.00 14.35  ? 53   ASN X CB  1 
ATOM   436  C  CG  . ASN A 1 53  ? -5.309  9.623   26.144  1.00 16.65  ? 53   ASN X CG  1 
ATOM   437  O  OD1 . ASN A 1 53  ? -5.956  8.775   25.530  1.00 21.03  ? 53   ASN X OD1 1 
ATOM   438  N  ND2 . ASN A 1 53  ? -4.975  9.477   27.423  1.00 21.19  ? 53   ASN X ND2 1 
ATOM   439  N  N   . THR A 1 54  ? -5.905  9.612   22.291  1.00 14.12  ? 54   THR X N   1 
ATOM   440  C  CA  . THR A 1 54  ? -7.016  9.409   21.336  1.00 14.79  ? 54   THR X CA  1 
ATOM   441  C  C   . THR A 1 54  ? -8.080  8.403   21.786  1.00 15.30  ? 54   THR X C   1 
ATOM   442  O  O   . THR A 1 54  ? -9.206  8.413   21.272  1.00 15.56  ? 54   THR X O   1 
ATOM   443  C  CB  . THR A 1 54  ? -6.505  8.913   19.961  1.00 14.75  ? 54   THR X CB  1 
ATOM   444  O  OG1 . THR A 1 54  ? -6.018  7.569   20.095  1.00 15.36  ? 54   THR X OG1 1 
ATOM   445  C  CG2 . THR A 1 54  ? -5.416  9.818   19.412  1.00 14.99  ? 54   THR X CG2 1 
ATOM   446  N  N   . ASN A 1 55  ? -7.703  7.516   22.706  1.00 16.04  ? 55   ASN X N   1 
ATOM   447  C  CA  . ASN A 1 55  ? -8.505  6.335   23.086  1.00 16.90  ? 55   ASN X CA  1 
ATOM   448  C  C   . ASN A 1 55  ? -9.102  5.558   21.904  1.00 16.59  ? 55   ASN X C   1 
ATOM   449  O  O   . ASN A 1 55  ? -10.220 5.035   21.982  1.00 17.48  ? 55   ASN X O   1 
ATOM   450  C  CB  . ASN A 1 55  ? -9.582  6.680   24.125  1.00 17.46  ? 55   ASN X CB  1 
ATOM   451  C  CG  . ASN A 1 55  ? -10.147 5.443   24.823  1.00 19.41  ? 55   ASN X CG  1 
ATOM   452  O  OD1 . ASN A 1 55  ? -9.453  4.434   25.007  1.00 20.81  ? 55   ASN X OD1 1 
ATOM   453  N  ND2 . ASN A 1 55  ? -11.417 5.513   25.202  1.00 21.72  ? 55   ASN X ND2 1 
ATOM   454  N  N   . GLY A 1 56  ? -8.352  5.494   20.811  1.00 16.02  ? 56   GLY X N   1 
ATOM   455  C  CA  . GLY A 1 56  ? -8.736  4.672   19.675  1.00 14.70  ? 56   GLY X CA  1 
ATOM   456  C  C   . GLY A 1 56  ? -9.634  5.292   18.618  1.00 14.04  ? 56   GLY X C   1 
ATOM   457  O  O   . GLY A 1 56  ? -10.084 4.589   17.726  1.00 13.80  ? 56   GLY X O   1 
ATOM   458  N  N   . VAL A 1 57  ? -9.900  6.592   18.714  1.00 13.52  ? 57   VAL X N   1 
ATOM   459  C  CA  . VAL A 1 57  ? -10.748 7.291   17.738  1.00 13.61  ? 57   VAL X CA  1 
ATOM   460  C  C   . VAL A 1 57  ? -10.034 8.543   17.231  1.00 12.51  ? 57   VAL X C   1 
ATOM   461  O  O   . VAL A 1 57  ? -9.423  9.276   18.017  1.00 12.90  ? 57   VAL X O   1 
ATOM   462  C  CB  . VAL A 1 57  ? -12.136 7.678   18.338  1.00 14.35  ? 57   VAL X CB  1 
ATOM   463  C  CG1 . VAL A 1 57  ? -13.040 8.322   17.290  1.00 15.67  ? 57   VAL X CG1 1 
ATOM   464  C  CG2 . VAL A 1 57  ? -12.836 6.472   18.974  1.00 15.86  ? 57   VAL X CG2 1 
ATOM   465  N  N   . ILE A 1 58  ? -10.101 8.779   15.921  1.00 11.17  ? 58   ILE X N   1 
ATOM   466  C  CA  . ILE A 1 58  ? -9.503  9.970   15.317  1.00 10.77  ? 58   ILE X CA  1 
ATOM   467  C  C   . ILE A 1 58  ? -10.494 10.682  14.399  1.00 10.55  ? 58   ILE X C   1 
ATOM   468  O  O   . ILE A 1 58  ? -11.568 10.157  14.091  1.00 10.99  ? 58   ILE X O   1 
ATOM   469  C  CB  . ILE A 1 58  ? -8.175  9.655   14.547  1.00 10.54  ? 58   ILE X CB  1 
ATOM   470  C  CG1 . ILE A 1 58  ? -8.421  8.715   13.358  1.00 10.97  ? 58   ILE X CG1 1 
ATOM   471  C  CG2 . ILE A 1 58  ? -7.104  9.100   15.502  1.00 11.78  ? 58   ILE X CG2 1 
ATOM   472  C  CD1 . ILE A 1 58  ? -7.191  8.462   12.505  1.00 12.00  ? 58   ILE X CD1 1 
ATOM   473  N  N   . THR A 1 59  ? -10.126 11.883  13.971  1.00 10.22  ? 59   THR X N   1 
ATOM   474  C  CA  . THR A 1 59  ? -10.934 12.638  13.019  1.00 10.48  ? 59   THR X CA  1 
ATOM   475  C  C   . THR A 1 59  ? -10.504 12.312  11.583  1.00 10.10  ? 59   THR X C   1 
ATOM   476  O  O   . THR A 1 59  ? -9.429  11.746  11.350  1.00 10.17  ? 59   THR X O   1 
ATOM   477  C  CB  . THR A 1 59  ? -10.793 14.152  13.237  1.00 10.82  ? 59   THR X CB  1 
ATOM   478  O  OG1 . THR A 1 59  ? -9.447  14.534  12.935  1.00 10.88  ? 59   THR X OG1 1 
ATOM   479  C  CG2 . THR A 1 59  ? -11.147 14.551  14.676  1.00 11.87  ? 59   THR X CG2 1 
ATOM   480  N  N   . LYS A 1 60  ? -11.342 12.685  10.620  1.00 10.22  ? 60   LYS X N   1 
ATOM   481  C  CA  . LYS A 1 60  ? -10.992 12.518  9.215   1.00 10.35  ? 60   LYS X CA  1 
ATOM   482  C  C   . LYS A 1 60  ? -9.711  13.277  8.852   1.00 9.97   ? 60   LYS X C   1 
ATOM   483  O  O   . LYS A 1 60  ? -8.858  12.751  8.134   1.00 9.89   ? 60   LYS X O   1 
ATOM   484  C  CB  . LYS A 1 60  ? -12.150 12.946  8.321   1.00 10.89  ? 60   LYS X CB  1 
ATOM   485  C  CG  . LYS A 1 60  ? -11.944 12.601  6.854   1.00 12.22  ? 60   LYS X CG  1 
ATOM   486  C  CD  . LYS A 1 60  ? -13.156 12.982  6.026   1.00 15.04  ? 60   LYS X CD  1 
ATOM   487  C  CE  . LYS A 1 60  ? -12.991 12.578  4.572   1.00 17.09  ? 60   LYS X CE  1 
ATOM   488  N  NZ  . LYS A 1 60  ? -14.202 12.914  3.776   1.00 19.74  ? 60   LYS X NZ  1 
ATOM   489  N  N   . ASP A 1 61  ? -9.572  14.507  9.348   1.00 9.97   ? 61   ASP X N   1 
ATOM   490  C  CA  . ASP A 1 61  ? -8.364  15.285  9.092   1.00 10.46  ? 61   ASP X CA  1 
ATOM   491  C  C   . ASP A 1 61  ? -7.121  14.553  9.606   1.00 9.70   ? 61   ASP X C   1 
ATOM   492  O  O   . ASP A 1 61  ? -6.094  14.513  8.923   1.00 9.53   ? 61   ASP X O   1 
ATOM   493  C  CB  . ASP A 1 61  ? -8.440  16.665  9.756   1.00 11.43  ? 61   ASP X CB  1 
ATOM   494  C  CG  . ASP A 1 61  ? -9.395  17.632  9.058   1.00 13.32  ? 61   ASP X CG  1 
ATOM   495  O  OD1 . ASP A 1 61  ? -10.002 17.288  8.023   1.00 16.45  ? 61   ASP X OD1 1 
ATOM   496  O  OD2 . ASP A 1 61  ? -9.529  18.765  9.566   1.00 16.42  ? 61   ASP X OD2 1 
ATOM   497  N  N   . GLU A 1 62  ? -7.221  13.970  10.802  1.00 9.83   ? 62   GLU X N   1 
ATOM   498  C  CA  . GLU A 1 62  ? -6.108  13.205  11.381  1.00 9.94   ? 62   GLU X CA  1 
ATOM   499  C  C   . GLU A 1 62  ? -5.775  11.966  10.542  1.00 9.50   ? 62   GLU X C   1 
ATOM   500  O  O   . GLU A 1 62  ? -4.598  11.668  10.298  1.00 10.10  ? 62   GLU X O   1 
ATOM   501  C  CB  . GLU A 1 62  ? -6.406  12.833  12.840  1.00 9.96   ? 62   GLU X CB  1 
ATOM   502  C  CG  . GLU A 1 62  ? -6.315  14.031  13.783  1.00 10.74  ? 62   GLU X CG  1 
ATOM   503  C  CD  . GLU A 1 62  ? -6.896  13.790  15.172  1.00 10.80  ? 62   GLU X CD  1 
ATOM   504  O  OE1 . GLU A 1 62  ? -7.658  12.820  15.375  1.00 11.57  ? 62   GLU X OE1 1 
ATOM   505  O  OE2 . GLU A 1 62  ? -6.586  14.602  16.067  1.00 12.14  ? 62   GLU X OE2 1 
ATOM   506  N  N   . ALA A 1 63  ? -6.805  11.258  10.086  1.00 9.27   ? 63   ALA X N   1 
ATOM   507  C  CA  . ALA A 1 63  ? -6.617  10.098  9.220   1.00 8.99   ? 63   ALA X CA  1 
ATOM   508  C  C   . ALA A 1 63  ? -5.897  10.503  7.924   1.00 9.00   ? 63   ALA X C   1 
ATOM   509  O  O   . ALA A 1 63  ? -4.985  9.812   7.453   1.00 9.16   ? 63   ALA X O   1 
ATOM   510  C  CB  . ALA A 1 63  ? -7.959  9.445   8.903   1.00 9.07   ? 63   ALA X CB  1 
ATOM   511  N  N   . GLU A 1 64  ? -6.319  11.619  7.337   1.00 9.19   ? 64   GLU X N   1 
ATOM   512  C  CA  . GLU A 1 64  ? -5.701  12.088  6.098   1.00 9.38   ? 64   GLU X CA  1 
ATOM   513  C  C   . GLU A 1 64  ? -4.254  12.531  6.304   1.00 9.30   ? 64   GLU X C   1 
ATOM   514  O  O   . GLU A 1 64  ? -3.424  12.365  5.420   1.00 9.46   ? 64   GLU X O   1 
ATOM   515  C  CB  . GLU A 1 64  ? -6.548  13.183  5.453   1.00 9.82   ? 64   GLU X CB  1 
ATOM   516  C  CG  . GLU A 1 64  ? -7.858  12.619  4.927   1.00 10.61  ? 64   GLU X CG  1 
ATOM   517  C  CD  . GLU A 1 64  ? -8.822  13.664  4.415   1.00 12.03  ? 64   GLU X CD  1 
ATOM   518  O  OE1 . GLU A 1 64  ? -9.718  13.284  3.639   1.00 14.42  ? 64   GLU X OE1 1 
ATOM   519  O  OE2 . GLU A 1 64  ? -8.699  14.849  4.782   1.00 13.36  ? 64   GLU X OE2 1 
ATOM   520  N  N   . LYS A 1 65  ? -3.947  13.071  7.481   1.00 9.44   ? 65   LYS X N   1 
ATOM   521  C  CA  . LYS A 1 65  ? -2.576  13.450  7.800   1.00 9.78   ? 65   LYS X CA  1 
ATOM   522  C  C   . LYS A 1 65  ? -1.657  12.234  7.875   1.00 9.55   ? 65   LYS X C   1 
ATOM   523  O  O   . LYS A 1 65  ? -0.573  12.230  7.288   1.00 9.58   ? 65   LYS X O   1 
ATOM   524  C  CB  . LYS A 1 65  ? -2.527  14.244  9.103   1.00 10.24  ? 65   LYS X CB  1 
ATOM   525  C  CG  . LYS A 1 65  ? -1.153  14.753  9.479   1.00 11.80  ? 65   LYS X CG  1 
ATOM   526  C  CD  . LYS A 1 65  ? -1.256  15.630  10.715  1.00 13.78  ? 65   LYS X CD  1 
ATOM   527  C  CE  . LYS A 1 65  ? 0.097   16.033  11.250  1.00 16.63  ? 65   LYS X CE  1 
ATOM   528  N  NZ  . LYS A 1 65  ? 0.711   17.126  10.461  1.00 16.54  ? 65   LYS X NZ  1 
ATOM   529  N  N   . LEU A 1 66  ? -2.092  11.197  8.586   1.00 9.04   ? 66   LEU X N   1 
ATOM   530  C  CA  . LEU A 1 66  ? -1.312  9.960   8.627   1.00 9.44   ? 66   LEU X CA  1 
ATOM   531  C  C   . LEU A 1 66  ? -1.133  9.387   7.228   1.00 9.26   ? 66   LEU X C   1 
ATOM   532  O  O   . LEU A 1 66  ? -0.061  8.885   6.892   1.00 9.80   ? 66   LEU X O   1 
ATOM   533  C  CB  . LEU A 1 66  ? -1.953  8.912   9.540   1.00 9.71   ? 66   LEU X CB  1 
ATOM   534  C  CG  . LEU A 1 66  ? -2.050  9.248   11.031  1.00 10.43  ? 66   LEU X CG  1 
ATOM   535  C  CD1 . LEU A 1 66  ? -2.605  8.051   11.785  1.00 13.19  ? 66   LEU X CD1 1 
ATOM   536  C  CD2 . LEU A 1 66  ? -0.696  9.678   11.610  1.00 11.35  ? 66   LEU X CD2 1 
ATOM   537  N  N   . PHE A 1 67  ? -2.185  9.460   6.414   1.00 9.23   ? 67   PHE X N   1 
ATOM   538  C  CA  . PHE A 1 67  ? -2.143  8.927   5.050   1.00 9.38   ? 67   PHE X CA  1 
ATOM   539  C  C   . PHE A 1 67  ? -1.101  9.649   4.193   1.00 9.74   ? 67   PHE X C   1 
ATOM   540  O  O   . PHE A 1 67  ? -0.313  9.007   3.492   1.00 9.94   ? 67   PHE X O   1 
ATOM   541  C  CB  . PHE A 1 67  ? -3.550  9.005   4.449   1.00 9.58   ? 67   PHE X CB  1 
ATOM   542  C  CG  . PHE A 1 67  ? -3.698  8.399   3.073   1.00 8.36   ? 67   PHE X CG  1 
ATOM   543  C  CD1 . PHE A 1 67  ? -3.141  7.157   2.746   1.00 9.18   ? 67   PHE X CD1 1 
ATOM   544  C  CD2 . PHE A 1 67  ? -4.475  9.054   2.120   1.00 8.82   ? 67   PHE X CD2 1 
ATOM   545  C  CE1 . PHE A 1 67  ? -3.325  6.607   1.475   1.00 8.73   ? 67   PHE X CE1 1 
ATOM   546  C  CE2 . PHE A 1 67  ? -4.676  8.507   0.860   1.00 8.55   ? 67   PHE X CE2 1 
ATOM   547  C  CZ  . PHE A 1 67  ? -4.098  7.280   0.534   1.00 7.78   ? 67   PHE X CZ  1 
ATOM   548  N  N   . ASN A 1 68  ? -1.075  10.975  4.271   1.00 9.62   ? 68   ASN X N   1 
ATOM   549  C  CA  A ASN A 1 68  ? -0.069  11.770  3.562   0.80 10.05  ? 68   ASN X CA  1 
ATOM   550  C  CA  B ASN A 1 68  ? -0.079  11.743  3.541   0.20 9.26   ? 68   ASN X CA  1 
ATOM   551  C  C   . ASN A 1 68  ? 1.338   11.348  3.971   1.00 9.47   ? 68   ASN X C   1 
ATOM   552  O  O   . ASN A 1 68  ? 2.226   11.181  3.130   1.00 9.28   ? 68   ASN X O   1 
ATOM   553  C  CB  A ASN A 1 68  ? -0.233  13.260  3.882   0.80 10.85  ? 68   ASN X CB  1 
ATOM   554  C  CB  B ASN A 1 68  ? -0.324  13.238  3.746   0.20 9.07   ? 68   ASN X CB  1 
ATOM   555  C  CG  A ASN A 1 68  ? -1.349  13.936  3.107   0.80 12.23  ? 68   ASN X CG  1 
ATOM   556  C  CG  B ASN A 1 68  ? 0.336   14.106  2.684   0.20 8.22   ? 68   ASN X CG  1 
ATOM   557  O  OD1 A ASN A 1 68  ? -2.046  14.809  3.632   0.80 15.07  ? 68   ASN X OD1 1 
ATOM   558  O  OD1 B ASN A 1 68  ? -0.092  15.235  2.460   0.20 6.21   ? 68   ASN X OD1 1 
ATOM   559  N  ND2 A ASN A 1 68  ? -1.502  13.573  1.857   0.80 11.96  ? 68   ASN X ND2 1 
ATOM   560  N  ND2 B ASN A 1 68  ? 1.377   13.595  2.035   0.20 7.62   ? 68   ASN X ND2 1 
ATOM   561  N  N   . GLN A 1 69  ? 1.543   11.198  5.279   1.00 8.97   ? 69   GLN X N   1 
ATOM   562  C  CA  . GLN A 1 69  ? 2.835   10.768  5.801   1.00 8.82   ? 69   GLN X CA  1 
ATOM   563  C  C   . GLN A 1 69  ? 3.216   9.379   5.297   1.00 9.03   ? 69   GLN X C   1 
ATOM   564  O  O   . GLN A 1 69  ? 4.363   9.139   4.912   1.00 9.15   ? 69   GLN X O   1 
ATOM   565  C  CB  . GLN A 1 69  ? 2.830   10.784  7.329   1.00 8.65   ? 69   GLN X CB  1 
ATOM   566  C  CG  . GLN A 1 69  ? 2.750   12.192  7.879   1.00 8.55   ? 69   GLN X CG  1 
ATOM   567  C  CD  . GLN A 1 69  ? 2.658   12.296  9.386   1.00 8.31   ? 69   GLN X CD  1 
ATOM   568  O  OE1 . GLN A 1 69  ? 2.790   13.392  9.918   1.00 8.70   ? 69   GLN X OE1 1 
ATOM   569  N  NE2 . GLN A 1 69  ? 2.441   11.178  10.079  1.00 8.56   ? 69   GLN X NE2 1 
ATOM   570  N  N   . ASP A 1 70  ? 2.248   8.463   5.305   1.00 8.97   ? 70   ASP X N   1 
ATOM   571  C  CA  . ASP A 1 70  ? 2.492   7.082   4.920   1.00 9.32   ? 70   ASP X CA  1 
ATOM   572  C  C   . ASP A 1 70  ? 2.820   6.946   3.425   1.00 9.11   ? 70   ASP X C   1 
ATOM   573  O  O   . ASP A 1 70  ? 3.712   6.177   3.050   1.00 9.53   ? 70   ASP X O   1 
ATOM   574  C  CB  . ASP A 1 70  ? 1.295   6.201   5.293   1.00 9.38   ? 70   ASP X CB  1 
ATOM   575  C  CG  . ASP A 1 70  ? 1.125   6.022   6.798   1.00 9.84   ? 70   ASP X CG  1 
ATOM   576  O  OD1 . ASP A 1 70  ? 2.059   6.315   7.585   1.00 9.32   ? 70   ASP X OD1 1 
ATOM   577  O  OD2 . ASP A 1 70  ? 0.026   5.579   7.198   1.00 10.77  ? 70   ASP X OD2 1 
ATOM   578  N  N   . VAL A 1 71  ? 2.108   7.687   2.577   1.00 9.28   ? 71   VAL X N   1 
ATOM   579  C  CA  . VAL A 1 71  ? 2.405   7.677   1.139   1.00 9.50   ? 71   VAL X CA  1 
ATOM   580  C  C   . VAL A 1 71  ? 3.806   8.245   0.882   1.00 9.59   ? 71   VAL X C   1 
ATOM   581  O  O   . VAL A 1 71  ? 4.604   7.660   0.147   1.00 9.48   ? 71   VAL X O   1 
ATOM   582  C  CB  . VAL A 1 71  ? 1.327   8.431   0.311   1.00 9.53   ? 71   VAL X CB  1 
ATOM   583  C  CG1 . VAL A 1 71  ? 1.749   8.587   -1.147  1.00 9.97   ? 71   VAL X CG1 1 
ATOM   584  C  CG2 . VAL A 1 71  ? -0.019  7.722   0.401   1.00 10.28  ? 71   VAL X CG2 1 
ATOM   585  N  N   . ASP A 1 72  ? 4.095   9.388   1.497   1.00 9.87   ? 72   ASP X N   1 
ATOM   586  C  CA  . ASP A 1 72  ? 5.390   10.051  1.366   1.00 10.52  ? 72   ASP X CA  1 
ATOM   587  C  C   . ASP A 1 72  ? 6.523   9.111   1.783   1.00 10.26  ? 72   ASP X C   1 
ATOM   588  O  O   . ASP A 1 72  ? 7.507   8.936   1.055   1.00 9.84   ? 72   ASP X O   1 
ATOM   589  C  CB  . ASP A 1 72  ? 5.370   11.319  2.231   1.00 11.31  ? 72   ASP X CB  1 
ATOM   590  C  CG  . ASP A 1 72  ? 6.491   12.283  1.920   1.00 13.23  ? 72   ASP X CG  1 
ATOM   591  O  OD1 . ASP A 1 72  ? 6.732   13.170  2.766   1.00 15.44  ? 72   ASP X OD1 1 
ATOM   592  O  OD2 . ASP A 1 72  ? 7.113   12.182  0.846   1.00 17.36  ? 72   ASP X OD2 1 
ATOM   593  N  N   . ALA A 1 73  ? 6.368   8.476   2.942   1.00 10.38  ? 73   ALA X N   1 
ATOM   594  C  CA  . ALA A 1 73  ? 7.382   7.560   3.450   1.00 11.05  ? 73   ALA X CA  1 
ATOM   595  C  C   . ALA A 1 73  ? 7.560   6.332   2.547   1.00 10.58  ? 73   ALA X C   1 
ATOM   596  O  O   . ALA A 1 73  ? 8.679   5.849   2.376   1.00 10.20  ? 73   ALA X O   1 
ATOM   597  C  CB  . ALA A 1 73  ? 7.057   7.142   4.872   1.00 11.64  ? 73   ALA X CB  1 
ATOM   598  N  N   . ALA A 1 74  ? 6.469   5.827   1.968   1.00 10.79  ? 74   ALA X N   1 
ATOM   599  C  CA  . ALA A 1 74  ? 6.552   4.709   1.024   1.00 11.29  ? 74   ALA X CA  1 
ATOM   600  C  C   . ALA A 1 74  ? 7.411   5.075   -0.191  1.00 11.63  ? 74   ALA X C   1 
ATOM   601  O  O   . ALA A 1 74  ? 8.302   4.320   -0.585  1.00 12.22  ? 74   ALA X O   1 
ATOM   602  C  CB  . ALA A 1 74  ? 5.158   4.259   0.590   1.00 11.06  ? 74   ALA X CB  1 
ATOM   603  N  N   . VAL A 1 75  ? 7.151   6.249   -0.765  1.00 11.65  ? 75   VAL X N   1 
ATOM   604  C  CA  . VAL A 1 75  ? 7.903   6.741   -1.928  1.00 12.63  ? 75   VAL X CA  1 
ATOM   605  C  C   . VAL A 1 75  ? 9.378   6.953   -1.576  1.00 12.96  ? 75   VAL X C   1 
ATOM   606  O  O   . VAL A 1 75  ? 10.280  6.506   -2.297  1.00 13.57  ? 75   VAL X O   1 
ATOM   607  C  CB  . VAL A 1 75  ? 7.294   8.074   -2.468  1.00 12.40  ? 75   VAL X CB  1 
ATOM   608  C  CG1 . VAL A 1 75  ? 8.184   8.711   -3.541  1.00 14.15  ? 75   VAL X CG1 1 
ATOM   609  C  CG2 . VAL A 1 75  ? 5.885   7.847   -3.000  1.00 13.26  ? 75   VAL X CG2 1 
ATOM   610  N  N   . ARG A 1 76  ? 9.623   7.633   -0.463  1.00 13.12  ? 76   ARG X N   1 
ATOM   611  C  CA  . ARG A 1 76  ? 10.995  7.893   -0.033  1.00 13.43  ? 76   ARG X CA  1 
ATOM   612  C  C   . ARG A 1 76  ? 11.769  6.595   0.223   1.00 13.30  ? 76   ARG X C   1 
ATOM   613  O  O   . ARG A 1 76  ? 12.950  6.496   -0.113  1.00 13.69  ? 76   ARG X O   1 
ATOM   614  C  CB  . ARG A 1 76  ? 11.024  8.824   1.186   1.00 13.48  ? 76   ARG X CB  1 
ATOM   615  C  CG  . ARG A 1 76  ? 10.539  10.261  0.912   1.00 14.59  ? 76   ARG X CG  1 
ATOM   616  C  CD  . ARG A 1 76  ? 11.296  10.945  -0.234  1.00 16.68  ? 76   ARG X CD  1 
ATOM   617  N  NE  . ARG A 1 76  ? 12.707  11.195  0.068   1.00 17.52  ? 76   ARG X NE  1 
ATOM   618  C  CZ  . ARG A 1 76  ? 13.170  12.279  0.691   1.00 17.21  ? 76   ARG X CZ  1 
ATOM   619  N  NH1 . ARG A 1 76  ? 14.471  12.413  0.909   1.00 16.93  ? 76   ARG X NH1 1 
ATOM   620  N  NH2 . ARG A 1 76  ? 12.338  13.230  1.099   1.00 17.85  ? 76   ARG X NH2 1 
ATOM   621  N  N   . GLY A 1 77  ? 11.091  5.596   0.782   1.00 12.93  ? 77   GLY X N   1 
ATOM   622  C  CA  . GLY A 1 77  ? 11.682  4.275   0.994   1.00 12.94  ? 77   GLY X CA  1 
ATOM   623  C  C   . GLY A 1 77  ? 12.091  3.595   -0.303  1.00 13.12  ? 77   GLY X C   1 
ATOM   624  O  O   . GLY A 1 77  ? 13.170  2.996   -0.388  1.00 13.36  ? 77   GLY X O   1 
ATOM   625  N  N   . ILE A 1 78  ? 11.236  3.690   -1.324  1.00 12.81  ? 78   ILE X N   1 
ATOM   626  C  CA  . ILE A 1 78  ? 11.548  3.154   -2.648  1.00 13.04  ? 78   ILE X CA  1 
ATOM   627  C  C   . ILE A 1 78  ? 12.830  3.786   -3.191  1.00 13.14  ? 78   ILE X C   1 
ATOM   628  O  O   . ILE A 1 78  ? 13.734  3.088   -3.664  1.00 13.23  ? 78   ILE X O   1 
ATOM   629  C  CB  . ILE A 1 78  ? 10.380  3.378   -3.643  1.00 12.88  ? 78   ILE X CB  1 
ATOM   630  C  CG1 . ILE A 1 78  ? 9.185   2.489   -3.276  1.00 13.16  ? 78   ILE X CG1 1 
ATOM   631  C  CG2 . ILE A 1 78  ? 10.830  3.104   -5.070  1.00 13.36  ? 78   ILE X CG2 1 
ATOM   632  C  CD1 . ILE A 1 78  ? 7.887   2.875   -3.974  1.00 13.31  ? 78   ILE X CD1 1 
ATOM   633  N  N   . LEU A 1 79  ? 12.907  5.108   -3.108  1.00 13.23  ? 79   LEU X N   1 
ATOM   634  C  CA  . LEU A 1 79  ? 14.034  5.836   -3.680  1.00 13.60  ? 79   LEU X CA  1 
ATOM   635  C  C   . LEU A 1 79  ? 15.346  5.564   -2.938  1.00 13.75  ? 79   LEU X C   1 
ATOM   636  O  O   . LEU A 1 79  ? 16.422  5.640   -3.531  1.00 14.28  ? 79   LEU X O   1 
ATOM   637  C  CB  . LEU A 1 79  ? 13.724  7.335   -3.757  1.00 13.82  ? 79   LEU X CB  1 
ATOM   638  C  CG  . LEU A 1 79  ? 12.526  7.729   -4.637  1.00 14.05  ? 79   LEU X CG  1 
ATOM   639  C  CD1 . LEU A 1 79  ? 12.255  9.223   -4.549  1.00 15.61  ? 79   LEU X CD1 1 
ATOM   640  C  CD2 . LEU A 1 79  ? 12.706  7.301   -6.098  1.00 15.48  ? 79   LEU X CD2 1 
ATOM   641  N  N   . ARG A 1 80  ? 15.249  5.213   -1.657  1.00 13.77  ? 80   ARG X N   1 
ATOM   642  C  CA  . ARG A 1 80  ? 16.432  4.901   -0.848  1.00 13.95  ? 80   ARG X CA  1 
ATOM   643  C  C   . ARG A 1 80  ? 16.884  3.447   -0.976  1.00 13.74  ? 80   ARG X C   1 
ATOM   644  O  O   . ARG A 1 80  ? 17.942  3.069   -0.468  1.00 13.94  ? 80   ARG X O   1 
ATOM   645  C  CB  . ARG A 1 80  ? 16.184  5.246   0.625   1.00 14.30  ? 80   ARG X CB  1 
ATOM   646  C  CG  . ARG A 1 80  ? 16.272  6.735   0.935   1.00 16.66  ? 80   ARG X CG  1 
ATOM   647  C  CD  . ARG A 1 80  ? 16.325  6.989   2.435   1.00 20.22  ? 80   ARG X CD  1 
ATOM   648  N  NE  . ARG A 1 80  ? 15.225  6.326   3.129   1.00 22.37  ? 80   ARG X NE  1 
ATOM   649  C  CZ  . ARG A 1 80  ? 14.115  6.926   3.543   1.00 23.17  ? 80   ARG X CZ  1 
ATOM   650  N  NH1 . ARG A 1 80  ? 13.937  8.231   3.363   1.00 23.90  ? 80   ARG X NH1 1 
ATOM   651  N  NH2 . ARG A 1 80  ? 13.180  6.213   4.155   1.00 23.38  ? 80   ARG X NH2 1 
ATOM   652  N  N   . ASN A 1 81  ? 16.078  2.642   -1.659  1.00 13.68  ? 81   ASN X N   1 
ATOM   653  C  CA  . ASN A 1 81  ? 16.368  1.237   -1.859  1.00 13.95  ? 81   ASN X CA  1 
ATOM   654  C  C   . ASN A 1 81  ? 17.128  1.090   -3.175  1.00 13.89  ? 81   ASN X C   1 
ATOM   655  O  O   . ASN A 1 81  ? 16.562  1.270   -4.254  1.00 13.87  ? 81   ASN X O   1 
ATOM   656  C  CB  . ASN A 1 81  ? 15.052  0.458   -1.866  1.00 14.22  ? 81   ASN X CB  1 
ATOM   657  C  CG  . ASN A 1 81  ? 15.250  -1.039  -1.928  1.00 14.81  ? 81   ASN X CG  1 
ATOM   658  O  OD1 . ASN A 1 81  ? 16.050  -1.544  -2.716  1.00 15.33  ? 81   ASN X OD1 1 
ATOM   659  N  ND2 . ASN A 1 81  ? 14.497  -1.762  -1.109  1.00 16.98  ? 81   ASN X ND2 1 
ATOM   660  N  N   . ALA A 1 82  ? 18.417  0.776   -3.071  1.00 13.89  ? 82   ALA X N   1 
ATOM   661  C  CA  . ALA A 1 82  ? 19.324  0.787   -4.222  1.00 14.07  ? 82   ALA X CA  1 
ATOM   662  C  C   . ALA A 1 82  ? 18.905  -0.148  -5.351  1.00 14.10  ? 82   ALA X C   1 
ATOM   663  O  O   . ALA A 1 82  ? 19.164  0.134   -6.521  1.00 14.34  ? 82   ALA X O   1 
ATOM   664  C  CB  . ALA A 1 82  ? 20.748  0.474   -3.779  1.00 14.15  ? 82   ALA X CB  1 
ATOM   665  N  N   . LYS A 1 83  ? 18.267  -1.262  -4.993  1.00 13.87  ? 83   LYS X N   1 
ATOM   666  C  CA  . LYS A 1 83  ? 17.809  -2.243  -5.971  1.00 14.16  ? 83   LYS X CA  1 
ATOM   667  C  C   . LYS A 1 83  ? 16.447  -1.878  -6.555  1.00 13.93  ? 83   LYS X C   1 
ATOM   668  O  O   . LYS A 1 83  ? 16.201  -2.127  -7.734  1.00 14.34  ? 83   LYS X O   1 
ATOM   669  C  CB  . LYS A 1 83  ? 17.752  -3.643  -5.351  1.00 14.45  ? 83   LYS X CB  1 
ATOM   670  C  CG  . LYS A 1 83  ? 19.102  -4.214  -4.942  1.00 15.26  ? 83   LYS X CG  1 
ATOM   671  C  CD  . LYS A 1 83  ? 18.945  -5.588  -4.302  1.00 16.93  ? 83   LYS X CD  1 
ATOM   672  C  CE  . LYS A 1 83  ? 20.169  -5.967  -3.478  1.00 18.19  ? 83   LYS X CE  1 
ATOM   673  N  NZ  . LYS A 1 83  ? 20.284  -5.138  -2.240  1.00 19.69  ? 83   LYS X NZ  1 
ATOM   674  N  N   . LEU A 1 84  ? 15.567  -1.297  -5.736  1.00 13.25  ? 84   LEU X N   1 
ATOM   675  C  CA  . LEU A 1 84  ? 14.201  -0.979  -6.161  1.00 12.57  ? 84   LEU X CA  1 
ATOM   676  C  C   . LEU A 1 84  ? 14.090  0.332   -6.946  1.00 11.67  ? 84   LEU X C   1 
ATOM   677  O  O   . LEU A 1 84  ? 13.263  0.468   -7.853  1.00 11.32  ? 84   LEU X O   1 
ATOM   678  C  CB  . LEU A 1 84  ? 13.248  -0.978  -4.967  1.00 13.19  ? 84   LEU X CB  1 
ATOM   679  C  CG  . LEU A 1 84  ? 11.758  -0.847  -5.266  1.00 13.59  ? 84   LEU X CG  1 
ATOM   680  C  CD1 . LEU A 1 84  ? 11.279  -1.961  -6.189  1.00 13.94  ? 84   LEU X CD1 1 
ATOM   681  C  CD2 . LEU A 1 84  ? 10.972  -0.857  -3.968  1.00 14.71  ? 84   LEU X CD2 1 
ATOM   682  N  N   . LYS A 1 85  ? 14.929  1.298   -6.594  1.00 10.38  ? 85   LYS X N   1 
ATOM   683  C  CA  . LYS A 1 85  ? 14.917  2.594   -7.271  1.00 10.25  ? 85   LYS X CA  1 
ATOM   684  C  C   . LYS A 1 85  ? 15.008  2.500   -8.804  1.00 10.10  ? 85   LYS X C   1 
ATOM   685  O  O   . LYS A 1 85  ? 14.223  3.146   -9.497  1.00 9.95   ? 85   LYS X O   1 
ATOM   686  C  CB  . LYS A 1 85  ? 15.995  3.522   -6.706  1.00 10.46  ? 85   LYS X CB  1 
ATOM   687  C  CG  . LYS A 1 85  ? 16.004  4.900   -7.341  1.00 10.93  ? 85   LYS X CG  1 
ATOM   688  C  CD  . LYS A 1 85  ? 17.130  5.749   -6.779  1.00 13.57  ? 85   LYS X CD  1 
ATOM   689  C  CE  . LYS A 1 85  ? 17.063  7.173   -7.303  1.00 15.80  ? 85   LYS X CE  1 
ATOM   690  N  NZ  . LYS A 1 85  ? 17.443  7.256   -8.737  1.00 18.42  ? 85   LYS X NZ  1 
ATOM   691  N  N   . PRO A 1 86  ? 15.963  1.710   -9.348  1.00 10.63  ? 86   PRO X N   1 
ATOM   692  C  CA  . PRO A 1 86  ? 16.018  1.601   -10.814 1.00 10.81  ? 86   PRO X CA  1 
ATOM   693  C  C   . PRO A 1 86  ? 14.731  1.071   -11.451 1.00 10.39  ? 86   PRO X C   1 
ATOM   694  O  O   . PRO A 1 86  ? 14.352  1.504   -12.535 1.00 10.03  ? 86   PRO X O   1 
ATOM   695  C  CB  . PRO A 1 86  ? 17.194  0.643   -11.065 1.00 11.83  ? 86   PRO X CB  1 
ATOM   696  C  CG  . PRO A 1 86  ? 17.970  0.629   -9.825  1.00 12.81  ? 86   PRO X CG  1 
ATOM   697  C  CD  . PRO A 1 86  ? 17.047  0.947   -8.702  1.00 11.19  ? 86   PRO X CD  1 
ATOM   698  N  N   . VAL A 1 87  ? 14.061  0.135   -10.789 1.00 10.43  ? 87   VAL X N   1 
ATOM   699  C  CA  . VAL A 1 87  ? 12.813  -0.394  -11.320 1.00 10.94  ? 87   VAL X CA  1 
ATOM   700  C  C   . VAL A 1 87  ? 11.766  0.724   -11.335 1.00 10.08  ? 87   VAL X C   1 
ATOM   701  O  O   . VAL A 1 87  ? 11.109  0.979   -12.352 1.00 9.94   ? 87   VAL X O   1 
ATOM   702  C  CB  . VAL A 1 87  ? 12.316  -1.611  -10.500 1.00 11.88  ? 87   VAL X CB  1 
ATOM   703  C  CG1 . VAL A 1 87  ? 11.005  -2.134  -11.062 1.00 12.98  ? 87   VAL X CG1 1 
ATOM   704  C  CG2 . VAL A 1 87  ? 13.374  -2.712  -10.468 1.00 12.75  ? 87   VAL X CG2 1 
ATOM   705  N  N   . TYR A 1 88  ? 11.630  1.410   -10.207 1.00 9.97   ? 88   TYR X N   1 
ATOM   706  C  CA  . TYR A 1 88  ? 10.691  2.507   -10.084 1.00 10.04  ? 88   TYR X CA  1 
ATOM   707  C  C   . TYR A 1 88  ? 10.962  3.603   -11.129 1.00 9.98   ? 88   TYR X C   1 
ATOM   708  O  O   . TYR A 1 88  ? 10.036  4.082   -11.803 1.00 10.10  ? 88   TYR X O   1 
ATOM   709  C  CB  . TYR A 1 88  ? 10.748  3.050   -8.656  1.00 10.74  ? 88   TYR X CB  1 
ATOM   710  C  CG  . TYR A 1 88  ? 9.773   4.147   -8.371  1.00 10.99  ? 88   TYR X CG  1 
ATOM   711  C  CD1 . TYR A 1 88  ? 8.447   3.867   -8.040  1.00 11.12  ? 88   TYR X CD1 1 
ATOM   712  C  CD2 . TYR A 1 88  ? 10.175  5.469   -8.422  1.00 12.02  ? 88   TYR X CD2 1 
ATOM   713  C  CE1 . TYR A 1 88  ? 7.553   4.887   -7.770  1.00 11.77  ? 88   TYR X CE1 1 
ATOM   714  C  CE2 . TYR A 1 88  ? 9.294   6.492   -8.157  1.00 12.80  ? 88   TYR X CE2 1 
ATOM   715  C  CZ  . TYR A 1 88  ? 7.983   6.195   -7.835  1.00 12.46  ? 88   TYR X CZ  1 
ATOM   716  O  OH  . TYR A 1 88  ? 7.100   7.211   -7.575  1.00 13.92  ? 88   TYR X OH  1 
ATOM   717  N  N   . ASP A 1 89  ? 12.232  3.983   -11.279 1.00 9.62   ? 89   ASP X N   1 
ATOM   718  C  CA  . ASP A 1 89  ? 12.618  5.018   -12.240 1.00 10.31  ? 89   ASP X CA  1 
ATOM   719  C  C   . ASP A 1 89  ? 12.309  4.628   -13.685 1.00 9.76   ? 89   ASP X C   1 
ATOM   720  O  O   . ASP A 1 89  ? 12.089  5.495   -14.525 1.00 10.41  ? 89   ASP X O   1 
ATOM   721  C  CB  . ASP A 1 89  ? 14.102  5.360   -12.102 1.00 10.70  ? 89   ASP X CB  1 
ATOM   722  C  CG  . ASP A 1 89  ? 14.410  6.175   -10.864 1.00 13.12  ? 89   ASP X CG  1 
ATOM   723  O  OD1 . ASP A 1 89  ? 13.473  6.710   -10.234 1.00 15.26  ? 89   ASP X OD1 1 
ATOM   724  O  OD2 . ASP A 1 89  ? 15.609  6.285   -10.539 1.00 16.45  ? 89   ASP X OD2 1 
ATOM   725  N  N   . SER A 1 90  ? 12.277  3.329   -13.968 1.00 9.02   ? 90   SER X N   1 
ATOM   726  C  CA  . SER A 1 90  ? 12.024  2.859   -15.327 1.00 8.86   ? 90   SER X CA  1 
ATOM   727  C  C   . SER A 1 90  ? 10.553  2.958   -15.733 1.00 8.86   ? 90   SER X C   1 
ATOM   728  O  O   . SER A 1 90  ? 10.232  2.885   -16.918 1.00 9.05   ? 90   SER X O   1 
ATOM   729  C  CB  . SER A 1 90  ? 12.525  1.423   -15.490 1.00 8.99   ? 90   SER X CB  1 
ATOM   730  O  OG  . SER A 1 90  ? 11.626  0.480   -14.921 1.00 9.40   ? 90   SER X OG  1 
ATOM   731  N  N   . LEU A 1 91  ? 9.667   3.112   -14.750 1.00 9.10   ? 91   LEU X N   1 
ATOM   732  C  CA  . LEU A 1 91  ? 8.226   3.099   -14.977 1.00 9.36   ? 91   LEU X CA  1 
ATOM   733  C  C   . LEU A 1 91  ? 7.642   4.461   -15.326 1.00 9.24   ? 91   LEU X C   1 
ATOM   734  O  O   . LEU A 1 91  ? 8.174   5.498   -14.929 1.00 9.68   ? 91   LEU X O   1 
ATOM   735  C  CB  . LEU A 1 91  ? 7.507   2.559   -13.736 1.00 9.43   ? 91   LEU X CB  1 
ATOM   736  C  CG  . LEU A 1 91  ? 7.826   1.130   -13.297 1.00 9.92   ? 91   LEU X CG  1 
ATOM   737  C  CD1 . LEU A 1 91  ? 7.223   0.851   -11.927 1.00 11.40  ? 91   LEU X CD1 1 
ATOM   738  C  CD2 . LEU A 1 91  ? 7.346   0.102   -14.321 1.00 11.13  ? 91   LEU X CD2 1 
ATOM   739  N  N   . ASP A 1 92  ? 6.529   4.432   -16.058 1.00 9.22   ? 92   ASP X N   1 
ATOM   740  C  CA  . ASP A 1 92  ? 5.669   5.602   -16.266 1.00 9.15   ? 92   ASP X CA  1 
ATOM   741  C  C   . ASP A 1 92  ? 4.902   5.938   -14.967 1.00 9.24   ? 92   ASP X C   1 
ATOM   742  O  O   . ASP A 1 92  ? 4.868   5.142   -14.023 1.00 9.06   ? 92   ASP X O   1 
ATOM   743  C  CB  . ASP A 1 92  ? 4.665   5.283   -17.366 1.00 9.54   ? 92   ASP X CB  1 
ATOM   744  C  CG  . ASP A 1 92  ? 3.829   4.074   -17.022 1.00 9.65   ? 92   ASP X CG  1 
ATOM   745  O  OD1 . ASP A 1 92  ? 4.298   2.948   -17.301 1.00 10.55  ? 92   ASP X OD1 1 
ATOM   746  O  OD2 . ASP A 1 92  ? 2.736   4.244   -16.428 1.00 10.65  ? 92   ASP X OD2 1 
ATOM   747  N  N   . ALA A 1 93  ? 4.245   7.095   -14.932 1.00 9.97   ? 93   ALA X N   1 
ATOM   748  C  CA  . ALA A 1 93  ? 3.589   7.577   -13.709 1.00 10.02  ? 93   ALA X CA  1 
ATOM   749  C  C   . ALA A 1 93  ? 2.471   6.670   -13.185 1.00 9.64   ? 93   ALA X C   1 
ATOM   750  O  O   . ALA A 1 93  ? 2.294   6.551   -11.974 1.00 9.92   ? 93   ALA X O   1 
ATOM   751  C  CB  . ALA A 1 93  ? 3.069   9.004   -13.903 1.00 11.21  ? 93   ALA X CB  1 
ATOM   752  N  N   . VAL A 1 94  ? 1.714   6.044   -14.082 1.00 9.00   ? 94   VAL X N   1 
ATOM   753  C  CA  . VAL A 1 94  ? 0.612   5.179   -13.651 1.00 8.92   ? 94   VAL X CA  1 
ATOM   754  C  C   . VAL A 1 94  ? 1.166   3.900   -13.011 1.00 8.43   ? 94   VAL X C   1 
ATOM   755  O  O   . VAL A 1 94  ? 0.734   3.493   -11.928 1.00 8.68   ? 94   VAL X O   1 
ATOM   756  C  CB  . VAL A 1 94  ? -0.356  4.867   -14.807 1.00 9.19   ? 94   VAL X CB  1 
ATOM   757  C  CG1 . VAL A 1 94  ? -1.441  3.907   -14.349 1.00 9.63   ? 94   VAL X CG1 1 
ATOM   758  C  CG2 . VAL A 1 94  ? -0.973  6.156   -15.353 1.00 10.36  ? 94   VAL X CG2 1 
ATOM   759  N  N   . ARG A 1 95  ? 2.154   3.289   -13.654 1.00 8.36   ? 95   ARG X N   1 
ATOM   760  C  CA  . ARG A 1 95  ? 2.769   2.100   -13.090 1.00 8.52   ? 95   ARG X CA  1 
ATOM   761  C  C   . ARG A 1 95  ? 3.565   2.406   -11.819 1.00 8.13   ? 95   ARG X C   1 
ATOM   762  O  O   . ARG A 1 95  ? 3.640   1.560   -10.923 1.00 8.37   ? 95   ARG X O   1 
ATOM   763  C  CB  . ARG A 1 95  ? 3.601   1.378   -14.142 1.00 8.40   ? 95   ARG X CB  1 
ATOM   764  C  CG  . ARG A 1 95  ? 2.759   0.825   -15.292 1.00 8.54   ? 95   ARG X CG  1 
ATOM   765  C  CD  . ARG A 1 95  ? 3.597   -0.035  -16.205 1.00 9.32   ? 95   ARG X CD  1 
ATOM   766  N  NE  . ARG A 1 95  ? 2.850   -0.730  -17.251 1.00 8.73   ? 95   ARG X NE  1 
ATOM   767  C  CZ  . ARG A 1 95  ? 2.594   -0.252  -18.468 1.00 8.24   ? 95   ARG X CZ  1 
ATOM   768  N  NH1 . ARG A 1 95  ? 2.972   0.973   -18.812 1.00 8.90   ? 95   ARG X NH1 1 
ATOM   769  N  NH2 . ARG A 1 95  ? 1.933   -1.007  -19.339 1.00 8.30   ? 95   ARG X NH2 1 
ATOM   770  N  N   . ARG A 1 96  ? 4.136   3.612   -11.718 1.00 8.24   ? 96   ARG X N   1 
ATOM   771  C  CA  . ARG A 1 96  ? 4.749   4.039   -10.459 1.00 8.45   ? 96   ARG X CA  1 
ATOM   772  C  C   . ARG A 1 96  ? 3.733   4.019   -9.314  1.00 8.31   ? 96   ARG X C   1 
ATOM   773  O  O   . ARG A 1 96  ? 4.061   3.623   -8.196  1.00 8.63   ? 96   ARG X O   1 
ATOM   774  C  CB  . ARG A 1 96  ? 5.387   5.428   -10.576 1.00 8.98   ? 96   ARG X CB  1 
ATOM   775  C  CG  . ARG A 1 96  ? 6.714   5.436   -11.320 1.00 9.01   ? 96   ARG X CG  1 
ATOM   776  C  CD  . ARG A 1 96  ? 7.290   6.834   -11.442 1.00 10.38  ? 96   ARG X CD  1 
ATOM   777  N  NE  . ARG A 1 96  ? 8.559   6.765   -12.164 1.00 10.80  ? 96   ARG X NE  1 
ATOM   778  C  CZ  . ARG A 1 96  ? 9.144   7.783   -12.782 1.00 11.91  ? 96   ARG X CZ  1 
ATOM   779  N  NH1 . ARG A 1 96  ? 8.584   8.983   -12.769 1.00 13.85  ? 96   ARG X NH1 1 
ATOM   780  N  NH2 . ARG A 1 96  ? 10.293  7.594   -13.422 1.00 12.04  ? 96   ARG X NH2 1 
ATOM   781  N  N   . ALA A 1 97  ? 2.506   4.466   -9.588  1.00 8.25   ? 97   ALA X N   1 
ATOM   782  C  CA  . ALA A 1 97  ? 1.447   4.422   -8.580  1.00 8.32   ? 97   ALA X CA  1 
ATOM   783  C  C   . ALA A 1 97  ? 1.156   2.980   -8.150  1.00 8.29   ? 97   ALA X C   1 
ATOM   784  O  O   . ALA A 1 97  ? 0.983   2.716   -6.961  1.00 8.38   ? 97   ALA X O   1 
ATOM   785  C  CB  . ALA A 1 97  ? 0.195   5.118   -9.081  1.00 8.67   ? 97   ALA X CB  1 
ATOM   786  N  N   . ALA A 1 98  ? 1.111   2.048   -9.104  1.00 8.15   ? 98   ALA X N   1 
ATOM   787  C  CA  . ALA A 1 98  ? 0.931   0.636   -8.758  1.00 8.31   ? 98   ALA X CA  1 
ATOM   788  C  C   . ALA A 1 98  ? 2.056   0.139   -7.843  1.00 8.22   ? 98   ALA X C   1 
ATOM   789  O  O   . ALA A 1 98  ? 1.802   -0.584  -6.872  1.00 8.52   ? 98   ALA X O   1 
ATOM   790  C  CB  . ALA A 1 98  ? 0.814   -0.219  -10.020 1.00 8.64   ? 98   ALA X CB  1 
ATOM   791  N  N   . ALA A 1 99  ? 3.294   0.547   -8.135  1.00 8.52   ? 99   ALA X N   1 
ATOM   792  C  CA  . ALA A 1 99  ? 4.430   0.173   -7.290  1.00 8.83   ? 99   ALA X CA  1 
ATOM   793  C  C   . ALA A 1 99  ? 4.308   0.733   -5.874  1.00 8.48   ? 99   ALA X C   1 
ATOM   794  O  O   . ALA A 1 99  ? 4.577   0.031   -4.895  1.00 8.81   ? 99   ALA X O   1 
ATOM   795  C  CB  . ALA A 1 99  ? 5.745   0.595   -7.929  1.00 9.53   ? 99   ALA X CB  1 
ATOM   796  N  N   . ILE A 1 100 ? 3.898   1.995   -5.753  1.00 8.28   ? 100  ILE X N   1 
ATOM   797  C  CA  . ILE A 1 100 ? 3.696   2.593   -4.433  1.00 8.41   ? 100  ILE X CA  1 
ATOM   798  C  C   . ILE A 1 100 ? 2.610   1.842   -3.662  1.00 8.08   ? 100  ILE X C   1 
ATOM   799  O  O   . ILE A 1 100 ? 2.749   1.602   -2.464  1.00 8.41   ? 100  ILE X O   1 
ATOM   800  C  CB  . ILE A 1 100 ? 3.371   4.099   -4.523  1.00 8.48   ? 100  ILE X CB  1 
ATOM   801  C  CG1 . ILE A 1 100 ? 4.540   4.861   -5.162  1.00 9.24   ? 100  ILE X CG1 1 
ATOM   802  C  CG2 . ILE A 1 100 ? 3.057   4.669   -3.133  1.00 9.26   ? 100  ILE X CG2 1 
ATOM   803  C  CD1 . ILE A 1 100 ? 4.157   6.228   -5.688  1.00 10.76  ? 100  ILE X CD1 1 
ATOM   804  N  N   . ASN A 1 101 ? 1.532   1.478   -4.350  1.00 8.01   ? 101  ASN X N   1 
ATOM   805  C  CA  . ASN A 1 101 ? 0.437   0.738   -3.734  1.00 8.21   ? 101  ASN X CA  1 
ATOM   806  C  C   . ASN A 1 101 ? 0.932   -0.576  -3.127  1.00 7.98   ? 101  ASN X C   1 
ATOM   807  O  O   . ASN A 1 101 ? 0.673   -0.871  -1.955  1.00 8.26   ? 101  ASN X O   1 
ATOM   808  C  CB  . ASN A 1 101 ? -0.654  0.499   -4.782  1.00 8.33   ? 101  ASN X CB  1 
ATOM   809  C  CG  . ASN A 1 101 ? -1.964  0.004   -4.193  1.00 8.06   ? 101  ASN X CG  1 
ATOM   810  O  OD1 . ASN A 1 101 ? -1.999  -0.952  -3.424  1.00 8.73   ? 101  ASN X OD1 1 
ATOM   811  N  ND2 . ASN A 1 101 ? -3.061  0.626   -4.603  1.00 8.43   ? 101  ASN X ND2 1 
ATOM   812  N  N   . LEU A 1 102 ? 1.666   -1.353  -3.918  1.00 8.50   ? 102  LEU X N   1 
ATOM   813  C  CA  . LEU A 1 102 ? 2.199   -2.626  -3.449  1.00 8.70   ? 102  LEU X CA  1 
ATOM   814  C  C   . LEU A 1 102 ? 3.149   -2.448  -2.257  1.00 8.37   ? 102  LEU X C   1 
ATOM   815  O  O   . LEU A 1 102 ? 3.047   -3.161  -1.251  1.00 8.51   ? 102  LEU X O   1 
ATOM   816  C  CB  . LEU A 1 102 ? 2.889   -3.365  -4.597  1.00 9.55   ? 102  LEU X CB  1 
ATOM   817  C  CG  . LEU A 1 102 ? 3.507   -4.725  -4.252  1.00 9.67   ? 102  LEU X CG  1 
ATOM   818  C  CD1 . LEU A 1 102 ? 2.468   -5.729  -3.731  1.00 11.11  ? 102  LEU X CD1 1 
ATOM   819  C  CD2 . LEU A 1 102 ? 4.244   -5.271  -5.454  1.00 11.99  ? 102  LEU X CD2 1 
ATOM   820  N  N   . VAL A 1 103 ? 4.051   -1.474  -2.359  1.00 8.45   ? 103  VAL X N   1 
ATOM   821  C  CA  . VAL A 1 103 ? 4.988   -1.184  -1.282  1.00 8.61   ? 103  VAL X CA  1 
ATOM   822  C  C   . VAL A 1 103 ? 4.236   -0.777  -0.010  1.00 8.31   ? 103  VAL X C   1 
ATOM   823  O  O   . VAL A 1 103 ? 4.582   -1.219  1.090   1.00 8.58   ? 103  VAL X O   1 
ATOM   824  C  CB  . VAL A 1 103 ? 6.013   -0.111  -1.732  1.00 9.27   ? 103  VAL X CB  1 
ATOM   825  C  CG1 . VAL A 1 103 ? 6.772   0.494   -0.544  1.00 10.40  ? 103  VAL X CG1 1 
ATOM   826  C  CG2 . VAL A 1 103 ? 6.980   -0.702  -2.760  1.00 9.96   ? 103  VAL X CG2 1 
ATOM   827  N  N   . PHE A 1 104 ? 3.203   0.050   -0.165  1.00 8.24   ? 104  PHE X N   1 
ATOM   828  C  CA  . PHE A 1 104 ? 2.370   0.497   0.959   1.00 8.38   ? 104  PHE X CA  1 
ATOM   829  C  C   . PHE A 1 104 ? 1.715   -0.714  1.654   1.00 8.07   ? 104  PHE X C   1 
ATOM   830  O  O   . PHE A 1 104 ? 1.766   -0.846  2.878   1.00 8.65   ? 104  PHE X O   1 
ATOM   831  C  CB  . PHE A 1 104 ? 1.332   1.489   0.416   1.00 8.39   ? 104  PHE X CB  1 
ATOM   832  C  CG  . PHE A 1 104 ? 0.462   2.152   1.454   1.00 8.31   ? 104  PHE X CG  1 
ATOM   833  C  CD1 . PHE A 1 104 ? -0.587  1.466   2.058   1.00 9.41   ? 104  PHE X CD1 1 
ATOM   834  C  CD2 . PHE A 1 104 ? 0.631   3.503   1.751   1.00 8.90   ? 104  PHE X CD2 1 
ATOM   835  C  CE1 . PHE A 1 104 ? -1.418  2.097   2.977   1.00 10.42  ? 104  PHE X CE1 1 
ATOM   836  C  CE2 . PHE A 1 104 ? -0.210  4.141   2.660   1.00 9.82   ? 104  PHE X CE2 1 
ATOM   837  C  CZ  . PHE A 1 104 ? -1.229  3.435   3.276   1.00 10.07  ? 104  PHE X CZ  1 
ATOM   838  N  N   . GLN A 1 105 ? 1.125   -1.612  0.871   1.00 8.25   ? 105  GLN X N   1 
ATOM   839  C  CA  . GLN A 1 105 ? 0.450   -2.782  1.426   1.00 8.50   ? 105  GLN X CA  1 
ATOM   840  C  C   . GLN A 1 105 ? 1.430   -3.719  2.133   1.00 8.92   ? 105  GLN X C   1 
ATOM   841  O  O   . GLN A 1 105 ? 1.129   -4.253  3.196   1.00 9.62   ? 105  GLN X O   1 
ATOM   842  C  CB  . GLN A 1 105 ? -0.326  -3.537  0.346   1.00 8.30   ? 105  GLN X CB  1 
ATOM   843  C  CG  . GLN A 1 105 ? -1.215  -4.631  0.930   1.00 9.21   ? 105  GLN X CG  1 
ATOM   844  C  CD  . GLN A 1 105 ? -2.009  -5.391  -0.115  1.00 8.50   ? 105  GLN X CD  1 
ATOM   845  O  OE1 . GLN A 1 105 ? -1.999  -5.056  -1.301  1.00 8.48   ? 105  GLN X OE1 1 
ATOM   846  N  NE2 . GLN A 1 105 ? -2.692  -6.444  0.322   1.00 9.43   ? 105  GLN X NE2 1 
HETATM 847  N  N   . MSE A 1 106 ? 2.605   -3.927  1.543   1.00 9.31   ? 106  MSE X N   1 
HETATM 848  C  CA  . MSE A 1 106 ? 3.589   -4.851  2.137   1.00 10.11  ? 106  MSE X CA  1 
HETATM 849  C  C   . MSE A 1 106 ? 4.214   -4.303  3.421   1.00 10.38  ? 106  MSE X C   1 
HETATM 850  O  O   . MSE A 1 106 ? 4.621   -5.077  4.289   1.00 10.77  ? 106  MSE X O   1 
HETATM 851  C  CB  . MSE A 1 106 ? 4.682   -5.234  1.133   1.00 10.84  ? 106  MSE X CB  1 
HETATM 852  C  CG  . MSE A 1 106 ? 4.190   -6.009  -0.095  1.00 12.07  ? 106  MSE X CG  1 
HETATM 853  SE SE  . MSE A 1 106 ? 3.117   -7.597  0.273   1.00 18.29  ? 106  MSE X SE  1 
HETATM 854  C  CE  . MSE A 1 106 ? 4.359   -8.522  1.443   1.00 16.87  ? 106  MSE X CE  1 
ATOM   855  N  N   . GLY A 1 107 ? 4.285   -2.979  3.541   1.00 10.40  ? 107  GLY X N   1 
ATOM   856  C  CA  . GLY A 1 107 ? 4.808   -2.338  4.741   1.00 10.93  ? 107  GLY X CA  1 
ATOM   857  C  C   . GLY A 1 107 ? 6.200   -2.826  5.083   1.00 11.00  ? 107  GLY X C   1 
ATOM   858  O  O   . GLY A 1 107 ? 7.058   -2.968  4.207   1.00 11.48  ? 107  GLY X O   1 
ATOM   859  N  N   . GLU A 1 108 ? 6.421   -3.112  6.360   1.00 11.70  ? 108  GLU X N   1 
ATOM   860  C  CA  . GLU A 1 108 ? 7.751   -3.512  6.825   1.00 12.44  ? 108  GLU X CA  1 
ATOM   861  C  C   . GLU A 1 108 ? 8.202   -4.890  6.337   1.00 12.77  ? 108  GLU X C   1 
ATOM   862  O  O   . GLU A 1 108 ? 9.384   -5.222  6.420   1.00 13.53  ? 108  GLU X O   1 
ATOM   863  C  CB  . GLU A 1 108 ? 7.843   -3.413  8.345   1.00 12.48  ? 108  GLU X CB  1 
ATOM   864  C  CG  . GLU A 1 108 ? 7.723   -1.983  8.846   1.00 14.45  ? 108  GLU X CG  1 
ATOM   865  C  CD  . GLU A 1 108 ? 8.092   -1.827  10.307  1.00 16.62  ? 108  GLU X CD  1 
ATOM   866  O  OE1 . GLU A 1 108 ? 8.387   -0.689  10.711  1.00 17.33  ? 108  GLU X OE1 1 
ATOM   867  O  OE2 . GLU A 1 108 ? 8.099   -2.830  11.054  1.00 18.51  ? 108  GLU X OE2 1 
ATOM   868  N  N   . THR A 1 109 ? 7.266   -5.681  5.815   1.00 12.96  ? 109  THR X N   1 
ATOM   869  C  CA  . THR A 1 109 ? 7.603   -6.960  5.187   1.00 13.67  ? 109  THR X CA  1 
ATOM   870  C  C   . THR A 1 109 ? 8.452   -6.736  3.935   1.00 13.40  ? 109  THR X C   1 
ATOM   871  O  O   . THR A 1 109 ? 9.317   -7.557  3.603   1.00 13.82  ? 109  THR X O   1 
ATOM   872  C  CB  . THR A 1 109 ? 6.332   -7.765  4.849   1.00 13.87  ? 109  THR X CB  1 
ATOM   873  O  OG1 . THR A 1 109 ? 5.611   -8.028  6.055   1.00 15.69  ? 109  THR X OG1 1 
ATOM   874  C  CG2 . THR A 1 109 ? 6.672   -9.093  4.172   1.00 14.54  ? 109  THR X CG2 1 
ATOM   875  N  N   . GLY A 1 110 ? 8.206   -5.617  3.253   1.00 13.17  ? 110  GLY X N   1 
ATOM   876  C  CA  . GLY A 1 110 ? 8.963   -5.249  2.059   1.00 13.05  ? 110  GLY X CA  1 
ATOM   877  C  C   . GLY A 1 110 ? 8.587   -6.068  0.841   1.00 12.67  ? 110  GLY X C   1 
ATOM   878  O  O   . GLY A 1 110 ? 7.636   -6.854  0.874   1.00 13.03  ? 110  GLY X O   1 
ATOM   879  N  N   . VAL A 1 111 ? 9.350   -5.885  -0.234  1.00 12.62  ? 111  VAL X N   1 
ATOM   880  C  CA  . VAL A 1 111 ? 9.015   -6.481  -1.526  1.00 12.55  ? 111  VAL X CA  1 
ATOM   881  C  C   . VAL A 1 111 ? 10.137  -7.363  -2.096  1.00 12.25  ? 111  VAL X C   1 
ATOM   882  O  O   . VAL A 1 111 ? 10.128  -7.680  -3.282  1.00 12.62  ? 111  VAL X O   1 
ATOM   883  C  CB  . VAL A 1 111 ? 8.562   -5.414  -2.576  1.00 12.64  ? 111  VAL X CB  1 
ATOM   884  C  CG1 . VAL A 1 111 ? 7.280   -4.711  -2.130  1.00 13.95  ? 111  VAL X CG1 1 
ATOM   885  C  CG2 . VAL A 1 111 ? 9.674   -4.394  -2.870  1.00 13.83  ? 111  VAL X CG2 1 
ATOM   886  N  N   . ALA A 1 112 ? 11.089  -7.778  -1.261  1.00 12.14  ? 112  ALA X N   1 
ATOM   887  C  CA  . ALA A 1 112 ? 12.204  -8.607  -1.750  1.00 12.13  ? 112  ALA X CA  1 
ATOM   888  C  C   . ALA A 1 112 ? 11.730  -9.886  -2.450  1.00 11.63  ? 112  ALA X C   1 
ATOM   889  O  O   . ALA A 1 112 ? 12.321  -10.327 -3.435  1.00 11.80  ? 112  ALA X O   1 
ATOM   890  C  CB  . ALA A 1 112 ? 13.161  -8.949  -0.617  1.00 12.60  ? 112  ALA X CB  1 
ATOM   891  N  N   . GLY A 1 113 ? 10.644  -10.465 -1.956  1.00 11.42  ? 113  GLY X N   1 
ATOM   892  C  CA  . GLY A 1 113 ? 10.083  -11.660 -2.567  1.00 11.39  ? 113  GLY X CA  1 
ATOM   893  C  C   . GLY A 1 113 ? 9.540   -11.433 -3.969  1.00 11.31  ? 113  GLY X C   1 
ATOM   894  O  O   . GLY A 1 113 ? 9.322   -12.389 -4.704  1.00 11.57  ? 113  GLY X O   1 
ATOM   895  N  N   . PHE A 1 114 ? 9.319   -10.171 -4.344  1.00 11.14  ? 114  PHE X N   1 
ATOM   896  C  CA  . PHE A 1 114 ? 8.831   -9.827  -5.685  1.00 11.12  ? 114  PHE X CA  1 
ATOM   897  C  C   . PHE A 1 114 ? 9.954   -9.577  -6.696  1.00 11.17  ? 114  PHE X C   1 
ATOM   898  O  O   . PHE A 1 114 ? 9.693   -9.107  -7.796  1.00 11.22  ? 114  PHE X O   1 
ATOM   899  C  CB  . PHE A 1 114 ? 7.894   -8.614  -5.639  1.00 11.51  ? 114  PHE X CB  1 
ATOM   900  C  CG  . PHE A 1 114 ? 6.531   -8.916  -5.086  1.00 11.18  ? 114  PHE X CG  1 
ATOM   901  C  CD1 . PHE A 1 114 ? 6.168   -8.465  -3.822  1.00 12.28  ? 114  PHE X CD1 1 
ATOM   902  C  CD2 . PHE A 1 114 ? 5.611   -9.648  -5.829  1.00 11.92  ? 114  PHE X CD2 1 
ATOM   903  C  CE1 . PHE A 1 114 ? 4.906   -8.733  -3.308  1.00 13.52  ? 114  PHE X CE1 1 
ATOM   904  C  CE2 . PHE A 1 114 ? 4.348   -9.919  -5.329  1.00 12.88  ? 114  PHE X CE2 1 
ATOM   905  C  CZ  . PHE A 1 114 ? 3.993   -9.464  -4.063  1.00 13.36  ? 114  PHE X CZ  1 
ATOM   906  N  N   . THR A 1 115 ? 11.193  -9.902  -6.333  1.00 10.72  ? 115  THR X N   1 
ATOM   907  C  CA  . THR A 1 115 ? 12.355  -9.638  -7.196  1.00 11.44  ? 115  THR X CA  1 
ATOM   908  C  C   . THR A 1 115 ? 12.138  -10.053 -8.659  1.00 10.65  ? 115  THR X C   1 
ATOM   909  O  O   . THR A 1 115 ? 12.422  -9.275  -9.568  1.00 10.57  ? 115  THR X O   1 
ATOM   910  C  CB  . THR A 1 115 ? 13.640  -10.295 -6.625  1.00 11.64  ? 115  THR X CB  1 
ATOM   911  O  OG1 . THR A 1 115 ? 13.967  -9.691  -5.369  1.00 13.55  ? 115  THR X OG1 1 
ATOM   912  C  CG2 . THR A 1 115 ? 14.826  -10.120 -7.574  1.00 12.92  ? 115  THR X CG2 1 
ATOM   913  N  N   . ASN A 1 116 ? 11.650  -11.270 -8.896  1.00 10.72  ? 116  ASN X N   1 
ATOM   914  C  CA  . ASN A 1 116 ? 11.476  -11.724 -10.278 1.00 10.70  ? 116  ASN X CA  1 
ATOM   915  C  C   . ASN A 1 116 ? 10.406  -10.926 -11.028 1.00 10.80  ? 116  ASN X C   1 
ATOM   916  O  O   . ASN A 1 116 ? 10.559  -10.636 -12.221 1.00 11.45  ? 116  ASN X O   1 
ATOM   917  C  CB  . ASN A 1 116 ? 11.161  -13.220 -10.338 1.00 10.94  ? 116  ASN X CB  1 
ATOM   918  C  CG  . ASN A 1 116 ? 12.294  -14.081 -9.813  1.00 10.91  ? 116  ASN X CG  1 
ATOM   919  O  OD1 . ASN A 1 116 ? 13.462  -13.683 -9.809  1.00 11.76  ? 116  ASN X OD1 1 
ATOM   920  N  ND2 . ASN A 1 116 ? 11.952  -15.282 -9.375  1.00 10.30  ? 116  ASN X ND2 1 
ATOM   921  N  N   . SER A 1 117 ? 9.326   -10.579 -10.334 1.00 10.87  ? 117  SER X N   1 
ATOM   922  C  CA  . SER A 1 117 ? 8.266   -9.745  -10.914 1.00 11.28  ? 117  SER X CA  1 
ATOM   923  C  C   . SER A 1 117 ? 8.794   -8.361  -11.272 1.00 10.99  ? 117  SER X C   1 
ATOM   924  O  O   . SER A 1 117 ? 8.512   -7.820  -12.344 1.00 11.04  ? 117  SER X O   1 
ATOM   925  C  CB  . SER A 1 117 ? 7.107   -9.568  -9.932  1.00 11.39  ? 117  SER X CB  1 
ATOM   926  O  OG  . SER A 1 117 ? 6.688   -10.785 -9.341  1.00 13.40  ? 117  SER X OG  1 
ATOM   927  N  N   . LEU A 1 118 ? 9.544   -7.781  -10.341 1.00 11.04  ? 118  LEU X N   1 
ATOM   928  C  CA  . LEU A 1 118 ? 10.076  -6.437  -10.508 1.00 11.31  ? 118  LEU X CA  1 
ATOM   929  C  C   . LEU A 1 118 ? 11.080  -6.369  -11.659 1.00 11.09  ? 118  LEU X C   1 
ATOM   930  O  O   . LEU A 1 118 ? 11.100  -5.387  -12.407 1.00 10.90  ? 118  LEU X O   1 
ATOM   931  C  CB  . LEU A 1 118 ? 10.659  -5.949  -9.177  1.00 12.04  ? 118  LEU X CB  1 
ATOM   932  C  CG  . LEU A 1 118 ? 9.596   -5.698  -8.092  1.00 13.42  ? 118  LEU X CG  1 
ATOM   933  C  CD1 . LEU A 1 118 ? 10.180  -5.702  -6.691  1.00 14.55  ? 118  LEU X CD1 1 
ATOM   934  C  CD2 . LEU A 1 118 ? 8.842   -4.393  -8.342  1.00 14.99  ? 118  LEU X CD2 1 
ATOM   935  N  N   . ARG A 1 119 ? 11.877  -7.423  -11.833 1.00 11.16  ? 119  ARG X N   1 
ATOM   936  C  CA  . ARG A 1 119 ? 12.772  -7.515  -12.984 1.00 11.78  ? 119  ARG X CA  1 
ATOM   937  C  C   . ARG A 1 119 ? 11.987  -7.514  -14.307 1.00 11.25  ? 119  ARG X C   1 
ATOM   938  O  O   . ARG A 1 119 ? 12.346  -6.803  -15.245 1.00 11.15  ? 119  ARG X O   1 
ATOM   939  C  CB  . ARG A 1 119 ? 13.661  -8.759  -12.869 1.00 12.15  ? 119  ARG X CB  1 
ATOM   940  C  CG  . ARG A 1 119 ? 14.708  -8.923  -13.969 1.00 14.95  ? 119  ARG X CG  1 
ATOM   941  C  CD  . ARG A 1 119 ? 15.428  -10.274 -13.876 1.00 18.62  ? 119  ARG X CD  1 
ATOM   942  N  NE  . ARG A 1 119 ? 16.174  -10.451 -12.627 1.00 20.31  ? 119  ARG X NE  1 
ATOM   943  C  CZ  . ARG A 1 119 ? 15.829  -11.281 -11.643 1.00 20.45  ? 119  ARG X CZ  1 
ATOM   944  N  NH1 . ARG A 1 119 ? 14.737  -12.029 -11.741 1.00 17.95  ? 119  ARG X NH1 1 
ATOM   945  N  NH2 . ARG A 1 119 ? 16.583  -11.363 -10.552 1.00 21.52  ? 119  ARG X NH2 1 
HETATM 946  N  N   . MSE A 1 120 ? 10.911  -8.297  -14.375 1.00 10.74  ? 120  MSE X N   1 
HETATM 947  C  CA  . MSE A 1 120 ? 10.082  -8.324  -15.580 1.00 10.84  ? 120  MSE X CA  1 
HETATM 948  C  C   . MSE A 1 120 ? 9.421   -6.971  -15.857 1.00 10.50  ? 120  MSE X C   1 
HETATM 949  O  O   . MSE A 1 120 ? 9.298   -6.562  -17.015 1.00 10.63  ? 120  MSE X O   1 
HETATM 950  C  CB  . MSE A 1 120 ? 9.029   -9.428  -15.506 1.00 10.99  ? 120  MSE X CB  1 
HETATM 951  C  CG  . MSE A 1 120 ? 9.602   -10.822 -15.456 1.00 12.68  ? 120  MSE X CG  1 
HETATM 952  SE SE  . MSE A 1 120 ? 8.160   -12.124 -15.411 1.00 18.11  ? 120  MSE X SE  1 
HETATM 953  C  CE  . MSE A 1 120 ? 9.170   -13.649 -14.759 1.00 17.81  ? 120  MSE X CE  1 
ATOM   954  N  N   . LEU A 1 121 ? 9.008   -6.274  -14.799 1.00 10.09  ? 121  LEU X N   1 
ATOM   955  C  CA  . LEU A 1 121 ? 8.482   -4.916  -14.953 1.00 9.78   ? 121  LEU X CA  1 
ATOM   956  C  C   . LEU A 1 121 ? 9.543   -3.972  -15.513 1.00 9.76   ? 121  LEU X C   1 
ATOM   957  O  O   . LEU A 1 121 ? 9.260   -3.175  -16.404 1.00 8.98   ? 121  LEU X O   1 
ATOM   958  C  CB  . LEU A 1 121 ? 7.922   -4.391  -13.624 1.00 10.42  ? 121  LEU X CB  1 
ATOM   959  C  CG  . LEU A 1 121 ? 6.641   -5.076  -13.130 1.00 10.58  ? 121  LEU X CG  1 
ATOM   960  C  CD1 . LEU A 1 121 ? 6.349   -4.686  -11.687 1.00 12.67  ? 121  LEU X CD1 1 
ATOM   961  C  CD2 . LEU A 1 121 ? 5.445   -4.765  -14.020 1.00 11.30  ? 121  LEU X CD2 1 
ATOM   962  N  N   . GLN A 1 122 ? 10.766  -4.059  -14.990 1.00 9.59   ? 122  GLN X N   1 
ATOM   963  C  CA  . GLN A 1 122 ? 11.871  -3.236  -15.478 1.00 10.59  ? 122  GLN X CA  1 
ATOM   964  C  C   . GLN A 1 122 ? 12.145  -3.515  -16.966 1.00 10.38  ? 122  GLN X C   1 
ATOM   965  O  O   . GLN A 1 122 ? 12.515  -2.608  -17.722 1.00 10.64  ? 122  GLN X O   1 
ATOM   966  C  CB  . GLN A 1 122 ? 13.113  -3.493  -14.628 1.00 11.01  ? 122  GLN X CB  1 
ATOM   967  C  CG  . GLN A 1 122 ? 14.263  -2.534  -14.853 1.00 12.50  ? 122  GLN X CG  1 
ATOM   968  C  CD  . GLN A 1 122 ? 15.457  -2.871  -13.978 1.00 13.95  ? 122  GLN X CD  1 
ATOM   969  O  OE1 . GLN A 1 122 ? 15.589  -3.993  -13.489 1.00 15.80  ? 122  GLN X OE1 1 
ATOM   970  N  NE2 . GLN A 1 122 ? 16.335  -1.901  -13.780 1.00 14.57  ? 122  GLN X NE2 1 
ATOM   971  N  N   . GLN A 1 123 ? 11.952  -4.767  -17.379 1.00 10.23  ? 123  GLN X N   1 
ATOM   972  C  CA  . GLN A 1 123 ? 12.110  -5.181  -18.775 1.00 10.59  ? 123  GLN X CA  1 
ATOM   973  C  C   . GLN A 1 123 ? 10.903  -4.823  -19.650 1.00 9.80   ? 123  GLN X C   1 
ATOM   974  O  O   . GLN A 1 123 ? 10.934  -5.039  -20.864 1.00 10.29  ? 123  GLN X O   1 
ATOM   975  C  CB  . GLN A 1 123 ? 12.352  -6.691  -18.849 1.00 11.65  ? 123  GLN X CB  1 
ATOM   976  C  CG  . GLN A 1 123 ? 13.658  -7.154  -18.222 1.00 13.96  ? 123  GLN X CG  1 
ATOM   977  C  CD  . GLN A 1 123 ? 13.782  -8.668  -18.179 1.00 17.26  ? 123  GLN X CD  1 
ATOM   978  O  OE1 . GLN A 1 123 ? 14.790  -9.229  -18.603 1.00 20.93  ? 123  GLN X OE1 1 
ATOM   979  N  NE2 . GLN A 1 123 ? 12.755  -9.336  -17.665 1.00 17.30  ? 123  GLN X NE2 1 
ATOM   980  N  N   . LYS A 1 124 ? 9.844   -4.294  -19.027 1.00 8.90   ? 124  LYS X N   1 
ATOM   981  C  CA  A LYS A 1 124 ? 8.604   -3.920  -19.731 0.69 8.40   ? 124  LYS X CA  1 
ATOM   982  C  CA  B LYS A 1 124 ? 8.603   -3.921  -19.724 0.31 8.56   ? 124  LYS X CA  1 
ATOM   983  C  C   . LYS A 1 124 ? 7.933   -5.113  -20.422 1.00 8.41   ? 124  LYS X C   1 
ATOM   984  O  O   . LYS A 1 124 ? 7.301   -4.974  -21.474 1.00 8.80   ? 124  LYS X O   1 
ATOM   985  C  CB  A LYS A 1 124 ? 8.824   -2.734  -20.686 0.69 8.31   ? 124  LYS X CB  1 
ATOM   986  C  CB  B LYS A 1 124 ? 8.823   -2.726  -20.666 0.31 8.47   ? 124  LYS X CB  1 
ATOM   987  C  CG  A LYS A 1 124 ? 9.431   -1.523  -19.977 0.69 8.72   ? 124  LYS X CG  1 
ATOM   988  C  CG  B LYS A 1 124 ? 9.323   -1.493  -19.922 0.31 8.39   ? 124  LYS X CG  1 
ATOM   989  C  CD  A LYS A 1 124 ? 9.262   -0.225  -20.758 0.69 9.49   ? 124  LYS X CD  1 
ATOM   990  C  CD  B LYS A 1 124 ? 9.273   -0.218  -20.751 0.31 8.31   ? 124  LYS X CD  1 
ATOM   991  C  CE  A LYS A 1 124 ? 9.792   0.967   -19.991 0.69 10.16  ? 124  LYS X CE  1 
ATOM   992  C  CE  B LYS A 1 124 ? 9.417   1.014   -19.865 0.31 8.08   ? 124  LYS X CE  1 
ATOM   993  N  NZ  A LYS A 1 124 ? 9.028   1.223   -18.744 0.69 8.96   ? 124  LYS X NZ  1 
ATOM   994  N  NZ  B LYS A 1 124 ? 10.636  0.973   -19.004 0.31 7.36   ? 124  LYS X NZ  1 
ATOM   995  N  N   . ARG A 1 125 ? 8.062   -6.283  -19.802 1.00 8.20   ? 125  ARG X N   1 
ATOM   996  C  CA  . ARG A 1 125 ? 7.376   -7.490  -20.247 1.00 8.74   ? 125  ARG X CA  1 
ATOM   997  C  C   . ARG A 1 125 ? 6.084   -7.574  -19.439 1.00 8.31   ? 125  ARG X C   1 
ATOM   998  O  O   . ARG A 1 125 ? 5.981   -8.316  -18.460 1.00 8.87   ? 125  ARG X O   1 
ATOM   999  C  CB  . ARG A 1 125 ? 8.269   -8.706  -20.026 1.00 9.77   ? 125  ARG X CB  1 
ATOM   1000 C  CG  . ARG A 1 125 ? 9.482   -8.668  -20.934 1.00 11.94  ? 125  ARG X CG  1 
ATOM   1001 C  CD  . ARG A 1 125 ? 10.440  -9.792  -20.684 1.00 17.15  ? 125  ARG X CD  1 
ATOM   1002 N  NE  . ARG A 1 125 ? 11.587  -9.677  -21.586 1.00 21.27  ? 125  ARG X NE  1 
ATOM   1003 C  CZ  . ARG A 1 125 ? 12.345  -10.695 -21.983 1.00 23.54  ? 125  ARG X CZ  1 
ATOM   1004 N  NH1 . ARG A 1 125 ? 12.085  -11.928 -21.574 1.00 26.99  ? 125  ARG X NH1 1 
ATOM   1005 N  NH2 . ARG A 1 125 ? 13.363  -10.476 -22.806 1.00 24.48  ? 125  ARG X NH2 1 
ATOM   1006 N  N   . TRP A 1 126 ? 5.114   -6.752  -19.826 1.00 8.18   ? 126  TRP X N   1 
ATOM   1007 C  CA  . TRP A 1 126 ? 3.976   -6.462  -18.953 1.00 8.59   ? 126  TRP X CA  1 
ATOM   1008 C  C   . TRP A 1 126 ? 3.076   -7.670  -18.692 1.00 8.58   ? 126  TRP X C   1 
ATOM   1009 O  O   . TRP A 1 126 ? 2.655   -7.886  -17.558 1.00 8.74   ? 126  TRP X O   1 
ATOM   1010 C  CB  . TRP A 1 126 ? 3.135   -5.322  -19.511 1.00 8.64   ? 126  TRP X CB  1 
ATOM   1011 C  CG  . TRP A 1 126 ? 3.872   -4.053  -19.815 1.00 7.97   ? 126  TRP X CG  1 
ATOM   1012 C  CD1 . TRP A 1 126 ? 3.877   -3.393  -21.006 1.00 7.72   ? 126  TRP X CD1 1 
ATOM   1013 C  CD2 . TRP A 1 126 ? 4.687   -3.277  -18.925 1.00 7.58   ? 126  TRP X CD2 1 
ATOM   1014 N  NE1 . TRP A 1 126 ? 4.639   -2.256  -20.925 1.00 7.66   ? 126  TRP X NE1 1 
ATOM   1015 C  CE2 . TRP A 1 126 ? 5.146   -2.158  -19.655 1.00 7.51   ? 126  TRP X CE2 1 
ATOM   1016 C  CE3 . TRP A 1 126 ? 5.073   -3.411  -17.581 1.00 8.40   ? 126  TRP X CE3 1 
ATOM   1017 C  CZ2 . TRP A 1 126 ? 5.965   -1.176  -19.089 1.00 8.00   ? 126  TRP X CZ2 1 
ATOM   1018 C  CZ3 . TRP A 1 126 ? 5.913   -2.435  -17.023 1.00 8.64   ? 126  TRP X CZ3 1 
ATOM   1019 C  CH2 . TRP A 1 126 ? 6.341   -1.332  -17.777 1.00 8.78   ? 126  TRP X CH2 1 
ATOM   1020 N  N   . ASP A 1 127 ? 2.741   -8.434  -19.731 1.00 8.88   ? 127  ASP X N   1 
ATOM   1021 C  CA  . ASP A 1 127 ? 1.876   -9.601  -19.539 1.00 9.13   ? 127  ASP X CA  1 
ATOM   1022 C  C   . ASP A 1 127 ? 2.589   -10.676 -18.721 1.00 8.82   ? 127  ASP X C   1 
ATOM   1023 O  O   . ASP A 1 127 ? 1.984   -11.307 -17.854 1.00 9.08   ? 127  ASP X O   1 
ATOM   1024 C  CB  . ASP A 1 127 ? 1.381   -10.186 -20.870 1.00 9.34   ? 127  ASP X CB  1 
ATOM   1025 C  CG  . ASP A 1 127 ? 0.238   -9.391  -21.491 1.00 9.99   ? 127  ASP X CG  1 
ATOM   1026 O  OD1 . ASP A 1 127 ? 0.112   -8.177  -21.242 1.00 10.85  ? 127  ASP X OD1 1 
ATOM   1027 O  OD2 . ASP A 1 127 ? -0.540  -9.993  -22.260 1.00 11.96  ? 127  ASP X OD2 1 
ATOM   1028 N  N   . GLU A 1 128 ? 3.871   -10.891 -19.004 1.00 8.70   ? 128  GLU X N   1 
ATOM   1029 C  CA  . GLU A 1 128 ? 4.663   -11.858 -18.251 1.00 9.34   ? 128  GLU X CA  1 
ATOM   1030 C  C   . GLU A 1 128 ? 4.783   -11.446 -16.789 1.00 8.85   ? 128  GLU X C   1 
ATOM   1031 O  O   . GLU A 1 128 ? 4.648   -12.279 -15.891 1.00 8.90   ? 128  GLU X O   1 
ATOM   1032 C  CB  . GLU A 1 128 ? 6.049   -12.060 -18.871 1.00 9.94   ? 128  GLU X CB  1 
ATOM   1033 C  CG  . GLU A 1 128 ? 6.048   -12.710 -20.243 1.00 13.35  ? 128  GLU X CG  1 
ATOM   1034 C  CD  . GLU A 1 128 ? 7.426   -12.679 -20.860 1.00 17.41  ? 128  GLU X CD  1 
ATOM   1035 O  OE1 . GLU A 1 128 ? 8.362   -13.239 -20.250 1.00 23.04  ? 128  GLU X OE1 1 
ATOM   1036 O  OE2 . GLU A 1 128 ? 7.581   -12.086 -21.945 1.00 21.89  ? 128  GLU X OE2 1 
ATOM   1037 N  N   . ALA A 1 129 ? 5.023   -10.159 -16.551 1.00 8.67   ? 129  ALA X N   1 
ATOM   1038 C  CA  . ALA A 1 129 ? 5.104   -9.659  -15.182 1.00 8.42   ? 129  ALA X CA  1 
ATOM   1039 C  C   . ALA A 1 129 ? 3.783   -9.872  -14.448 1.00 8.17   ? 129  ALA X C   1 
ATOM   1040 O  O   . ALA A 1 129 ? 3.772   -10.257 -13.276 1.00 8.54   ? 129  ALA X O   1 
ATOM   1041 C  CB  . ALA A 1 129 ? 5.475   -8.193  -15.166 1.00 9.21   ? 129  ALA X CB  1 
ATOM   1042 N  N   . ALA A 1 130 ? 2.670   -9.619  -15.134 1.00 8.50   ? 130  ALA X N   1 
ATOM   1043 C  CA  . ALA A 1 130 ? 1.352   -9.785  -14.528 1.00 8.71   ? 130  ALA X CA  1 
ATOM   1044 C  C   . ALA A 1 130 ? 1.102   -11.236 -14.108 1.00 8.84   ? 130  ALA X C   1 
ATOM   1045 O  O   . ALA A 1 130 ? 0.586   -11.482 -13.018 1.00 9.06   ? 130  ALA X O   1 
ATOM   1046 C  CB  . ALA A 1 130 ? 0.267   -9.290  -15.471 1.00 9.61   ? 130  ALA X CB  1 
ATOM   1047 N  N   . VAL A 1 131 ? 1.470   -12.187 -14.968 1.00 8.58   ? 131  VAL X N   1 
ATOM   1048 C  CA  . VAL A 1 131 ? 1.367   -13.605 -14.632 1.00 9.29   ? 131  VAL X CA  1 
ATOM   1049 C  C   . VAL A 1 131 ? 2.224   -13.928 -13.397 1.00 8.89   ? 131  VAL X C   1 
ATOM   1050 O  O   . VAL A 1 131 ? 1.784   -14.623 -12.478 1.00 9.33   ? 131  VAL X O   1 
ATOM   1051 C  CB  . VAL A 1 131 ? 1.764   -14.482 -15.845 1.00 9.46   ? 131  VAL X CB  1 
ATOM   1052 C  CG1 . VAL A 1 131 ? 1.995   -15.923 -15.434 1.00 10.76  ? 131  VAL X CG1 1 
ATOM   1053 C  CG2 . VAL A 1 131 ? 0.701   -14.401 -16.930 1.00 10.83  ? 131  VAL X CG2 1 
ATOM   1054 N  N   . ASN A 1 132 ? 3.445   -13.409 -13.374 1.00 8.84   ? 132  ASN X N   1 
ATOM   1055 C  CA  . ASN A 1 132 ? 4.363   -13.697 -12.283 1.00 8.61   ? 132  ASN X CA  1 
ATOM   1056 C  C   . ASN A 1 132 ? 3.898   -13.095 -10.943 1.00 8.68   ? 132  ASN X C   1 
ATOM   1057 O  O   . ASN A 1 132 ? 4.032   -13.730 -9.889  1.00 8.59   ? 132  ASN X O   1 
ATOM   1058 C  CB  . ASN A 1 132 ? 5.770   -13.218 -12.648 1.00 9.54   ? 132  ASN X CB  1 
ATOM   1059 C  CG  . ASN A 1 132 ? 6.815   -13.665 -11.645 1.00 9.49   ? 132  ASN X CG  1 
ATOM   1060 O  OD1 . ASN A 1 132 ? 7.214   -12.901 -10.770 1.00 11.10  ? 132  ASN X OD1 1 
ATOM   1061 N  ND2 . ASN A 1 132 ? 7.249   -14.916 -11.754 1.00 10.95  ? 132  ASN X ND2 1 
ATOM   1062 N  N   . LEU A 1 133 ? 3.346   -11.882 -10.995 1.00 8.33   ? 133  LEU X N   1 
ATOM   1063 C  CA  . LEU A 1 133 ? 2.838   -11.208 -9.799  1.00 8.79   ? 133  LEU X CA  1 
ATOM   1064 C  C   . LEU A 1 133 ? 1.722   -11.981 -9.105  1.00 8.54   ? 133  LEU X C   1 
ATOM   1065 O  O   . LEU A 1 133 ? 1.602   -11.931 -7.879  1.00 9.08   ? 133  LEU X O   1 
ATOM   1066 C  CB  . LEU A 1 133 ? 2.342   -9.806  -10.153 1.00 9.23   ? 133  LEU X CB  1 
ATOM   1067 C  CG  . LEU A 1 133 ? 3.422   -8.741  -10.343 1.00 9.32   ? 133  LEU X CG  1 
ATOM   1068 C  CD1 . LEU A 1 133 ? 2.860   -7.553  -11.116 1.00 10.72  ? 133  LEU X CD1 1 
ATOM   1069 C  CD2 . LEU A 1 133 ? 3.995   -8.295  -9.004  1.00 10.64  ? 133  LEU X CD2 1 
ATOM   1070 N  N   . ALA A 1 134 ? 0.912   -12.691 -9.886  1.00 8.61   ? 134  ALA X N   1 
ATOM   1071 C  CA  . ALA A 1 134 ? -0.212  -13.443 -9.343  1.00 9.33   ? 134  ALA X CA  1 
ATOM   1072 C  C   . ALA A 1 134 ? 0.209   -14.742 -8.657  1.00 9.11   ? 134  ALA X C   1 
ATOM   1073 O  O   . ALA A 1 134 ? -0.577  -15.335 -7.927  1.00 9.66   ? 134  ALA X O   1 
ATOM   1074 C  CB  . ALA A 1 134 ? -1.248  -13.704 -10.426 1.00 9.81   ? 134  ALA X CB  1 
ATOM   1075 N  N   . LYS A 1 135 ? 1.450   -15.172 -8.883  1.00 8.89   ? 135  LYS X N   1 
ATOM   1076 C  CA  . LYS A 1 135 ? 1.993   -16.370 -8.238  1.00 8.73   ? 135  LYS X CA  1 
ATOM   1077 C  C   . LYS A 1 135 ? 2.573   -15.962 -6.887  1.00 8.65   ? 135  LYS X C   1 
ATOM   1078 O  O   . LYS A 1 135 ? 3.784   -16.004 -6.666  1.00 8.93   ? 135  LYS X O   1 
ATOM   1079 C  CB  . LYS A 1 135 ? 3.048   -17.017 -9.136  1.00 9.12   ? 135  LYS X CB  1 
ATOM   1080 C  CG  . LYS A 1 135 ? 2.484   -17.533 -10.448 1.00 9.58   ? 135  LYS X CG  1 
ATOM   1081 C  CD  . LYS A 1 135 ? 3.578   -18.047 -11.369 1.00 11.38  ? 135  LYS X CD  1 
ATOM   1082 C  CE  . LYS A 1 135 ? 3.002   -18.513 -12.692 1.00 12.18  ? 135  LYS X CE  1 
ATOM   1083 N  NZ  . LYS A 1 135 ? 4.062   -18.980 -13.635 1.00 13.74  ? 135  LYS X NZ  1 
ATOM   1084 N  N   . SER A 1 136 ? 1.695   -15.546 -5.981  1.00 8.17   ? 136  SER X N   1 
ATOM   1085 C  CA  . SER A 1 136 ? 2.140   -14.931 -4.739  1.00 7.99   ? 136  SER X CA  1 
ATOM   1086 C  C   . SER A 1 136 ? 1.121   -15.122 -3.630  1.00 7.92   ? 136  SER X C   1 
ATOM   1087 O  O   . SER A 1 136 ? -0.089  -15.188 -3.887  1.00 8.04   ? 136  SER X O   1 
ATOM   1088 C  CB  . SER A 1 136 ? 2.393   -13.431 -4.939  1.00 8.40   ? 136  SER X CB  1 
ATOM   1089 O  OG  . SER A 1 136 ? 1.204   -12.737 -5.285  1.00 8.51   ? 136  SER X OG  1 
ATOM   1090 N  N   . ARG A 1 137 ? 1.601   -15.155 -2.389  1.00 7.87   ? 137  ARG X N   1 
ATOM   1091 C  CA  . ARG A 1 137 ? 0.682   -15.134 -1.257  1.00 8.29   ? 137  ARG X CA  1 
ATOM   1092 C  C   . ARG A 1 137 ? -0.222  -13.893 -1.327  1.00 8.62   ? 137  ARG X C   1 
ATOM   1093 O  O   . ARG A 1 137 ? -1.423  -13.971 -1.081  1.00 8.84   ? 137  ARG X O   1 
ATOM   1094 C  CB  . ARG A 1 137 ? 1.443   -15.165 0.065   1.00 8.40   ? 137  ARG X CB  1 
ATOM   1095 C  CG  . ARG A 1 137 ? 0.526   -15.084 1.277   1.00 8.54   ? 137  ARG X CG  1 
ATOM   1096 C  CD  . ARG A 1 137 ? 1.273   -15.040 2.598   1.00 9.74   ? 137  ARG X CD  1 
ATOM   1097 N  NE  . ARG A 1 137 ? 0.305   -15.121 3.690   1.00 11.12  ? 137  ARG X NE  1 
ATOM   1098 C  CZ  . ARG A 1 137 ? -0.370  -14.088 4.191   1.00 11.47  ? 137  ARG X CZ  1 
ATOM   1099 N  NH1 . ARG A 1 137 ? -0.177  -12.857 3.729   1.00 12.19  ? 137  ARG X NH1 1 
ATOM   1100 N  NH2 . ARG A 1 137 ? -1.247  -14.291 5.165   1.00 12.51  ? 137  ARG X NH2 1 
ATOM   1101 N  N   . TRP A 1 138 ? 0.363   -12.755 -1.699  1.00 8.31   ? 138  TRP X N   1 
ATOM   1102 C  CA  . TRP A 1 138 ? -0.358  -11.488 -1.843  1.00 8.70   ? 138  TRP X CA  1 
ATOM   1103 C  C   . TRP A 1 138 ? -1.615  -11.648 -2.687  1.00 8.65   ? 138  TRP X C   1 
ATOM   1104 O  O   . TRP A 1 138 ? -2.708  -11.275 -2.262  1.00 8.88   ? 138  TRP X O   1 
ATOM   1105 C  CB  . TRP A 1 138 ? 0.580   -10.453 -2.467  1.00 9.26   ? 138  TRP X CB  1 
ATOM   1106 C  CG  . TRP A 1 138 ? -0.039  -9.175  -2.917  1.00 8.98   ? 138  TRP X CG  1 
ATOM   1107 C  CD1 . TRP A 1 138 ? -0.676  -8.249  -2.142  1.00 9.60   ? 138  TRP X CD1 1 
ATOM   1108 C  CD2 . TRP A 1 138 ? -0.038  -8.648  -4.252  1.00 8.96   ? 138  TRP X CD2 1 
ATOM   1109 N  NE1 . TRP A 1 138 ? -1.081  -7.184  -2.911  1.00 9.51   ? 138  TRP X NE1 1 
ATOM   1110 C  CE2 . TRP A 1 138 ? -0.697  -7.400  -4.207  1.00 8.79   ? 138  TRP X CE2 1 
ATOM   1111 C  CE3 . TRP A 1 138 ? 0.462   -9.110  -5.478  1.00 9.77   ? 138  TRP X CE3 1 
ATOM   1112 C  CZ2 . TRP A 1 138 ? -0.864  -6.602  -5.336  1.00 9.07   ? 138  TRP X CZ2 1 
ATOM   1113 C  CZ3 . TRP A 1 138 ? 0.287   -8.321  -6.608  1.00 9.58   ? 138  TRP X CZ3 1 
ATOM   1114 C  CH2 . TRP A 1 138 ? -0.374  -7.078  -6.527  1.00 9.62   ? 138  TRP X CH2 1 
ATOM   1115 N  N   . TYR A 1 139 ? -1.454  -12.189 -3.889  1.00 8.80   ? 139  TYR X N   1 
ATOM   1116 C  CA  . TYR A 1 139 ? -2.583  -12.371 -4.775  1.00 8.69   ? 139  TYR X CA  1 
ATOM   1117 C  C   . TYR A 1 139 ? -3.630  -13.303 -4.164  1.00 8.80   ? 139  TYR X C   1 
ATOM   1118 O  O   . TYR A 1 139 ? -4.823  -13.028 -4.224  1.00 9.94   ? 139  TYR X O   1 
ATOM   1119 C  CB  . TYR A 1 139 ? -2.097  -12.905 -6.121  1.00 9.37   ? 139  TYR X CB  1 
ATOM   1120 C  CG  . TYR A 1 139 ? -3.204  -13.223 -7.095  1.00 9.99   ? 139  TYR X CG  1 
ATOM   1121 C  CD1 . TYR A 1 139 ? -3.655  -12.269 -8.003  1.00 11.54  ? 139  TYR X CD1 1 
ATOM   1122 C  CD2 . TYR A 1 139 ? -3.803  -14.484 -7.108  1.00 12.96  ? 139  TYR X CD2 1 
ATOM   1123 C  CE1 . TYR A 1 139 ? -4.677  -12.564 -8.903  1.00 14.08  ? 139  TYR X CE1 1 
ATOM   1124 C  CE2 . TYR A 1 139 ? -4.821  -14.785 -7.995  1.00 15.20  ? 139  TYR X CE2 1 
ATOM   1125 C  CZ  . TYR A 1 139 ? -5.254  -13.823 -8.886  1.00 15.58  ? 139  TYR X CZ  1 
ATOM   1126 O  OH  . TYR A 1 139 ? -6.260  -14.132 -9.763  1.00 17.58  ? 139  TYR X OH  1 
ATOM   1127 N  N   . ASN A 1 140 ? -3.189  -14.408 -3.577  1.00 7.99   ? 140  ASN X N   1 
ATOM   1128 C  CA  . ASN A 1 140 ? -4.124  -15.371 -3.015  1.00 8.46   ? 140  ASN X CA  1 
ATOM   1129 C  C   . ASN A 1 140 ? -4.921  -14.822 -1.840  1.00 8.23   ? 140  ASN X C   1 
ATOM   1130 O  O   . ASN A 1 140 ? -6.110  -15.127 -1.693  1.00 9.02   ? 140  ASN X O   1 
ATOM   1131 C  CB  . ASN A 1 140 ? -3.386  -16.649 -2.634  1.00 8.76   ? 140  ASN X CB  1 
ATOM   1132 C  CG  . ASN A 1 140 ? -3.058  -17.494 -3.838  1.00 9.47   ? 140  ASN X CG  1 
ATOM   1133 O  OD1 . ASN A 1 140 ? -1.946  -17.458 -4.373  1.00 11.19  ? 140  ASN X OD1 1 
ATOM   1134 N  ND2 . ASN A 1 140 ? -4.033  -18.256 -4.285  1.00 9.18   ? 140  ASN X ND2 1 
ATOM   1135 N  N   . GLN A 1 141 ? -4.285  -13.998 -1.011  1.00 8.33   ? 141  GLN X N   1 
ATOM   1136 C  CA  . GLN A 1 141 ? -4.949  -13.511 0.188   1.00 8.34   ? 141  GLN X CA  1 
ATOM   1137 C  C   . GLN A 1 141 ? -5.820  -12.289 -0.077  1.00 8.42   ? 141  GLN X C   1 
ATOM   1138 O  O   . GLN A 1 141 ? -6.848  -12.120 0.577   1.00 8.92   ? 141  GLN X O   1 
ATOM   1139 C  CB  . GLN A 1 141 ? -3.943  -13.225 1.299   1.00 9.09   ? 141  GLN X CB  1 
ATOM   1140 C  CG  . GLN A 1 141 ? -3.061  -14.415 1.701   1.00 9.21   ? 141  GLN X CG  1 
ATOM   1141 C  CD  . GLN A 1 141 ? -3.813  -15.668 2.169   1.00 9.56   ? 141  GLN X CD  1 
ATOM   1142 O  OE1 . GLN A 1 141 ? -3.516  -16.779 1.727   1.00 10.81  ? 141  GLN X OE1 1 
ATOM   1143 N  NE2 . GLN A 1 141 ? -4.774  -15.496 3.064   1.00 9.97   ? 141  GLN X NE2 1 
ATOM   1144 N  N   . THR A 1 142 ? -5.404  -11.425 -1.003  1.00 7.88   ? 142  THR X N   1 
ATOM   1145 C  CA  . THR A 1 142 ? -6.213  -10.265 -1.387  1.00 8.21   ? 142  THR X CA  1 
ATOM   1146 C  C   . THR A 1 142 ? -6.351  -10.231 -2.911  1.00 7.91   ? 142  THR X C   1 
ATOM   1147 O  O   . THR A 1 142 ? -5.754  -9.382  -3.573  1.00 7.96   ? 142  THR X O   1 
ATOM   1148 C  CB  . THR A 1 142 ? -5.654  -8.911  -0.844  1.00 8.51   ? 142  THR X CB  1 
ATOM   1149 O  OG1 . THR A 1 142 ? -4.262  -8.781  -1.170  1.00 9.31   ? 142  THR X OG1 1 
ATOM   1150 C  CG2 . THR A 1 142 ? -5.814  -8.825  0.652   1.00 9.55   ? 142  THR X CG2 1 
ATOM   1151 N  N   . PRO A 1 143 ? -7.123  -11.177 -3.480  1.00 7.76   ? 143  PRO X N   1 
ATOM   1152 C  CA  . PRO A 1 143 ? -7.155  -11.293 -4.941  1.00 8.01   ? 143  PRO X CA  1 
ATOM   1153 C  C   . PRO A 1 143 ? -7.829  -10.136 -5.672  1.00 7.94   ? 143  PRO X C   1 
ATOM   1154 O  O   . PRO A 1 143 ? -7.407  -9.799  -6.768  1.00 8.21   ? 143  PRO X O   1 
ATOM   1155 C  CB  . PRO A 1 143 ? -7.911  -12.611 -5.174  1.00 8.22   ? 143  PRO X CB  1 
ATOM   1156 C  CG  . PRO A 1 143 ? -8.768  -12.759 -3.958  1.00 8.77   ? 143  PRO X CG  1 
ATOM   1157 C  CD  . PRO A 1 143 ? -7.914  -12.244 -2.836  1.00 8.42   ? 143  PRO X CD  1 
ATOM   1158 N  N   . ASN A 1 144 ? -8.868  -9.528  -5.100  1.00 8.42   ? 144  ASN X N   1 
ATOM   1159 C  CA  . ASN A 1 144 ? -9.512  -8.418  -5.802  1.00 9.32   ? 144  ASN X CA  1 
ATOM   1160 C  C   . ASN A 1 144 ? -8.619  -7.194  -5.895  1.00 8.65   ? 144  ASN X C   1 
ATOM   1161 O  O   . ASN A 1 144 ? -8.484  -6.591  -6.964  1.00 8.93   ? 144  ASN X O   1 
ATOM   1162 C  CB  . ASN A 1 144 ? -10.869 -8.073  -5.187  1.00 10.62  ? 144  ASN X CB  1 
ATOM   1163 C  CG  . ASN A 1 144 ? -11.931 -9.109  -5.515  1.00 13.67  ? 144  ASN X CG  1 
ATOM   1164 O  OD1 . ASN A 1 144 ? -12.939 -9.223  -4.820  1.00 18.59  ? 144  ASN X OD1 1 
ATOM   1165 N  ND2 . ASN A 1 144 ? -11.712 -9.865  -6.584  1.00 16.81  ? 144  ASN X ND2 1 
ATOM   1166 N  N   . ARG A 1 145 ? -7.992  -6.838  -4.778  1.00 8.32   ? 145  ARG X N   1 
ATOM   1167 C  CA  . ARG A 1 145 ? -7.027  -5.748  -4.783  1.00 8.65   ? 145  ARG X CA  1 
ATOM   1168 C  C   . ARG A 1 145 ? -5.833  -6.074  -5.677  1.00 8.29   ? 145  ARG X C   1 
ATOM   1169 O  O   . ARG A 1 145 ? -5.393  -5.233  -6.475  1.00 8.38   ? 145  ARG X O   1 
ATOM   1170 C  CB  . ARG A 1 145 ? -6.559  -5.423  -3.365  1.00 9.18   ? 145  ARG X CB  1 
ATOM   1171 C  CG  . ARG A 1 145 ? -5.568  -4.265  -3.339  1.00 10.76  ? 145  ARG X CG  1 
ATOM   1172 C  CD  . ARG A 1 145 ? -5.149  -3.960  -1.959  1.00 11.45  ? 145  ARG X CD  1 
ATOM   1173 N  NE  . ARG A 1 145 ? -4.221  -2.840  -1.910  1.00 11.36  ? 145  ARG X NE  1 
ATOM   1174 C  CZ  . ARG A 1 145 ? -3.898  -2.252  -0.770  1.00 11.19  ? 145  ARG X CZ  1 
ATOM   1175 N  NH1 . ARG A 1 145 ? -4.452  -2.683  0.361   1.00 12.18  ? 145  ARG X NH1 1 
ATOM   1176 N  NH2 . ARG A 1 145 ? -3.047  -1.249  -0.752  1.00 10.00  ? 145  ARG X NH2 1 
ATOM   1177 N  N   . ALA A 1 146 ? -5.304  -7.291  -5.551  1.00 8.09   ? 146  ALA X N   1 
ATOM   1178 C  CA  . ALA A 1 146 ? -4.156  -7.660  -6.368  1.00 8.51   ? 146  ALA X CA  1 
ATOM   1179 C  C   . ALA A 1 146 ? -4.499  -7.606  -7.853  1.00 8.75   ? 146  ALA X C   1 
ATOM   1180 O  O   . ALA A 1 146 ? -3.690  -7.133  -8.653  1.00 8.94   ? 146  ALA X O   1 
ATOM   1181 C  CB  . ALA A 1 146 ? -3.621  -9.020  -5.985  1.00 9.18   ? 146  ALA X CB  1 
ATOM   1182 N  N   . LYS A 1 147 ? -5.686  -8.075  -8.236  1.00 8.50   ? 147  LYS X N   1 
ATOM   1183 C  CA  . LYS A 1 147 ? -6.098  -7.972  -9.636  1.00 9.01   ? 147  LYS X CA  1 
ATOM   1184 C  C   . LYS A 1 147 ? -6.106  -6.520  -10.126 1.00 8.36   ? 147  LYS X C   1 
ATOM   1185 O  O   . LYS A 1 147 ? -5.682  -6.258  -11.258 1.00 8.29   ? 147  LYS X O   1 
ATOM   1186 C  CB  . LYS A 1 147 ? -7.459  -8.629  -9.870  1.00 9.55   ? 147  LYS X CB  1 
ATOM   1187 C  CG  . LYS A 1 147 ? -7.437  -10.154 -9.884  1.00 11.22  ? 147  LYS X CG  1 
ATOM   1188 C  CD  . LYS A 1 147 ? -8.857  -10.721 -9.945  1.00 15.06  ? 147  LYS X CD  1 
ATOM   1189 C  CE  . LYS A 1 147 ? -8.865  -12.240 -9.813  1.00 17.23  ? 147  LYS X CE  1 
ATOM   1190 N  NZ  . LYS A 1 147 ? -10.242 -12.792 -9.688  1.00 21.49  ? 147  LYS X NZ  1 
ATOM   1191 N  N   . ARG A 1 148 ? -6.581  -5.584  -9.296  1.00 7.82   ? 148  ARG X N   1 
ATOM   1192 C  CA  . ARG A 1 148 ? -6.581  -4.163  -9.685  1.00 8.09   ? 148  ARG X CA  1 
ATOM   1193 C  C   . ARG A 1 148 ? -5.160  -3.639  -9.878  1.00 7.82   ? 148  ARG X C   1 
ATOM   1194 O  O   . ARG A 1 148 ? -4.862  -2.961  -10.872 1.00 7.97   ? 148  ARG X O   1 
ATOM   1195 C  CB  . ARG A 1 148 ? -7.319  -3.294  -8.664  1.00 8.20   ? 148  ARG X CB  1 
ATOM   1196 C  CG  . ARG A 1 148 ? -8.819  -3.500  -8.627  1.00 7.99   ? 148  ARG X CG  1 
ATOM   1197 C  CD  . ARG A 1 148 ? -9.517  -2.412  -7.817  1.00 8.51   ? 148  ARG X CD  1 
ATOM   1198 N  NE  . ARG A 1 148 ? -9.246  -2.469  -6.377  1.00 8.73   ? 148  ARG X NE  1 
ATOM   1199 C  CZ  . ARG A 1 148 ? -9.897  -3.252  -5.519  1.00 8.58   ? 148  ARG X CZ  1 
ATOM   1200 N  NH1 . ARG A 1 148 ? -10.866 -4.069  -5.932  1.00 10.04  ? 148  ARG X NH1 1 
ATOM   1201 N  NH2 . ARG A 1 148 ? -9.578  -3.215  -4.235  1.00 9.49   ? 148  ARG X NH2 1 
ATOM   1202 N  N   . VAL A 1 149 ? -4.286  -3.946  -8.922  1.00 7.74   ? 149  VAL X N   1 
ATOM   1203 C  CA  . VAL A 1 149 ? -2.905  -3.478  -8.973  1.00 8.44   ? 149  VAL X CA  1 
ATOM   1204 C  C   . VAL A 1 149 ? -2.177  -4.108  -10.165 1.00 8.20   ? 149  VAL X C   1 
ATOM   1205 O  O   . VAL A 1 149 ? -1.470  -3.419  -10.913 1.00 8.33   ? 149  VAL X O   1 
ATOM   1206 C  CB  . VAL A 1 149 ? -2.195  -3.745  -7.624  1.00 8.29   ? 149  VAL X CB  1 
ATOM   1207 C  CG1 . VAL A 1 149 ? -0.705  -3.426  -7.693  1.00 9.45   ? 149  VAL X CG1 1 
ATOM   1208 C  CG2 . VAL A 1 149 ? -2.855  -2.930  -6.512  1.00 9.36   ? 149  VAL X CG2 1 
ATOM   1209 N  N   . ILE A 1 150 ? -2.385  -5.410  -10.369 1.00 8.20   ? 150  ILE X N   1 
ATOM   1210 C  CA  . ILE A 1 150 ? -1.771  -6.110  -11.497 1.00 8.62   ? 150  ILE X CA  1 
ATOM   1211 C  C   . ILE A 1 150 ? -2.254  -5.552  -12.841 1.00 8.74   ? 150  ILE X C   1 
ATOM   1212 O  O   . ILE A 1 150 ? -1.443  -5.345  -13.747 1.00 8.72   ? 150  ILE X O   1 
ATOM   1213 C  CB  . ILE A 1 150 ? -1.971  -7.638  -11.398 1.00 8.82   ? 150  ILE X CB  1 
ATOM   1214 C  CG1 . ILE A 1 150 ? -1.158  -8.185  -10.218 1.00 9.38   ? 150  ILE X CG1 1 
ATOM   1215 C  CG2 . ILE A 1 150 ? -1.572  -8.317  -12.698 1.00 10.00  ? 150  ILE X CG2 1 
ATOM   1216 C  CD1 . ILE A 1 150 ? -1.463  -9.624  -9.833  1.00 10.34  ? 150  ILE X CD1 1 
ATOM   1217 N  N   . THR A 1 151 ? -3.554  -5.288  -12.974 1.00 8.93   ? 151  THR X N   1 
ATOM   1218 C  CA  . THR A 1 151 ? -4.073  -4.669  -14.202 1.00 9.50   ? 151  THR X CA  1 
ATOM   1219 C  C   . THR A 1 151 ? -3.411  -3.316  -14.465 1.00 8.92   ? 151  THR X C   1 
ATOM   1220 O  O   . THR A 1 151 ? -3.100  -2.975  -15.613 1.00 9.07   ? 151  THR X O   1 
ATOM   1221 C  CB  . THR A 1 151 ? -5.604  -4.525  -14.152 1.00 9.63   ? 151  THR X CB  1 
ATOM   1222 O  OG1 . THR A 1 151 ? -6.180  -5.826  -14.245 1.00 11.69  ? 151  THR X OG1 1 
ATOM   1223 C  CG2 . THR A 1 151 ? -6.148  -3.646  -15.285 1.00 11.07  ? 151  THR X CG2 1 
ATOM   1224 N  N   . THR A 1 152 ? -3.184  -2.554  -13.401 1.00 8.74   ? 152  THR X N   1 
ATOM   1225 C  CA  . THR A 1 152 ? -2.514  -1.263  -13.514 1.00 8.90   ? 152  THR X CA  1 
ATOM   1226 C  C   . THR A 1 152 ? -1.069  -1.445  -14.012 1.00 8.84   ? 152  THR X C   1 
ATOM   1227 O  O   . THR A 1 152 ? -0.627  -0.738  -14.920 1.00 9.20   ? 152  THR X O   1 
ATOM   1228 C  CB  . THR A 1 152 ? -2.596  -0.489  -12.181 1.00 8.77   ? 152  THR X CB  1 
ATOM   1229 O  OG1 . THR A 1 152 ? -3.957  -0.479  -11.727 1.00 8.85   ? 152  THR X OG1 1 
ATOM   1230 C  CG2 . THR A 1 152 ? -2.145  0.941   -12.351 1.00 9.42   ? 152  THR X CG2 1 
ATOM   1231 N  N   . PHE A 1 153 ? -0.355  -2.422  -13.454 1.00 9.22   ? 153  PHE X N   1 
ATOM   1232 C  CA  . PHE A 1 153 ? 0.988   -2.757  -13.936 1.00 9.65   ? 153  PHE X CA  1 
ATOM   1233 C  C   . PHE A 1 153 ? 0.980   -3.265  -15.377 1.00 10.06  ? 153  PHE X C   1 
ATOM   1234 O  O   . PHE A 1 153 ? 1.902   -2.988  -16.140 1.00 10.77  ? 153  PHE X O   1 
ATOM   1235 C  CB  . PHE A 1 153 ? 1.625   -3.847  -13.078 1.00 10.08  ? 153  PHE X CB  1 
ATOM   1236 C  CG  . PHE A 1 153 ? 2.316   -3.362  -11.832 1.00 9.48   ? 153  PHE X CG  1 
ATOM   1237 C  CD1 . PHE A 1 153 ? 3.303   -2.374  -11.877 1.00 10.57  ? 153  PHE X CD1 1 
ATOM   1238 C  CD2 . PHE A 1 153 ? 2.024   -3.959  -10.612 1.00 10.37  ? 153  PHE X CD2 1 
ATOM   1239 C  CE1 . PHE A 1 153 ? 3.961   -1.985  -10.723 1.00 11.99  ? 153  PHE X CE1 1 
ATOM   1240 C  CE2 . PHE A 1 153 ? 2.681   -3.578  -9.458  1.00 11.78  ? 153  PHE X CE2 1 
ATOM   1241 C  CZ  . PHE A 1 153 ? 3.651   -2.588  -9.516  1.00 11.77  ? 153  PHE X CZ  1 
ATOM   1242 N  N   . ARG A 1 154 ? -0.037  -4.042  -15.740 1.00 9.78   ? 154  ARG X N   1 
ATOM   1243 C  CA  . ARG A 1 154 ? -0.082  -4.661  -17.063 1.00 9.58   ? 154  ARG X CA  1 
ATOM   1244 C  C   . ARG A 1 154 ? -0.355  -3.628  -18.152 1.00 9.84   ? 154  ARG X C   1 
ATOM   1245 O  O   . ARG A 1 154 ? 0.259   -3.674  -19.222 1.00 9.33   ? 154  ARG X O   1 
ATOM   1246 C  CB  . ARG A 1 154 ? -1.126  -5.783  -17.111 1.00 9.52   ? 154  ARG X CB  1 
ATOM   1247 C  CG  . ARG A 1 154 ? -1.160  -6.548  -18.433 1.00 10.96  ? 154  ARG X CG  1 
ATOM   1248 C  CD  . ARG A 1 154 ? -2.228  -7.641  -18.461 1.00 12.14  ? 154  ARG X CD  1 
ATOM   1249 N  NE  . ARG A 1 154 ? -3.454  -7.291  -17.743 1.00 17.14  ? 154  ARG X NE  1 
ATOM   1250 C  CZ  . ARG A 1 154 ? -4.567  -6.805  -18.287 1.00 17.30  ? 154  ARG X CZ  1 
ATOM   1251 N  NH1 . ARG A 1 154 ? -4.644  -6.591  -19.598 1.00 18.64  ? 154  ARG X NH1 1 
ATOM   1252 N  NH2 . ARG A 1 154 ? -5.613  -6.530  -17.499 1.00 15.57  ? 154  ARG X NH2 1 
ATOM   1253 N  N   . THR A 1 155 ? -1.256  -2.689  -17.863 1.00 10.42  ? 155  THR X N   1 
ATOM   1254 C  CA  . THR A 1 155 ? -1.773  -1.778  -18.889 1.00 10.68  ? 155  THR X CA  1 
ATOM   1255 C  C   . THR A 1 155 ? -1.252  -0.345  -18.814 1.00 10.84  ? 155  THR X C   1 
ATOM   1256 O  O   . THR A 1 155 ? -1.307  0.369   -19.809 1.00 10.64  ? 155  THR X O   1 
ATOM   1257 C  CB  . THR A 1 155 ? -3.317  -1.697  -18.847 1.00 11.25  ? 155  THR X CB  1 
ATOM   1258 O  OG1 . THR A 1 155 ? -3.730  -1.065  -17.626 1.00 11.38  ? 155  THR X OG1 1 
ATOM   1259 C  CG2 . THR A 1 155 ? -3.952  -3.074  -18.967 1.00 11.06  ? 155  THR X CG2 1 
ATOM   1260 N  N   . GLY A 1 156 ? -0.773  0.093   -17.653 1.00 10.99  ? 156  GLY X N   1 
ATOM   1261 C  CA  . GLY A 1 156 ? -0.427  1.501   -17.470 1.00 10.89  ? 156  GLY X CA  1 
ATOM   1262 C  C   . GLY A 1 156 ? -1.622  2.425   -17.625 1.00 10.78  ? 156  GLY X C   1 
ATOM   1263 O  O   . GLY A 1 156 ? -1.461  3.591   -17.992 1.00 11.05  ? 156  GLY X O   1 
ATOM   1264 N  N   . THR A 1 157 ? -2.816  1.895   -17.356 1.00 10.81  ? 157  THR X N   1 
ATOM   1265 C  CA  . THR A 1 157 ? -4.050  2.679   -17.341 1.00 10.85  ? 157  THR X CA  1 
ATOM   1266 C  C   . THR A 1 157 ? -4.730  2.511   -16.002 1.00 10.63  ? 157  THR X C   1 
ATOM   1267 O  O   . THR A 1 157 ? -4.387  1.610   -15.233 1.00 11.04  ? 157  THR X O   1 
ATOM   1268 C  CB  . THR A 1 157 ? -5.091  2.213   -18.393 1.00 11.19  ? 157  THR X CB  1 
ATOM   1269 O  OG1 . THR A 1 157 ? -5.707  0.989   -17.950 1.00 12.22  ? 157  THR X OG1 1 
ATOM   1270 C  CG2 . THR A 1 157 ? -4.474  2.054   -19.777 1.00 12.31  ? 157  THR X CG2 1 
ATOM   1271 N  N   . TRP A 1 158 ? -5.738  3.352   -15.770 1.00 10.65  ? 158  TRP X N   1 
ATOM   1272 C  CA  . TRP A 1 158 ? -6.551  3.298   -14.559 1.00 10.50  ? 158  TRP X CA  1 
ATOM   1273 C  C   . TRP A 1 158 ? -7.837  2.480   -14.731 1.00 10.45  ? 158  TRP X C   1 
ATOM   1274 O  O   . TRP A 1 158 ? -8.765  2.607   -13.934 1.00 10.76  ? 158  TRP X O   1 
ATOM   1275 C  CB  . TRP A 1 158 ? -6.894  4.717   -14.127 1.00 10.75  ? 158  TRP X CB  1 
ATOM   1276 C  CG  . TRP A 1 158 ? -5.721  5.506   -13.662 1.00 9.85   ? 158  TRP X CG  1 
ATOM   1277 C  CD1 . TRP A 1 158 ? -5.168  6.598   -14.269 1.00 9.93   ? 158  TRP X CD1 1 
ATOM   1278 C  CD2 . TRP A 1 158 ? -4.963  5.278   -12.469 1.00 10.27  ? 158  TRP X CD2 1 
ATOM   1279 N  NE1 . TRP A 1 158 ? -4.115  7.074   -13.516 1.00 9.67   ? 158  TRP X NE1 1 
ATOM   1280 C  CE2 . TRP A 1 158 ? -3.967  6.278   -12.408 1.00 9.89   ? 158  TRP X CE2 1 
ATOM   1281 C  CE3 . TRP A 1 158 ? -5.034  4.328   -11.438 1.00 12.17  ? 158  TRP X CE3 1 
ATOM   1282 C  CZ2 . TRP A 1 158 ? -3.045  6.355   -11.352 1.00 10.90  ? 158  TRP X CZ2 1 
ATOM   1283 C  CZ3 . TRP A 1 158 ? -4.126  4.408   -10.393 1.00 13.90  ? 158  TRP X CZ3 1 
ATOM   1284 C  CH2 . TRP A 1 158 ? -3.147  5.414   -10.358 1.00 12.66  ? 158  TRP X CH2 1 
ATOM   1285 N  N   . ASP A 1 159 ? -7.882  1.620   -15.748 1.00 10.77  ? 159  ASP X N   1 
ATOM   1286 C  CA  . ASP A 1 159 ? -9.108  0.883   -16.066 1.00 11.39  ? 159  ASP X CA  1 
ATOM   1287 C  C   . ASP A 1 159 ? -9.690  0.096   -14.887 1.00 10.96  ? 159  ASP X C   1 
ATOM   1288 O  O   . ASP A 1 159 ? -10.904 -0.032  -14.785 1.00 10.80  ? 159  ASP X O   1 
ATOM   1289 C  CB  . ASP A 1 159 ? -8.892  -0.057  -17.257 1.00 12.31  ? 159  ASP X CB  1 
ATOM   1290 C  CG  . ASP A 1 159 ? -8.733  0.683   -18.588 1.00 14.34  ? 159  ASP X CG  1 
ATOM   1291 O  OD1 . ASP A 1 159 ? -8.791  1.932   -18.625 1.00 16.95  ? 159  ASP X OD1 1 
ATOM   1292 O  OD2 . ASP A 1 159 ? -8.546  -0.006  -19.610 1.00 17.66  ? 159  ASP X OD2 1 
ATOM   1293 N  N   . ALA A 1 160 ? -8.842  -0.426  -14.006 1.00 10.75  ? 160  ALA X N   1 
ATOM   1294 C  CA  . ALA A 1 160 ? -9.333  -1.233  -12.883 1.00 11.31  ? 160  ALA X CA  1 
ATOM   1295 C  C   . ALA A 1 160 ? -9.951  -0.395  -11.752 1.00 11.52  ? 160  ALA X C   1 
ATOM   1296 O  O   . ALA A 1 160 ? -10.563 -0.954  -10.842 1.00 12.05  ? 160  ALA X O   1 
ATOM   1297 C  CB  . ALA A 1 160 ? -8.227  -2.142  -12.344 1.00 12.13  ? 160  ALA X CB  1 
ATOM   1298 N  N   . TYR A 1 161 ? -9.793  0.927   -11.819 1.00 11.86  ? 161  TYR X N   1 
ATOM   1299 C  CA  . TYR A 1 161 ? -10.264 1.853   -10.778 1.00 12.87  ? 161  TYR X CA  1 
ATOM   1300 C  C   . TYR A 1 161 ? -11.276 2.901   -11.230 1.00 14.25  ? 161  TYR X C   1 
ATOM   1301 O  O   . TYR A 1 161 ? -12.116 3.322   -10.441 1.00 14.08  ? 161  TYR X O   1 
ATOM   1302 C  CB  . TYR A 1 161 ? -9.089  2.613   -10.176 1.00 12.44  ? 161  TYR X CB  1 
ATOM   1303 C  CG  . TYR A 1 161 ? -8.172  1.760   -9.353  1.00 10.93  ? 161  TYR X CG  1 
ATOM   1304 C  CD1 . TYR A 1 161 ? -7.115  1.082   -9.952  1.00 11.13  ? 161  TYR X CD1 1 
ATOM   1305 C  CD2 . TYR A 1 161 ? -8.367  1.616   -7.974  1.00 10.42  ? 161  TYR X CD2 1 
ATOM   1306 C  CE1 . TYR A 1 161 ? -6.268  0.287   -9.205  1.00 10.47  ? 161  TYR X CE1 1 
ATOM   1307 C  CE2 . TYR A 1 161 ? -7.528  0.821   -7.217  1.00 9.57   ? 161  TYR X CE2 1 
ATOM   1308 C  CZ  . TYR A 1 161 ? -6.482  0.153   -7.845  1.00 9.71   ? 161  TYR X CZ  1 
ATOM   1309 O  OH  . TYR A 1 161 ? -5.624  -0.637  -7.129  1.00 10.63  ? 161  TYR X OH  1 
ATOM   1310 N  N   . LYS A 1 162 ? -11.166 3.364   -12.471 1.00 16.46  ? 162  LYS X N   1 
ATOM   1311 C  CA  . LYS A 1 162 ? -11.912 4.549   -12.911 1.00 18.62  ? 162  LYS X CA  1 
ATOM   1312 C  C   . LYS A 1 162 ? -13.432 4.378   -12.944 1.00 19.67  ? 162  LYS X C   1 
ATOM   1313 O  O   . LYS A 1 162 ? -14.172 5.358   -12.824 1.00 20.44  ? 162  LYS X O   1 
ATOM   1314 C  CB  . LYS A 1 162 ? -11.408 5.043   -14.272 1.00 18.91  ? 162  LYS X CB  1 
ATOM   1315 C  CG  . LYS A 1 162 ? -11.599 4.065   -15.415 1.00 20.52  ? 162  LYS X CG  1 
ATOM   1316 C  CD  . LYS A 1 162 ? -11.860 4.812   -16.712 1.00 22.87  ? 162  LYS X CD  1 
ATOM   1317 C  CE  . LYS A 1 162 ? -11.364 4.024   -17.907 1.00 24.33  ? 162  LYS X CE  1 
ATOM   1318 N  NZ  . LYS A 1 162 ? -9.880  3.930   -17.880 1.00 25.15  ? 162  LYS X NZ  1 
ATOM   1319 N  N   . ASN A 1 163 ? -13.887 3.137   -13.104 1.00 20.70  ? 163  ASN X N   1 
ATOM   1320 C  CA  . ASN A 1 163 ? -15.313 2.860   -13.280 1.00 21.71  ? 163  ASN X CA  1 
ATOM   1321 C  C   . ASN A 1 163 ? -15.953 2.131   -12.095 1.00 22.00  ? 163  ASN X C   1 
ATOM   1322 O  O   . ASN A 1 163 ? -17.029 1.539   -12.225 1.00 22.22  ? 163  ASN X O   1 
ATOM   1323 C  CB  . ASN A 1 163 ? -15.548 2.092   -14.589 1.00 21.94  ? 163  ASN X CB  1 
ATOM   1324 C  CG  . ASN A 1 163 ? -15.182 2.906   -15.824 1.00 22.90  ? 163  ASN X CG  1 
ATOM   1325 O  OD1 . ASN A 1 163 ? -15.613 4.050   -15.984 1.00 24.26  ? 163  ASN X OD1 1 
ATOM   1326 N  ND2 . ASN A 1 163 ? -14.393 2.309   -16.711 1.00 24.12  ? 163  ASN X ND2 1 
ATOM   1327 N  N   . LEU A 1 164 ? -15.291 2.187   -10.940 1.00 22.40  ? 164  LEU X N   1 
ATOM   1328 C  CA  . LEU A 1 164 ? -15.807 1.562   -9.722  1.00 22.52  ? 164  LEU X CA  1 
ATOM   1329 C  C   . LEU A 1 164 ? -16.929 2.390   -9.102  1.00 22.73  ? 164  LEU X C   1 
ATOM   1330 O  O   . LEU A 1 164 ? -17.761 1.869   -8.356  1.00 23.14  ? 164  LEU X O   1 
ATOM   1331 C  CB  . LEU A 1 164 ? -14.685 1.342   -8.699  1.00 22.60  ? 164  LEU X CB  1 
ATOM   1332 C  CG  . LEU A 1 164 ? -13.562 0.345   -9.018  1.00 22.07  ? 164  LEU X CG  1 
ATOM   1333 C  CD1 . LEU A 1 164 ? -12.466 0.413   -7.960  1.00 21.57  ? 164  LEU X CD1 1 
ATOM   1334 C  CD2 . LEU A 1 164 ? -14.080 -1.087  -9.158  1.00 22.59  ? 164  LEU X CD2 1 
HETATM 1335 K  K   . K   B 2 .   ? -7.740  -1.542  5.022   1.00 13.95  ? 601  K   X K   1 
HETATM 1336 CL CL  . CL  C 3 .   ? -8.986  -8.216  -2.017  1.00 12.02  ? 701  CL  X CL  1 
HETATM 1337 CL CL  . CL  D 3 .   ? 5.937   -16.558 -14.165 1.00 14.81  ? 702  CL  X CL  1 
HETATM 1338 N  N1  . AZI E 4 .   ? -11.900 -7.654  11.870  1.00 17.90  ? 401  AZI X N1  1 
HETATM 1339 N  N2  . AZI E 4 .   ? -12.921 -7.188  11.590  1.00 6.98   ? 401  AZI X N2  1 
HETATM 1340 N  N3  . AZI E 4 .   ? -13.946 -6.757  11.348  1.00 15.42  ? 401  AZI X N3  1 
HETATM 1341 N  N1  . EPE F 5 .   ? 7.229   -11.477 -1.102  1.00 17.65  ? 901  EPE X N1  1 
HETATM 1342 C  C2  . EPE F 5 .   ? 7.273   -10.062 -0.663  1.00 14.82  ? 901  EPE X C2  1 
HETATM 1343 C  C3  . EPE F 5 .   ? 8.526   -9.644  0.123   1.00 20.47  ? 901  EPE X C3  1 
HETATM 1344 N  N4  . EPE F 5 .   ? 8.922   -10.659 1.076   1.00 22.51  ? 901  EPE X N4  1 
HETATM 1345 C  C5  . EPE F 5 .   ? 7.924   -11.668 1.348   1.00 20.09  ? 901  EPE X C5  1 
HETATM 1346 C  C6  . EPE F 5 .   ? 7.538   -12.385 0.042   1.00 9.34   ? 901  EPE X C6  1 
HETATM 1347 C  C7  . EPE F 5 .   ? 10.338  -10.946 1.266   1.00 23.31  ? 901  EPE X C7  1 
HETATM 1348 C  C8  . EPE F 5 .   ? 10.706  -12.432 1.305   1.00 25.09  ? 901  EPE X C8  1 
HETATM 1349 O  O8  . EPE F 5 .   ? 12.101  -12.579 1.417   1.00 26.77  ? 901  EPE X O8  1 
HETATM 1350 C  C9  . EPE F 5 .   ? 5.972   -11.766 -1.783  1.00 22.34  ? 901  EPE X C9  1 
HETATM 1351 C  C10 . EPE F 5 .   ? 4.787   -11.352 -0.918  1.00 26.51  ? 901  EPE X C10 1 
HETATM 1352 S  S   . EPE F 5 .   ? 3.361   -12.404 -1.201  1.00 28.25  ? 901  EPE X S   1 
HETATM 1353 O  O1S . EPE F 5 .   ? 2.313   -11.962 -0.302  1.00 30.00  ? 901  EPE X O1S 1 
HETATM 1354 O  O2S . EPE F 5 .   ? 3.750   -13.770 -0.889  1.00 30.52  ? 901  EPE X O2S 1 
HETATM 1355 O  O3S . EPE F 5 .   ? 2.958   -12.279 -2.591  1.00 30.94  ? 901  EPE X O3S 1 
HETATM 1356 C  C1  . BME G 6 .   ? 4.590   -1.870  19.119  1.00 28.25  ? 805  BME X C1  1 
HETATM 1357 C  C2  . BME G 6 .   ? 3.580   -2.326  20.173  1.00 25.71  ? 805  BME X C2  1 
HETATM 1358 O  O1  . BME G 6 .   ? 4.155   -2.252  17.828  1.00 28.77  ? 805  BME X O1  1 
HETATM 1359 S  S2  . BME G 6 .   ? 3.841   -4.018  20.779  1.00 29.80  ? 805  BME X S2  1 
HETATM 1360 C  C1  . BME H 6 .   ? 6.431   10.177  7.237   1.00 25.49  ? 806  BME X C1  1 
HETATM 1361 C  C2  . BME H 6 .   ? 6.765   10.749  5.861   1.00 25.89  ? 806  BME X C2  1 
HETATM 1362 O  O1  . BME H 6 .   ? 7.557   10.186  8.087   1.00 27.02  ? 806  BME X O1  1 
HETATM 1363 S  S2  . BME H 6 .   ? 5.960   12.339  5.524   1.00 28.93  ? 806  BME X S2  1 
HETATM 1364 C  C1  . HED I 7 .   ? 14.505  -6.399  -9.138  1.00 23.87  ? 801  HED X C1  1 
HETATM 1365 O  O1  . HED I 7 .   ? 15.460  -7.032  -9.963  1.00 25.22  ? 801  HED X O1  1 
HETATM 1366 C  C2  . HED I 7 .   ? 15.209  -5.547  -8.086  1.00 23.93  ? 801  HED X C2  1 
HETATM 1367 S  S3  . HED I 7 .   ? 14.041  -4.683  -7.006  1.00 23.00  ? 801  HED X S3  1 
HETATM 1368 S  S4  . HED I 7 .   ? 13.414  -6.131  -5.723  1.00 25.78  ? 801  HED X S4  1 
HETATM 1369 C  C5  . HED I 7 .   ? 14.596  -6.076  -4.352  1.00 26.59  ? 801  HED X C5  1 
HETATM 1370 C  C6  . HED I 7 .   ? 14.181  -5.082  -3.272  1.00 27.83  ? 801  HED X C6  1 
HETATM 1371 O  O6  . HED I 7 .   ? 15.232  -4.919  -2.344  1.00 29.40  ? 801  HED X O6  1 
HETATM 1372 C  C1  . HED J 7 .   ? 0.007   -8.339  2.002   1.00 19.15  ? 802  HED X C1  1 
HETATM 1373 O  O1  . HED J 7 .   ? 0.040   -9.601  1.359   1.00 16.93  ? 802  HED X O1  1 
HETATM 1374 C  C2  . HED J 7 .   ? -0.452  -8.502  3.446   1.00 19.65  ? 802  HED X C2  1 
HETATM 1375 S  S3  . HED J 7 .   ? 0.756   -9.374  4.471   1.00 20.68  ? 802  HED X S3  1 
HETATM 1376 S  S4  . HED J 7 .   ? 2.400   -8.184  4.463   1.00 21.89  ? 802  HED X S4  1 
HETATM 1377 C  C5  . HED J 7 .   ? 1.975   -6.865  5.619   1.00 22.41  ? 802  HED X C5  1 
HETATM 1378 C  C6  . HED J 7 .   ? 1.680   -7.413  7.011   1.00 22.98  ? 802  HED X C6  1 
HETATM 1379 O  O6  . HED J 7 .   ? 1.187   -6.372  7.821   1.00 23.85  ? 802  HED X O6  1 
HETATM 1380 C  C1  . GOL K 8 .   ? 2.171   1.953   5.002   1.00 16.36  ? 501  GOL X C1  1 
HETATM 1381 O  O1  . GOL K 8 .   ? 2.899   0.806   4.636   1.00 17.03  ? 501  GOL X O1  1 
HETATM 1382 C  C2  . GOL K 8 .   ? 0.940   1.592   5.833   1.00 16.80  ? 501  GOL X C2  1 
HETATM 1383 O  O2  . GOL K 8 .   ? 0.106   2.721   5.871   1.00 22.38  ? 501  GOL X O2  1 
HETATM 1384 C  C3  . GOL K 8 .   ? 1.223   1.154   7.290   1.00 7.78   ? 501  GOL X C3  1 
HETATM 1385 O  O3  . GOL K 8 .   ? 1.549   2.276   8.143   1.00 16.93  ? 501  GOL X O3  1 
HETATM 1386 C  C1  . GOL L 8 .   ? 2.827   8.975   -7.643  1.00 21.89  ? 502  GOL X C1  1 
HETATM 1387 O  O1  . GOL L 8 .   ? 3.596   8.623   -8.782  1.00 26.50  ? 502  GOL X O1  1 
HETATM 1388 C  C2  . GOL L 8 .   ? 2.909   10.471  -7.365  1.00 23.91  ? 502  GOL X C2  1 
HETATM 1389 O  O2  . GOL L 8 .   ? 3.218   11.044  -8.617  1.00 25.58  ? 502  GOL X O2  1 
HETATM 1390 C  C3  . GOL L 8 .   ? 4.036   10.720  -6.363  1.00 25.97  ? 502  GOL X C3  1 
HETATM 1391 O  O3  . GOL L 8 .   ? 4.564   12.023  -6.509  1.00 27.59  ? 502  GOL X O3  1 
HETATM 1392 O  O   . HOH M 9 .   ? -2.539  5.986   6.285   1.00 9.89   ? 902  HOH X O   1 
HETATM 1393 O  O   . HOH M 9 .   ? -2.426  -6.056  15.703  1.00 12.22  ? 903  HOH X O   1 
HETATM 1394 O  O   . HOH M 9 .   ? -1.039  -3.650  -3.491  1.00 10.45  ? 904  HOH X O   1 
HETATM 1395 O  O   . HOH M 9 .   ? -4.618  7.042   7.768   1.00 8.54   ? 905  HOH X O   1 
HETATM 1396 O  O   . HOH M 9 .   ? -5.092  -1.970  5.910   1.00 14.20  ? 906  HOH X O   1 
HETATM 1397 O  O   . HOH M 9 .   ? 9.760   -0.463  -16.742 1.00 10.91  ? 907  HOH X O   1 
HETATM 1398 O  O   . HOH M 9 .   ? -6.734  -8.727  20.673  1.00 12.56  ? 908  HOH X O   1 
HETATM 1399 O  O   . HOH M 9 .   ? -9.049  -3.496  -1.202  1.00 14.68  ? 909  HOH X O   1 
HETATM 1400 O  O   . HOH M 9 .   ? 5.451   -14.818 -16.586 1.00 13.92  ? 910  HOH X O   1 
HETATM 1401 O  O   . HOH M 9 .   ? -10.472 -6.807  -8.915  1.00 12.87  ? 911  HOH X O   1 
HETATM 1402 O  O   . HOH M 9 .   ? -6.188  -4.802  1.355   1.00 17.02  ? 912  HOH X O   1 
HETATM 1403 O  O   . HOH M 9 .   ? -3.145  -2.476  7.916   1.00 11.15  ? 913  HOH X O   1 
HETATM 1404 O  O   . HOH M 9 .   ? -0.924  -11.225 -18.213 1.00 16.06  ? 914  HOH X O   1 
HETATM 1405 O  O   . HOH M 9 .   ? -2.290  -2.302  3.750   1.00 14.60  ? 915  HOH X O   1 
HETATM 1406 O  O   . HOH M 9 .   ? 2.190   8.302   9.573   1.00 16.94  ? 916  HOH X O   1 
HETATM 1407 O  O   . HOH M 9 .   ? -6.346  5.519   -17.714 1.00 15.27  ? 917  HOH X O   1 
HETATM 1408 O  O   . HOH M 9 .   ? -14.016 13.712  11.343  1.00 18.92  ? 918  HOH X O   1 
HETATM 1409 O  O   . HOH M 9 .   ? -2.533  -9.978  0.823   1.00 14.20  ? 919  HOH X O   1 
HETATM 1410 O  O   . HOH M 9 .   ? -5.953  -0.020  -13.695 1.00 11.75  ? 920  HOH X O   1 
HETATM 1411 O  O   . HOH M 9 .   ? -9.033  -9.570  19.605  1.00 21.62  ? 921  HOH X O   1 
HETATM 1412 O  O   . HOH M 9 .   ? -1.399  -17.726 -0.012  1.00 12.22  ? 922  HOH X O   1 
HETATM 1413 O  O   . HOH M 9 .   ? -11.973 16.066  10.415  1.00 21.75  ? 923  HOH X O   1 
HETATM 1414 O  O   . HOH M 9 .   ? 4.197   -6.228  -22.827 1.00 12.78  ? 924  HOH X O   1 
HETATM 1415 O  O   . HOH M 9 .   ? -10.661 7.517   -4.049  1.00 15.81  ? 925  HOH X O   1 
HETATM 1416 O  O   . HOH M 9 .   ? -10.286 -5.596  7.421   1.00 14.29  ? 926  HOH X O   1 
HETATM 1417 O  O   . HOH M 9 .   ? -12.109 -4.592  -8.538  1.00 12.86  ? 927  HOH X O   1 
HETATM 1418 O  O   . HOH M 9 .   ? -1.499  -1.100  6.174   1.00 11.97  ? 928  HOH X O   1 
HETATM 1419 O  O   . HOH M 9 .   ? 1.077   -2.011  5.521   1.00 17.76  ? 929  HOH X O   1 
HETATM 1420 O  O   . HOH M 9 .   ? 2.846   5.166   16.124  1.00 15.62  ? 930  HOH X O   1 
HETATM 1421 O  O   . HOH M 9 .   ? -7.220  13.703  -5.820  1.00 13.50  ? 931  HOH X O   1 
HETATM 1422 O  O   . HOH M 9 .   ? -5.937  -9.449  18.236  1.00 18.56  ? 932  HOH X O   1 
HETATM 1423 O  O   . HOH M 9 .   ? 7.117   -2.175  1.624   1.00 15.63  ? 933  HOH X O   1 
HETATM 1424 O  O   . HOH M 9 .   ? -6.583  -12.762 8.510   1.00 11.83  ? 934  HOH X O   1 
HETATM 1425 O  O   . HOH M 9 .   ? -12.062 -5.109  13.581  1.00 17.57  ? 935  HOH X O   1 
HETATM 1426 O  O   . HOH M 9 .   ? -6.545  -10.722 15.136  1.00 17.07  ? 936  HOH X O   1 
HETATM 1427 O  O   . HOH M 9 .   ? -8.386  1.961   6.295   1.00 12.26  ? 937  HOH X O   1 
HETATM 1428 O  O   . HOH M 9 .   ? 0.272   13.345  13.360  1.00 15.09  ? 938  HOH X O   1 
HETATM 1429 O  O   . HOH M 9 .   ? -7.765  -16.335 -3.583  1.00 11.65  ? 939  HOH X O   1 
HETATM 1430 O  O   . HOH M 9 .   ? -6.547  -11.330 3.414   1.00 17.86  ? 940  HOH X O   1 
HETATM 1431 O  O   . HOH M 9 .   ? -8.452  -6.014  0.078   1.00 14.44  ? 941  HOH X O   1 
HETATM 1432 O  O   . HOH M 9 .   ? -15.378 5.275   10.744  1.00 23.06  ? 942  HOH X O   1 
HETATM 1433 O  O   . HOH M 9 .   ? -3.975  12.574  2.715   1.00 15.86  ? 943  HOH X O   1 
HETATM 1434 O  O   . HOH M 9 .   ? -0.391  -16.370 -12.769 1.00 14.07  ? 944  HOH X O   1 
HETATM 1435 O  O   . HOH M 9 .   ? -5.371  -8.543  -13.096 1.00 13.91  ? 945  HOH X O   1 
HETATM 1436 O  O   . HOH M 9 .   ? -0.295  9.450   -8.693  1.00 17.16  ? 946  HOH X O   1 
HETATM 1437 O  O   . HOH M 9 .   ? -8.742  -4.006  5.570   1.00 17.69  ? 947  HOH X O   1 
HETATM 1438 O  O   . HOH M 9 .   ? -4.753  16.514  15.840  1.00 21.65  ? 948  HOH X O   1 
HETATM 1439 O  O   . HOH M 9 .   ? 6.463   2.270   -18.862 1.00 16.10  ? 949  HOH X O   1 
HETATM 1440 O  O   . HOH M 9 .   ? -5.477  13.838  -9.890  1.00 16.19  ? 950  HOH X O   1 
HETATM 1441 O  O   . HOH M 9 .   ? 13.741  -12.760 -3.773  1.00 18.16  ? 951  HOH X O   1 
HETATM 1442 O  O   . HOH M 9 .   ? 16.022  2.610   -14.318 1.00 20.33  ? 952  HOH X O   1 
HETATM 1443 O  O   . HOH M 9 .   ? -4.262  -10.831 -12.086 1.00 14.09  ? 953  HOH X O   1 
HETATM 1444 O  O   . HOH M 9 .   ? -7.764  12.381  -10.209 1.00 17.75  ? 954  HOH X O   1 
HETATM 1445 O  O   . HOH M 9 .   ? -12.893 6.506   -2.650  1.00 24.51  ? 955  HOH X O   1 
HETATM 1446 O  O   . HOH M 9 .   ? -8.119  -2.746  2.576   1.00 16.97  ? 956  HOH X O   1 
HETATM 1447 O  O   . HOH M 9 .   ? -11.669 -3.434  -11.010 1.00 16.48  ? 957  HOH X O   1 
HETATM 1448 O  O   . HOH M 9 .   ? -2.874  2.239   25.686  1.00 20.46  ? 958  HOH X O   1 
HETATM 1449 O  O   . HOH M 9 .   ? 12.551  -12.125 -13.601 1.00 16.90  ? 959  HOH X O   1 
HETATM 1450 O  O   . HOH M 9 .   ? -6.444  -18.768 -3.054  1.00 13.63  ? 960  HOH X O   1 
HETATM 1451 O  O   . HOH M 9 .   ? 9.265   2.197   1.134   1.00 17.40  ? 961  HOH X O   1 
HETATM 1452 O  O   . HOH M 9 .   ? 3.929   -15.858 -18.752 1.00 19.59  ? 962  HOH X O   1 
HETATM 1453 O  O   . HOH M 9 .   ? -3.896  -8.366  -15.539 1.00 19.45  ? 963  HOH X O   1 
HETATM 1454 O  O   . HOH M 9 .   ? -2.253  -9.494  16.265  1.00 24.71  ? 964  HOH X O   1 
HETATM 1455 O  O   . HOH M 9 .   ? -12.453 10.066  1.658   1.00 23.10  ? 965  HOH X O   1 
HETATM 1456 O  O   . HOH M 9 .   ? -10.100 10.990  20.329  1.00 16.72  ? 966  HOH X O   1 
HETATM 1457 O  O   . HOH M 9 .   ? -2.331  6.019   -19.035 1.00 15.99  ? 967  HOH X O   1 
HETATM 1458 O  O   . HOH M 9 .   ? -5.595  -18.218 4.156   1.00 13.49  ? 968  HOH X O   1 
HETATM 1459 O  O   . HOH M 9 .   ? -9.907  -5.942  20.097  1.00 24.45  ? 969  HOH X O   1 
HETATM 1460 O  O   . HOH M 9 .   ? 15.904  -13.943 -8.497  1.00 31.35  ? 970  HOH X O   1 
HETATM 1461 O  O   . HOH M 9 .   ? 14.550  1.895   1.680   1.00 21.53  ? 971  HOH X O   1 
HETATM 1462 O  O   . HOH M 9 .   ? -3.994  -10.052 3.359   1.00 18.39  ? 972  HOH X O   1 
HETATM 1463 O  O   . HOH M 9 .   ? -14.164 10.514  14.871  1.00 20.99  ? 973  HOH X O   1 
HETATM 1464 O  O   . HOH M 9 .   ? -5.131  16.415  7.248   1.00 17.07  ? 974  HOH X O   1 
HETATM 1465 O  O   . HOH M 9 .   ? -2.801  -10.942 -16.045 1.00 17.21  ? 975  HOH X O   1 
HETATM 1466 O  O   . HOH M 9 .   ? -2.137  -12.020 -13.553 1.00 12.67  ? 976  HOH X O   1 
HETATM 1467 O  O   . HOH M 9 .   ? -10.880 16.100  5.748   1.00 35.18  ? 977  HOH X O   1 
HETATM 1468 O  O   . HOH M 9 .   ? -1.155  -17.956 -10.641 1.00 21.95  ? 978  HOH X O   1 
HETATM 1469 O  O   . HOH M 9 .   ? -6.727  4.865   -20.318 1.00 32.76  ? 979  HOH X O   1 
HETATM 1470 O  O   . HOH M 9 .   ? -9.909  10.859  2.268   1.00 29.27  ? 980  HOH X O   1 
HETATM 1471 O  O   . HOH M 9 .   ? 2.531   -13.991 -20.316 1.00 21.05  ? 981  HOH X O   1 
HETATM 1472 O  O   . HOH M 9 .   ? -8.714  -6.148  -13.758 1.00 25.36  ? 982  HOH X O   1 
HETATM 1473 O  O   . HOH M 9 .   ? -2.474  -14.762 -13.751 1.00 18.35  ? 983  HOH X O   1 
HETATM 1474 O  O   . HOH M 9 .   ? -6.253  -6.673  23.781  1.00 29.06  ? 984  HOH X O   1 
HETATM 1475 O  O   . HOH M 9 .   ? -1.249  -5.963  6.978   1.00 23.63  ? 985  HOH X O   1 
HETATM 1476 O  O   . HOH M 9 .   ? 4.728   5.428   7.436   1.00 16.86  ? 986  HOH X O   1 
HETATM 1477 O  O   . HOH M 9 .   ? 18.974  4.189   -3.699  1.00 33.67  ? 987  HOH X O   1 
HETATM 1478 O  O   . HOH M 9 .   ? -4.338  7.646   -17.822 1.00 18.72  ? 988  HOH X O   1 
HETATM 1479 O  O   . HOH M 9 .   ? -2.501  -17.161 -8.464  1.00 21.55  ? 989  HOH X O   1 
HETATM 1480 O  O   . HOH M 9 .   ? 11.577  -4.022  0.176   1.00 21.58  ? 990  HOH X O   1 
HETATM 1481 O  O   . HOH M 9 .   ? 4.409   -2.781  8.275   1.00 29.29  ? 991  HOH X O   1 
HETATM 1482 O  O   . HOH M 9 .   ? -5.472  6.476   24.433  1.00 28.65  ? 992  HOH X O   1 
HETATM 1483 O  O   . HOH M 9 .   ? -5.337  -4.716  25.466  1.00 24.96  ? 993  HOH X O   1 
HETATM 1484 O  O   . HOH M 9 .   ? 4.253   -4.493  15.370  1.00 25.35  ? 994  HOH X O   1 
HETATM 1485 O  O   . HOH M 9 .   ? -9.035  17.074  13.748  1.00 28.30  ? 995  HOH X O   1 
HETATM 1486 O  O   . HOH M 9 .   ? -6.923  16.805  5.323   1.00 18.72  ? 996  HOH X O   1 
HETATM 1487 O  O   . HOH M 9 .   ? 10.850  0.305   -0.290  1.00 21.07  ? 997  HOH X O   1 
HETATM 1488 O  O   . HOH M 9 .   ? -14.104 11.793  17.314  1.00 19.89  ? 998  HOH X O   1 
HETATM 1489 O  O   . HOH M 9 .   ? -5.934  -13.606 4.859   1.00 16.61  ? 999  HOH X O   1 
HETATM 1490 O  O   . HOH M 9 .   ? 1.922   16.337  20.789  1.00 22.15  ? 1000 HOH X O   1 
HETATM 1491 O  O   . HOH M 9 .   ? -13.906 4.043   -1.999  1.00 25.41  ? 1001 HOH X O   1 
HETATM 1492 O  O   . HOH M 9 .   ? 18.773  -2.202  -12.247 1.00 28.59  ? 1002 HOH X O   1 
HETATM 1493 O  O   . HOH M 9 .   ? -14.112 2.419   4.145   1.00 23.69  ? 1003 HOH X O   1 
HETATM 1494 O  O   . HOH M 9 .   ? -4.220  15.541  4.939   1.00 25.45  ? 1004 HOH X O   1 
HETATM 1495 O  O   . HOH M 9 .   ? -1.028  -18.495 -6.944  1.00 22.16  ? 1005 HOH X O   1 
HETATM 1496 O  O   . HOH M 9 .   ? -7.221  14.138  22.863  1.00 20.74  ? 1006 HOH X O   1 
HETATM 1497 O  O   . HOH M 9 .   ? -13.739 -0.926  14.663  1.00 20.02  ? 1007 HOH X O   1 
HETATM 1498 O  O   . HOH M 9 .   ? -11.985 2.840   18.888  1.00 31.06  ? 1008 HOH X O   1 
HETATM 1499 O  O   . HOH M 9 .   ? -2.577  13.097  12.497  1.00 24.11  ? 1009 HOH X O   1 
HETATM 1500 O  O   . HOH M 9 .   ? 8.430   9.542   -7.597  1.00 31.57  ? 1010 HOH X O   1 
HETATM 1501 O  O   . HOH M 9 .   ? -11.440 12.128  17.868  1.00 22.00  ? 1011 HOH X O   1 
HETATM 1502 O  O   . HOH M 9 .   ? -2.730  16.243  18.178  1.00 32.63  ? 1012 HOH X O   1 
HETATM 1503 O  O   . HOH M 9 .   ? 5.779   -20.816 -12.372 1.00 22.73  ? 1013 HOH X O   1 
HETATM 1504 O  O   . HOH M 9 .   ? -2.284  -12.767 9.382   1.00 27.66  ? 1014 HOH X O   1 
HETATM 1505 O  O   . HOH M 9 .   ? 7.769   -15.387 -18.262 1.00 82.85  ? 1015 HOH X O   1 
HETATM 1506 O  O   . HOH M 9 .   ? -9.960  -5.645  -11.406 1.00 21.56  ? 1016 HOH X O   1 
HETATM 1507 O  O   . HOH M 9 .   ? 14.334  8.987   -0.576  1.00 28.36  ? 1017 HOH X O   1 
HETATM 1508 O  O   . HOH M 9 .   ? -10.513 9.997   -2.959  1.00 19.72  ? 1018 HOH X O   1 
HETATM 1509 O  O   . HOH M 9 .   ? -6.042  -12.841 -12.174 1.00 20.36  ? 1019 HOH X O   1 
HETATM 1510 O  O   . HOH M 9 .   ? 3.810   -2.838  13.077  1.00 33.60  ? 1020 HOH X O   1 
HETATM 1511 O  O   . HOH M 9 .   ? 17.307  4.754   -13.516 1.00 40.23  ? 1021 HOH X O   1 
HETATM 1512 O  O   . HOH M 9 .   ? -7.861  -9.466  -13.876 1.00 30.69  ? 1022 HOH X O   1 
HETATM 1513 O  O   . HOH M 9 .   ? -4.893  -18.705 -0.095  1.00 20.05  ? 1023 HOH X O   1 
HETATM 1514 O  O   . HOH M 9 .   ? 17.628  4.609   -10.941 1.00 36.27  ? 1024 HOH X O   1 
HETATM 1515 O  O   . HOH M 9 .   ? -0.939  7.634   25.592  1.00 23.64  ? 1025 HOH X O   1 
HETATM 1516 O  O   . HOH M 9 .   ? -12.761 2.053   -0.112  1.00 21.20  ? 1026 HOH X O   1 
HETATM 1517 O  O   . HOH M 9 .   ? 4.924   7.653   8.143   1.00 27.05  ? 1027 HOH X O   1 
HETATM 1518 O  O   . HOH M 9 .   ? -6.037  -4.577  5.101   1.00 18.82  ? 1028 HOH X O   1 
HETATM 1519 O  O   . HOH M 9 .   ? 14.253  6.544   -15.980 1.00 30.13  ? 1029 HOH X O   1 
HETATM 1520 O  O   . HOH M 9 .   ? 0.257   14.978  6.462   1.00 20.11  ? 1030 HOH X O   1 
HETATM 1521 O  O   . HOH M 9 .   ? -4.350  14.486  25.040  1.00 24.31  ? 1031 HOH X O   1 
HETATM 1522 O  O   . HOH M 9 .   ? 17.972  -3.304  -9.478  1.00 24.47  ? 1032 HOH X O   1 
HETATM 1523 O  O   . HOH M 9 .   ? 0.077   -20.482 -10.563 1.00 20.37  ? 1033 HOH X O   1 
HETATM 1524 O  O   . HOH M 9 .   ? 9.503   -2.034  0.165   1.00 24.19  ? 1034 HOH X O   1 
HETATM 1525 O  O   . HOH M 9 .   ? -1.491  16.602  23.028  1.00 22.43  ? 1035 HOH X O   1 
HETATM 1526 O  O   . HOH M 9 .   ? -8.807  16.011  17.319  1.00 21.69  ? 1036 HOH X O   1 
HETATM 1527 O  O   . HOH M 9 .   ? -13.462 1.129   12.615  1.00 25.44  ? 1037 HOH X O   1 
HETATM 1528 O  O   . HOH M 9 .   ? -4.291  -13.813 7.211   1.00 20.77  ? 1038 HOH X O   1 
HETATM 1529 O  O   . HOH M 9 .   ? 13.254  -0.123  -18.599 1.00 22.14  ? 1039 HOH X O   1 
HETATM 1530 O  O   . HOH M 9 .   ? -2.551  -0.272  -22.274 1.00 24.02  ? 1041 HOH X O   1 
HETATM 1531 O  O   . HOH M 9 .   ? -10.563 -10.198 -2.601  1.00 22.73  ? 1042 HOH X O   1 
HETATM 1532 O  O   . HOH M 9 .   ? 4.972   4.397   4.862   1.00 18.18  ? 1044 HOH X O   1 
HETATM 1533 O  O   . HOH M 9 .   ? -10.620 -1.469  5.148   1.00 25.99  ? 1045 HOH X O   1 
HETATM 1534 O  O   . HOH M 9 .   ? -3.529  -11.994 13.026  1.00 28.15  ? 1046 HOH X O   1 
HETATM 1535 O  O   . HOH M 9 .   ? -0.859  2.819   -21.310 1.00 23.17  ? 1047 HOH X O   1 
HETATM 1536 O  O   . HOH M 9 .   ? -3.290  16.433  13.566  1.00 25.95  ? 1048 HOH X O   1 
HETATM 1537 O  O   . HOH M 9 .   ? 5.778   -6.670  14.742  1.00 45.77  ? 1049 HOH X O   1 
HETATM 1538 O  O   . HOH M 9 .   ? -8.122  2.705   -21.141 1.00 32.44  ? 1050 HOH X O   1 
HETATM 1539 O  O   . HOH M 9 .   ? -10.931 -5.543  -2.732  1.00 28.50  ? 1051 HOH X O   1 
HETATM 1540 O  O   . HOH M 9 .   ? 11.217  -7.806  1.721   1.00 25.59  ? 1052 HOH X O   1 
HETATM 1541 O  O   . HOH M 9 .   ? 5.149   -3.817  10.934  1.00 29.26  ? 1053 HOH X O   1 
HETATM 1542 O  O   . HOH M 9 .   ? -11.589 17.811  12.483  1.00 45.41  ? 1054 HOH X O   1 
HETATM 1543 O  O   . HOH M 9 .   ? -12.228 -8.839  -9.377  1.00 26.96  ? 1055 HOH X O   1 
HETATM 1544 O  O   . HOH M 9 .   ? -2.157  -17.006 5.709   1.00 109.44 ? 1056 HOH X O   1 
HETATM 1545 O  O   . HOH M 9 .   ? -8.280  -15.059 -8.150  1.00 32.35  ? 1057 HOH X O   1 
HETATM 1546 O  O   . HOH M 9 .   ? -15.792 12.708  9.181   1.00 30.03  ? 1058 HOH X O   1 
HETATM 1547 O  O   . HOH M 9 .   ? -6.086  -13.614 12.587  1.00 28.04  ? 1059 HOH X O   1 
HETATM 1548 O  O   . HOH M 9 .   ? 13.090  -11.680 -16.259 1.00 30.52  ? 1060 HOH X O   1 
HETATM 1549 O  O   . HOH M 9 .   ? -6.847  18.066  12.817  1.00 31.82  ? 1061 HOH X O   1 
HETATM 1550 O  O   . HOH M 9 .   ? -1.514  -4.778  4.451   1.00 22.71  ? 1062 HOH X O   1 
HETATM 1551 O  O   . HOH M 9 .   ? 15.812  8.677   -12.961 1.00 43.33  ? 1063 HOH X O   1 
HETATM 1552 O  O   . HOH M 9 .   ? -10.676 0.910   20.148  1.00 29.51  ? 1064 HOH X O   1 
HETATM 1553 O  O   . HOH M 9 .   ? -15.264 12.532  13.437  1.00 37.72  ? 1065 HOH X O   1 
HETATM 1554 O  O   . HOH M 9 .   ? -11.862 0.669   22.867  1.00 36.19  ? 1066 HOH X O   1 
HETATM 1555 O  O   . HOH M 9 .   ? 2.369   -3.951  6.975   1.00 32.50  ? 1067 HOH X O   1 
HETATM 1556 O  O   . HOH M 9 .   ? 1.777   -19.426 -5.980  1.00 11.49  ? 1068 HOH X O   1 
HETATM 1557 O  O   . HOH M 9 .   ? -7.952  -12.464 10.947  1.00 12.25  ? 1069 HOH X O   1 
HETATM 1558 O  O   . HOH M 9 .   ? -4.952  16.799  11.410  1.00 20.35  ? 1070 HOH X O   1 
HETATM 1559 O  O   . HOH M 9 .   ? -7.803  10.317  0.638   1.00 17.70  ? 1071 HOH X O   1 
HETATM 1560 O  O   . HOH M 9 .   ? -2.307  16.397  6.432   1.00 20.65  ? 1072 HOH X O   1 
HETATM 1561 O  O   . HOH M 9 .   ? -8.010  10.398  -2.073  1.00 17.33  ? 1073 HOH X O   1 
HETATM 1562 O  O   . HOH M 9 .   ? -11.136 14.827  18.356  1.00 21.63  ? 1074 HOH X O   1 
HETATM 1563 O  O   . HOH M 9 .   ? 6.557   -19.649 -9.617  1.00 21.62  ? 1075 HOH X O   1 
HETATM 1564 O  O   . HOH M 9 .   ? 2.431   -20.739 -9.117  1.00 23.40  ? 1076 HOH X O   1 
HETATM 1565 O  O   . HOH M 9 .   ? -11.641 14.921  21.180  1.00 29.47  ? 1077 HOH X O   1 
HETATM 1566 O  O   . HOH M 9 .   ? -13.234 16.049  17.153  1.00 38.74  ? 1078 HOH X O   1 
HETATM 1567 O  O   . HOH M 9 .   ? -5.245  -1.179  -21.992 1.00 34.49  ? 1079 HOH X O   1 
HETATM 1568 O  O   . HOH M 9 .   ? -9.312  -10.287 12.003  1.00 12.42  ? 1080 HOH X O   1 
HETATM 1569 O  O   . HOH M 9 .   ? 2.855   10.554  12.946  1.00 10.71  ? 1081 HOH X O   1 
HETATM 1570 O  O   . HOH M 9 .   ? -10.796 -3.563  16.726  1.00 26.27  ? 1082 HOH X O   1 
HETATM 1571 O  O   . HOH M 9 .   ? -14.190 -3.549  13.799  1.00 23.99  ? 1083 HOH X O   1 
HETATM 1572 O  O   . HOH M 9 .   ? -1.602  14.876  14.588  1.00 25.75  ? 1084 HOH X O   1 
HETATM 1573 O  O   . HOH M 9 .   ? 10.112  1.984   9.805   1.00 24.81  ? 1085 HOH X O   1 
HETATM 1574 O  O   . HOH M 9 .   ? -10.041 -3.659  -15.603 1.00 23.38  ? 1086 HOH X O   1 
HETATM 1575 O  O   . HOH M 9 .   ? -12.765 0.049   -16.828 1.00 33.81  ? 1087 HOH X O   1 
HETATM 1576 O  O   . HOH M 9 .   ? -15.858 7.779   8.490   1.00 40.02  ? 1088 HOH X O   1 
HETATM 1577 O  O   . HOH M 9 .   ? -15.187 10.262  7.653   1.00 33.60  ? 1089 HOH X O   1 
HETATM 1578 O  O   . HOH M 9 .   ? 4.127   -0.208  9.132   1.00 36.47  ? 1090 HOH X O   1 
HETATM 1579 O  O   . HOH M 9 .   ? -5.604  5.469   21.520  1.00 31.45  ? 1091 HOH X O   1 
HETATM 1580 O  O   . HOH M 9 .   ? -8.274  19.297  5.492   1.00 27.75  ? 1092 HOH X O   1 
HETATM 1581 O  O   . HOH M 9 .   ? 16.059  10.920  -2.659  1.00 52.56  ? 1093 HOH X O   1 
HETATM 1582 O  O   . HOH M 9 .   ? 10.566  6.116   4.317   1.00 25.19  ? 1094 HOH X O   1 
HETATM 1583 O  O   . HOH M 9 .   ? 19.673  0.209   -0.489  1.00 38.48  ? 1095 HOH X O   1 
HETATM 1584 O  O   . HOH M 9 .   ? 5.233   1.865   3.346   1.00 27.02  ? 1096 HOH X O   1 
HETATM 1585 O  O   . HOH M 9 .   ? 7.637   0.751   2.844   1.00 27.21  ? 1097 HOH X O   1 
HETATM 1586 O  O   . HOH M 9 .   ? 4.581   -0.058  15.934  1.00 25.87  ? 1098 HOH X O   1 
HETATM 1587 O  O   . HOH M 9 .   ? 3.930   4.122   22.539  1.00 12.74  ? 1099 HOH X O   1 
HETATM 1588 O  O   . HOH M 9 .   ? 10.547  -9.302  5.369   1.00 29.94  ? 1100 HOH X O   1 
HETATM 1589 O  O   . HOH M 9 .   ? 9.416   -11.816 5.138   1.00 34.09  ? 1101 HOH X O   1 
HETATM 1590 O  O   . HOH M 9 .   ? -11.912 -3.054  6.987   1.00 27.42  ? 1102 HOH X O   1 
HETATM 1591 O  O   . HOH M 9 .   ? -10.479 -3.513  3.451   1.00 17.63  ? 1103 HOH X O   1 
HETATM 1592 O  O   . HOH M 9 .   ? -10.394 -5.658  2.004   1.00 30.92  ? 1104 HOH X O   1 
HETATM 1593 O  O   . HOH M 9 .   ? 1.981   -11.710 1.663   1.00 12.91  ? 1105 HOH X O   1 
HETATM 1594 O  O   . HOH M 9 .   ? 17.358  10.512  1.374   1.00 47.73  ? 1106 HOH X O   1 
HETATM 1595 O  O   . HOH M 9 .   ? -4.274  -5.959  3.062   1.00 29.87  ? 1107 HOH X O   1 
HETATM 1596 O  O   . HOH M 9 .   ? -14.983 3.071   11.913  1.00 51.04  ? 1109 HOH X O   1 
HETATM 1597 O  O   . HOH M 9 .   ? 0.386   -3.686  25.996  1.00 55.40  ? 1110 HOH X O   1 
HETATM 1598 O  O   . HOH M 9 .   ? 2.035   4.219   13.813  1.00 32.39  ? 1111 HOH X O   1 
HETATM 1599 O  O   . HOH M 9 .   ? -11.057 12.203  -4.887  1.00 29.97  ? 1112 HOH X O   1 
HETATM 1600 O  O   . HOH M 9 .   ? -12.857 0.580   -12.883 1.00 28.58  ? 1113 HOH X O   1 
HETATM 1601 O  O   . HOH M 9 .   ? -2.316  4.920   25.264  1.00 28.55  ? 1114 HOH X O   1 
HETATM 1602 O  O   . HOH M 9 .   ? -10.526 10.186  -10.286 1.00 52.75  ? 1115 HOH X O   1 
HETATM 1603 O  O   . HOH M 9 .   ? 13.355  -2.315  -20.482 1.00 29.24  ? 1116 HOH X O   1 
HETATM 1604 O  O   . HOH M 9 .   ? 20.315  2.482   -7.423  1.00 36.17  ? 1117 HOH X O   1 
HETATM 1605 O  O   . HOH M 9 .   ? -7.787  20.464  8.029   1.00 27.45  ? 1118 HOH X O   1 
HETATM 1606 O  O   . HOH M 9 .   ? -15.038 3.749   1.869   1.00 81.73  ? 1119 HOH X O   1 
HETATM 1607 O  O   . HOH M 9 .   ? 9.143   10.590  3.907   1.00 32.32  ? 1121 HOH X O   1 
HETATM 1608 O  O   . HOH M 9 .   ? 2.844   1.645   11.612  1.00 84.76  ? 1122 HOH X O   1 
HETATM 1609 O  O   . HOH M 9 .   ? 4.752   -10.573 6.587   1.00 39.87  ? 1123 HOH X O   1 
HETATM 1610 O  O   . HOH M 9 .   ? -8.140  20.026  11.520  1.00 35.30  ? 1125 HOH X O   1 
HETATM 1611 O  O   . HOH M 9 .   ? -7.683  -16.926 -6.345  1.00 29.87  ? 1126 HOH X O   1 
HETATM 1612 O  O   . HOH M 9 .   ? -10.470 13.681  -8.772  1.00 35.23  ? 1127 HOH X O   1 
HETATM 1613 O  O   . HOH M 9 .   ? -4.666  -15.307 -12.300 1.00 45.08  ? 1130 HOH X O   1 
HETATM 1614 O  O   . HOH M 9 .   ? 19.526  4.404   -9.108  1.00 37.43  ? 1131 HOH X O   1 
HETATM 1615 O  O   . HOH M 9 .   ? -11.299 -1.818  -1.231  1.00 32.84  ? 1133 HOH X O   1 
HETATM 1616 O  O   . HOH M 9 .   ? 15.610  -4.447  -20.394 1.00 35.02  ? 1134 HOH X O   1 
HETATM 1617 O  O   . HOH M 9 .   ? 12.039  -6.673  -22.700 1.00 25.82  ? 1135 HOH X O   1 
HETATM 1618 O  O   . HOH M 9 .   ? 20.947  -1.390  -8.157  1.00 41.51  ? 1137 HOH X O   1 
HETATM 1619 O  O   . HOH M 9 .   ? -11.107 14.756  2.030   1.00 29.27  ? 1138 HOH X O   1 
HETATM 1620 O  O   . HOH M 9 .   ? -15.902 10.588  4.908   1.00 34.82  ? 1139 HOH X O   1 
HETATM 1621 O  O   . HOH M 9 .   ? -13.347 13.303  1.144   1.00 52.30  ? 1140 HOH X O   1 
HETATM 1622 O  O   . HOH M 9 .   ? -3.677  5.238   27.901  1.00 43.00  ? 1141 HOH X O   1 
HETATM 1623 O  O   . HOH M 9 .   ? 4.633   -5.606  7.281   1.00 47.59  ? 1142 HOH X O   1 
HETATM 1624 O  O   . HOH M 9 .   ? -13.216 -0.017  4.541   1.00 32.22  ? 1143 HOH X O   1 
HETATM 1625 O  O   . HOH M 9 .   ? -11.413 -8.096  19.857  1.00 27.17  ? 1144 HOH X O   1 
HETATM 1626 O  O   . HOH M 9 .   ? 14.193  3.419   3.917   1.00 38.20  ? 1145 HOH X O   1 
HETATM 1627 O  O   . HOH M 9 .   ? 1.662   -10.792 15.854  1.00 36.74  ? 1146 HOH X O   1 
HETATM 1628 O  O   . HOH M 9 .   ? 16.938  -5.185  -11.425 1.00 27.47  ? 1147 HOH X O   1 
HETATM 1629 O  O   . HOH M 9 .   ? 16.579  -5.513  -15.872 1.00 45.95  ? 1148 HOH X O   1 
HETATM 1630 O  O   . HOH M 9 .   ? -12.365 0.333   17.805  1.00 29.16  ? 1149 HOH X O   1 
HETATM 1631 O  O   . HOH M 9 .   ? -3.094  -5.827  26.501  1.00 42.55  ? 1150 HOH X O   1 
HETATM 1632 O  O   . HOH M 9 .   ? -8.193  -0.902  25.418  1.00 40.66  ? 1152 HOH X O   1 
HETATM 1633 O  O   . HOH M 9 .   ? 14.213  -8.082  -21.909 1.00 41.79  ? 1154 HOH X O   1 
HETATM 1634 O  O   . HOH M 9 .   ? 3.678   -10.129 9.125   1.00 40.39  ? 1156 HOH X O   1 
HETATM 1635 O  O   . HOH M 9 .   ? 9.227   -5.306  11.051  1.00 49.73  ? 1158 HOH X O   1 
HETATM 1636 O  O   . HOH M 9 .   ? -9.281  -12.811 15.027  1.00 24.09  ? 1159 HOH X O   1 
HETATM 1637 O  O   . HOH M 9 .   ? -14.003 -7.148  -3.328  1.00 33.25  ? 1160 HOH X O   1 
HETATM 1638 O  O   . HOH M 9 .   ? 0.541   -12.602 9.352   1.00 56.63  ? 1161 HOH X O   1 
HETATM 1639 O  O   . HOH M 9 .   ? -4.583  -7.996  16.354  1.00 19.33  ? 1162 HOH X O   1 
HETATM 1640 O  O   . HOH M 9 .   ? -14.878 9.402   2.613   1.00 46.64  ? 1163 HOH X O   1 
HETATM 1641 O  O   . HOH M 9 .   ? 10.642  8.800   5.232   1.00 48.05  ? 1165 HOH X O   1 
HETATM 1642 O  O   . HOH M 9 .   ? -7.976  17.095  19.698  1.00 85.93  ? 1166 HOH X O   1 
HETATM 1643 O  O   . HOH M 9 .   ? -11.764 -3.395  19.179  1.00 58.48  ? 1167 HOH X O   1 
HETATM 1644 O  O   . HOH M 9 .   ? -12.453 -8.183  17.413  1.00 28.67  ? 1168 HOH X O   1 
HETATM 1645 O  O   . HOH M 9 .   ? -11.753 -5.930  16.143  1.00 39.36  ? 1169 HOH X O   1 
HETATM 1646 O  O   . HOH M 9 .   ? 1.364   -12.412 6.781   1.00 39.18  ? 1170 HOH X O   1 
HETATM 1647 O  O   . HOH M 9 .   ? -5.463  -12.183 18.288  1.00 38.15  ? 1171 HOH X O   1 
# 
loop_
_pdbx_poly_seq_scheme.asym_id 
_pdbx_poly_seq_scheme.entity_id 
_pdbx_poly_seq_scheme.seq_id 
_pdbx_poly_seq_scheme.mon_id 
_pdbx_poly_seq_scheme.ndb_seq_num 
_pdbx_poly_seq_scheme.pdb_seq_num 
_pdbx_poly_seq_scheme.auth_seq_num 
_pdbx_poly_seq_scheme.pdb_mon_id 
_pdbx_poly_seq_scheme.auth_mon_id 
_pdbx_poly_seq_scheme.pdb_strand_id 
_pdbx_poly_seq_scheme.pdb_ins_code 
_pdbx_poly_seq_scheme.hetero 
A 1 1   MSE 1   1   1   MSE MSE X . n 
A 1 2   ASN 2   2   2   ASN ASN X . n 
A 1 3   ILE 3   3   3   ILE ILE X . n 
A 1 4   PHE 4   4   4   PHE PHE X . n 
A 1 5   GLU 5   5   5   GLU GLU X . n 
A 1 6   MSE 6   6   6   MSE MSE X . n 
A 1 7   LEU 7   7   7   LEU LEU X . n 
A 1 8   ARG 8   8   8   ARG ARG X . n 
A 1 9   ILE 9   9   9   ILE ILE X . n 
A 1 10  ASP 10  10  10  ASP ASP X . n 
A 1 11  GLU 11  11  11  GLU GLU X . n 
A 1 12  GLY 12  12  12  GLY GLY X . n 
A 1 13  LEU 13  13  13  LEU LEU X . n 
A 1 14  ARG 14  14  14  ARG ARG X . n 
A 1 15  LEU 15  15  15  LEU LEU X . n 
A 1 16  LYS 16  16  16  LYS LYS X . n 
A 1 17  ILE 17  17  17  ILE ILE X . n 
A 1 18  TYR 18  18  18  TYR TYR X . n 
A 1 19  LYS 19  19  19  LYS LYS X . n 
A 1 20  ASP 20  20  20  ASP ASP X . n 
A 1 21  THR 21  21  21  THR THR X . n 
A 1 22  GLU 22  22  22  GLU GLU X . n 
A 1 23  GLY 23  23  23  GLY GLY X . n 
A 1 24  TYR 24  24  24  TYR TYR X . n 
A 1 25  TYR 25  25  25  TYR TYR X . n 
A 1 26  THR 26  26  26  THR THR X . n 
A 1 27  ILE 27  27  27  ILE ILE X . n 
A 1 28  GLY 28  28  28  GLY GLY X . n 
A 1 29  ILE 29  29  29  ILE ILE X . n 
A 1 30  GLY 30  30  30  GLY GLY X . n 
A 1 31  HIS 31  31  31  HIS HIS X . n 
A 1 32  LEU 32  32  32  LEU LEU X . n 
A 1 33  LEU 33  33  33  LEU LEU X . n 
A 1 34  THR 34  34  34  THR THR X . n 
A 1 35  LYS 35  35  35  LYS LYS X . n 
A 1 36  SER 36  36  36  SER SER X . n 
A 1 37  PRO 37  37  37  PRO PRO X . n 
A 1 38  SER 38  38  38  SER SER X . n 
A 1 39  LEU 39  39  39  LEU LEU X . n 
A 1 40  ASN 40  40  40  ASN ASN X . n 
A 1 41  ALA 41  41  41  ALA ALA X . n 
A 1 42  ALA 42  42  42  ALA ALA X . n 
A 1 43  LYS 43  43  43  LYS LYS X . n 
A 1 44  SER 44  44  44  SER SER X . n 
A 1 45  GLU 45  45  45  GLU GLU X . n 
A 1 46  LEU 46  46  46  LEU LEU X . n 
A 1 47  ASP 47  47  47  ASP ASP X . n 
A 1 48  LYS 48  48  48  LYS LYS X . n 
A 1 49  ALA 49  49  49  ALA ALA X . n 
A 1 50  ILE 50  50  50  ILE ILE X . n 
A 1 51  GLY 51  51  51  GLY GLY X . n 
A 1 52  ARG 52  52  52  ARG ARG X . n 
A 1 53  ASN 53  53  53  ASN ASN X . n 
A 1 54  THR 54  54  54  THR THR X . n 
A 1 55  ASN 55  55  55  ASN ASN X . n 
A 1 56  GLY 56  56  56  GLY GLY X . n 
A 1 57  VAL 57  57  57  VAL VAL X . n 
A 1 58  ILE 58  58  58  ILE ILE X . n 
A 1 59  THR 59  59  59  THR THR X . n 
A 1 60  LYS 60  60  60  LYS LYS X . n 
A 1 61  ASP 61  61  61  ASP ASP X . n 
A 1 62  GLU 62  62  62  GLU GLU X . n 
A 1 63  ALA 63  63  63  ALA ALA X . n 
A 1 64  GLU 64  64  64  GLU GLU X . n 
A 1 65  LYS 65  65  65  LYS LYS X . n 
A 1 66  LEU 66  66  66  LEU LEU X . n 
A 1 67  PHE 67  67  67  PHE PHE X . n 
A 1 68  ASN 68  68  68  ASN ASN X . n 
A 1 69  GLN 69  69  69  GLN GLN X . n 
A 1 70  ASP 70  70  70  ASP ASP X . n 
A 1 71  VAL 71  71  71  VAL VAL X . n 
A 1 72  ASP 72  72  72  ASP ASP X . n 
A 1 73  ALA 73  73  73  ALA ALA X . n 
A 1 74  ALA 74  74  74  ALA ALA X . n 
A 1 75  VAL 75  75  75  VAL VAL X . n 
A 1 76  ARG 76  76  76  ARG ARG X . n 
A 1 77  GLY 77  77  77  GLY GLY X . n 
A 1 78  ILE 78  78  78  ILE ILE X . n 
A 1 79  LEU 79  79  79  LEU LEU X . n 
A 1 80  ARG 80  80  80  ARG ARG X . n 
A 1 81  ASN 81  81  81  ASN ASN X . n 
A 1 82  ALA 82  82  82  ALA ALA X . n 
A 1 83  LYS 83  83  83  LYS LYS X . n 
A 1 84  LEU 84  84  84  LEU LEU X . n 
A 1 85  LYS 85  85  85  LYS LYS X . n 
A 1 86  PRO 86  86  86  PRO PRO X . n 
A 1 87  VAL 87  87  87  VAL VAL X . n 
A 1 88  TYR 88  88  88  TYR TYR X . n 
A 1 89  ASP 89  89  89  ASP ASP X . n 
A 1 90  SER 90  90  90  SER SER X . n 
A 1 91  LEU 91  91  91  LEU LEU X . n 
A 1 92  ASP 92  92  92  ASP ASP X . n 
A 1 93  ALA 93  93  93  ALA ALA X . n 
A 1 94  VAL 94  94  94  VAL VAL X . n 
A 1 95  ARG 95  95  95  ARG ARG X . n 
A 1 96  ARG 96  96  96  ARG ARG X . n 
A 1 97  ALA 97  97  97  ALA ALA X . n 
A 1 98  ALA 98  98  98  ALA ALA X . n 
A 1 99  ALA 99  99  99  ALA ALA X . n 
A 1 100 ILE 100 100 100 ILE ILE X . n 
A 1 101 ASN 101 101 101 ASN ASN X . n 
A 1 102 LEU 102 102 102 LEU LEU X . n 
A 1 103 VAL 103 103 103 VAL VAL X . n 
A 1 104 PHE 104 104 104 PHE PHE X . n 
A 1 105 GLN 105 105 105 GLN GLN X . n 
A 1 106 MSE 106 106 106 MSE MSE X . n 
A 1 107 GLY 107 107 107 GLY GLY X . n 
A 1 108 GLU 108 108 108 GLU GLU X . n 
A 1 109 THR 109 109 109 THR THR X . n 
A 1 110 GLY 110 110 110 GLY GLY X . n 
A 1 111 VAL 111 111 111 VAL VAL X . n 
A 1 112 ALA 112 112 112 ALA ALA X . n 
A 1 113 GLY 113 113 113 GLY GLY X . n 
A 1 114 PHE 114 114 114 PHE PHE X . n 
A 1 115 THR 115 115 115 THR THR X . n 
A 1 116 ASN 116 116 116 ASN ASN X . n 
A 1 117 SER 117 117 117 SER SER X . n 
A 1 118 LEU 118 118 118 LEU LEU X . n 
A 1 119 ARG 119 119 119 ARG ARG X . n 
A 1 120 MSE 120 120 120 MSE MSE X . n 
A 1 121 LEU 121 121 121 LEU LEU X . n 
A 1 122 GLN 122 122 122 GLN GLN X . n 
A 1 123 GLN 123 123 123 GLN GLN X . n 
A 1 124 LYS 124 124 124 LYS LYS X . n 
A 1 125 ARG 125 125 125 ARG ARG X . n 
A 1 126 TRP 126 126 126 TRP TRP X . n 
A 1 127 ASP 127 127 127 ASP ASP X . n 
A 1 128 GLU 128 128 128 GLU GLU X . n 
A 1 129 ALA 129 129 129 ALA ALA X . n 
A 1 130 ALA 130 130 130 ALA ALA X . n 
A 1 131 VAL 131 131 131 VAL VAL X . n 
A 1 132 ASN 132 132 132 ASN ASN X . n 
A 1 133 LEU 133 133 133 LEU LEU X . n 
A 1 134 ALA 134 134 134 ALA ALA X . n 
A 1 135 LYS 135 135 135 LYS LYS X . n 
A 1 136 SER 136 136 136 SER SER X . n 
A 1 137 ARG 137 137 137 ARG ARG X . n 
A 1 138 TRP 138 138 138 TRP TRP X . n 
A 1 139 TYR 139 139 139 TYR TYR X . n 
A 1 140 ASN 140 140 140 ASN ASN X . n 
A 1 141 GLN 141 141 141 GLN GLN X . n 
A 1 142 THR 142 142 142 THR THR X . n 
A 1 143 PRO 143 143 143 PRO PRO X . n 
A 1 144 ASN 144 144 144 ASN ASN X . n 
A 1 145 ARG 145 145 145 ARG ARG X . n 
A 1 146 ALA 146 146 146 ALA ALA X . n 
A 1 147 LYS 147 147 147 LYS LYS X . n 
A 1 148 ARG 148 148 148 ARG ARG X . n 
A 1 149 VAL 149 149 149 VAL VAL X . n 
A 1 150 ILE 150 150 150 ILE ILE X . n 
A 1 151 THR 151 151 151 THR THR X . n 
A 1 152 THR 152 152 152 THR THR X . n 
A 1 153 PHE 153 153 153 PHE PHE X . n 
A 1 154 ARG 154 154 154 ARG ARG X . n 
A 1 155 THR 155 155 155 THR THR X . n 
A 1 156 GLY 156 156 156 GLY GLY X . n 
A 1 157 THR 157 157 157 THR THR X . n 
A 1 158 TRP 158 158 158 TRP TRP X . n 
A 1 159 ASP 159 159 159 ASP ASP X . n 
A 1 160 ALA 160 160 160 ALA ALA X . n 
A 1 161 TYR 161 161 161 TYR TYR X . n 
A 1 162 LYS 162 162 162 LYS LYS X . n 
A 1 163 ASN 163 163 163 ASN ASN X . n 
A 1 164 LEU 164 164 164 LEU LEU X . n 
# 
loop_
_pdbx_nonpoly_scheme.asym_id 
_pdbx_nonpoly_scheme.entity_id 
_pdbx_nonpoly_scheme.mon_id 
_pdbx_nonpoly_scheme.ndb_seq_num 
_pdbx_nonpoly_scheme.pdb_seq_num 
_pdbx_nonpoly_scheme.auth_seq_num 
_pdbx_nonpoly_scheme.pdb_mon_id 
_pdbx_nonpoly_scheme.auth_mon_id 
_pdbx_nonpoly_scheme.pdb_strand_id 
_pdbx_nonpoly_scheme.pdb_ins_code 
B 2 K   1   601  601  K   K   X . 
C 3 CL  1   701  701  CL  CL  X . 
D 3 CL  1   702  702  CL  CL  X . 
E 4 AZI 1   401  401  AZI AZI X . 
F 5 EPE 1   901  901  EPE EPE X . 
G 6 BME 1   805  805  BME BME X . 
H 6 BME 1   806  806  BME BME X . 
I 7 HED 1   801  801  HED HED X . 
J 7 HED 1   802  802  HED HED X . 
K 8 GOL 1   501  501  GOL GOL X . 
L 8 GOL 1   502  502  GOL GOL X . 
M 9 HOH 1   902  902  HOH HOH X . 
M 9 HOH 2   903  903  HOH HOH X . 
M 9 HOH 3   904  904  HOH HOH X . 
M 9 HOH 4   905  905  HOH HOH X . 
M 9 HOH 5   906  906  HOH HOH X . 
M 9 HOH 6   907  907  HOH HOH X . 
M 9 HOH 7   908  908  HOH HOH X . 
M 9 HOH 8   909  909  HOH HOH X . 
M 9 HOH 9   910  910  HOH HOH X . 
M 9 HOH 10  911  911  HOH HOH X . 
M 9 HOH 11  912  912  HOH HOH X . 
M 9 HOH 12  913  913  HOH HOH X . 
M 9 HOH 13  914  914  HOH HOH X . 
M 9 HOH 14  915  915  HOH HOH X . 
M 9 HOH 15  916  916  HOH HOH X . 
M 9 HOH 16  917  917  HOH HOH X . 
M 9 HOH 17  918  918  HOH HOH X . 
M 9 HOH 18  919  919  HOH HOH X . 
M 9 HOH 19  920  920  HOH HOH X . 
M 9 HOH 20  921  921  HOH HOH X . 
M 9 HOH 21  922  922  HOH HOH X . 
M 9 HOH 22  923  923  HOH HOH X . 
M 9 HOH 23  924  924  HOH HOH X . 
M 9 HOH 24  925  925  HOH HOH X . 
M 9 HOH 25  926  926  HOH HOH X . 
M 9 HOH 26  927  927  HOH HOH X . 
M 9 HOH 27  928  928  HOH HOH X . 
M 9 HOH 28  929  929  HOH HOH X . 
M 9 HOH 29  930  930  HOH HOH X . 
M 9 HOH 30  931  931  HOH HOH X . 
M 9 HOH 31  932  932  HOH HOH X . 
M 9 HOH 32  933  933  HOH HOH X . 
M 9 HOH 33  934  934  HOH HOH X . 
M 9 HOH 34  935  935  HOH HOH X . 
M 9 HOH 35  936  936  HOH HOH X . 
M 9 HOH 36  937  937  HOH HOH X . 
M 9 HOH 37  938  938  HOH HOH X . 
M 9 HOH 38  939  939  HOH HOH X . 
M 9 HOH 39  940  940  HOH HOH X . 
M 9 HOH 40  941  941  HOH HOH X . 
M 9 HOH 41  942  942  HOH HOH X . 
M 9 HOH 42  943  943  HOH HOH X . 
M 9 HOH 43  944  944  HOH HOH X . 
M 9 HOH 44  945  945  HOH HOH X . 
M 9 HOH 45  946  946  HOH HOH X . 
M 9 HOH 46  947  947  HOH HOH X . 
M 9 HOH 47  948  948  HOH HOH X . 
M 9 HOH 48  949  949  HOH HOH X . 
M 9 HOH 49  950  950  HOH HOH X . 
M 9 HOH 50  951  951  HOH HOH X . 
M 9 HOH 51  952  952  HOH HOH X . 
M 9 HOH 52  953  953  HOH HOH X . 
M 9 HOH 53  954  954  HOH HOH X . 
M 9 HOH 54  955  955  HOH HOH X . 
M 9 HOH 55  956  956  HOH HOH X . 
M 9 HOH 56  957  957  HOH HOH X . 
M 9 HOH 57  958  958  HOH HOH X . 
M 9 HOH 58  959  959  HOH HOH X . 
M 9 HOH 59  960  960  HOH HOH X . 
M 9 HOH 60  961  961  HOH HOH X . 
M 9 HOH 61  962  962  HOH HOH X . 
M 9 HOH 62  963  963  HOH HOH X . 
M 9 HOH 63  964  964  HOH HOH X . 
M 9 HOH 64  965  965  HOH HOH X . 
M 9 HOH 65  966  966  HOH HOH X . 
M 9 HOH 66  967  967  HOH HOH X . 
M 9 HOH 67  968  968  HOH HOH X . 
M 9 HOH 68  969  969  HOH HOH X . 
M 9 HOH 69  970  970  HOH HOH X . 
M 9 HOH 70  971  971  HOH HOH X . 
M 9 HOH 71  972  972  HOH HOH X . 
M 9 HOH 72  973  973  HOH HOH X . 
M 9 HOH 73  974  974  HOH HOH X . 
M 9 HOH 74  975  975  HOH HOH X . 
M 9 HOH 75  976  976  HOH HOH X . 
M 9 HOH 76  977  977  HOH HOH X . 
M 9 HOH 77  978  978  HOH HOH X . 
M 9 HOH 78  979  979  HOH HOH X . 
M 9 HOH 79  980  980  HOH HOH X . 
M 9 HOH 80  981  981  HOH HOH X . 
M 9 HOH 81  982  982  HOH HOH X . 
M 9 HOH 82  983  983  HOH HOH X . 
M 9 HOH 83  984  984  HOH HOH X . 
M 9 HOH 84  985  985  HOH HOH X . 
M 9 HOH 85  986  986  HOH HOH X . 
M 9 HOH 86  987  987  HOH HOH X . 
M 9 HOH 87  988  988  HOH HOH X . 
M 9 HOH 88  989  989  HOH HOH X . 
M 9 HOH 89  990  990  HOH HOH X . 
M 9 HOH 90  991  991  HOH HOH X . 
M 9 HOH 91  992  992  HOH HOH X . 
M 9 HOH 92  993  993  HOH HOH X . 
M 9 HOH 93  994  994  HOH HOH X . 
M 9 HOH 94  995  995  HOH HOH X . 
M 9 HOH 95  996  996  HOH HOH X . 
M 9 HOH 96  997  997  HOH HOH X . 
M 9 HOH 97  998  998  HOH HOH X . 
M 9 HOH 98  999  999  HOH HOH X . 
M 9 HOH 99  1000 1000 HOH HOH X . 
M 9 HOH 100 1001 1001 HOH HOH X . 
M 9 HOH 101 1002 1002 HOH HOH X . 
M 9 HOH 102 1003 1003 HOH HOH X . 
M 9 HOH 103 1004 1004 HOH HOH X . 
M 9 HOH 104 1005 1005 HOH HOH X . 
M 9 HOH 105 1006 1006 HOH HOH X . 
M 9 HOH 106 1007 1007 HOH HOH X . 
M 9 HOH 107 1008 1008 HOH HOH X . 
M 9 HOH 108 1009 1009 HOH HOH X . 
M 9 HOH 109 1010 1010 HOH HOH X . 
M 9 HOH 110 1011 1011 HOH HOH X . 
M 9 HOH 111 1012 1012 HOH HOH X . 
M 9 HOH 112 1013 1013 HOH HOH X . 
M 9 HOH 113 1014 1014 HOH HOH X . 
M 9 HOH 114 1015 1015 HOH HOH X . 
M 9 HOH 115 1016 1016 HOH HOH X . 
M 9 HOH 116 1017 1017 HOH HOH X . 
M 9 HOH 117 1018 1018 HOH HOH X . 
M 9 HOH 118 1019 1019 HOH HOH X . 
M 9 HOH 119 1020 1020 HOH HOH X . 
M 9 HOH 120 1021 1021 HOH HOH X . 
M 9 HOH 121 1022 1022 HOH HOH X . 
M 9 HOH 122 1023 1023 HOH HOH X . 
M 9 HOH 123 1024 1024 HOH HOH X . 
M 9 HOH 124 1025 1025 HOH HOH X . 
M 9 HOH 125 1026 1026 HOH HOH X . 
M 9 HOH 126 1027 1027 HOH HOH X . 
M 9 HOH 127 1028 1028 HOH HOH X . 
M 9 HOH 128 1029 1029 HOH HOH X . 
M 9 HOH 129 1030 1030 HOH HOH X . 
M 9 HOH 130 1031 1031 HOH HOH X . 
M 9 HOH 131 1032 1032 HOH HOH X . 
M 9 HOH 132 1033 1033 HOH HOH X . 
M 9 HOH 133 1034 1034 HOH HOH X . 
M 9 HOH 134 1035 1035 HOH HOH X . 
M 9 HOH 135 1036 1036 HOH HOH X . 
M 9 HOH 136 1037 1037 HOH HOH X . 
M 9 HOH 137 1038 1038 HOH HOH X . 
M 9 HOH 138 1039 1039 HOH HOH X . 
M 9 HOH 139 1041 1041 HOH HOH X . 
M 9 HOH 140 1042 1042 HOH HOH X . 
M 9 HOH 141 1044 1044 HOH HOH X . 
M 9 HOH 142 1045 1045 HOH HOH X . 
M 9 HOH 143 1046 1046 HOH HOH X . 
M 9 HOH 144 1047 1047 HOH HOH X . 
M 9 HOH 145 1048 1048 HOH HOH X . 
M 9 HOH 146 1049 1049 HOH HOH X . 
M 9 HOH 147 1050 1050 HOH HOH X . 
M 9 HOH 148 1051 1051 HOH HOH X . 
M 9 HOH 149 1052 1052 HOH HOH X . 
M 9 HOH 150 1053 1053 HOH HOH X . 
M 9 HOH 151 1054 1054 HOH HOH X . 
M 9 HOH 152 1055 1055 HOH HOH X . 
M 9 HOH 153 1056 1056 HOH HOH X . 
M 9 HOH 154 1057 1057 HOH HOH X . 
M 9 HOH 155 1058 1058 HOH HOH X . 
M 9 HOH 156 1059 1059 HOH HOH X . 
M 9 HOH 157 1060 1060 HOH HOH X . 
M 9 HOH 158 1061 1061 HOH HOH X . 
M 9 HOH 159 1062 1062 HOH HOH X . 
M 9 HOH 160 1063 1063 HOH HOH X . 
M 9 HOH 161 1064 1064 HOH HOH X . 
M 9 HOH 162 1065 1065 HOH HOH X . 
M 9 HOH 163 1066 1066 HOH HOH X . 
M 9 HOH 164 1067 1067 HOH HOH X . 
M 9 HOH 165 1068 1068 HOH HOH X . 
M 9 HOH 166 1069 1069 HOH HOH X . 
M 9 HOH 167 1070 1070 HOH HOH X . 
M 9 HOH 168 1071 1071 HOH HOH X . 
M 9 HOH 169 1072 1072 HOH HOH X . 
M 9 HOH 170 1073 1073 HOH HOH X . 
M 9 HOH 171 1074 1074 HOH HOH X . 
M 9 HOH 172 1075 1075 HOH HOH X . 
M 9 HOH 173 1076 1076 HOH HOH X . 
M 9 HOH 174 1077 1077 HOH HOH X . 
M 9 HOH 175 1078 1078 HOH HOH X . 
M 9 HOH 176 1079 1079 HOH HOH X . 
M 9 HOH 177 1080 1080 HOH HOH X . 
M 9 HOH 178 1081 1081 HOH HOH X . 
M 9 HOH 179 1082 1082 HOH HOH X . 
M 9 HOH 180 1083 1083 HOH HOH X . 
M 9 HOH 181 1084 1084 HOH HOH X . 
M 9 HOH 182 1085 1085 HOH HOH X . 
M 9 HOH 183 1086 1086 HOH HOH X . 
M 9 HOH 184 1087 1087 HOH HOH X . 
M 9 HOH 185 1088 1088 HOH HOH X . 
M 9 HOH 186 1089 1089 HOH HOH X . 
M 9 HOH 187 1090 1090 HOH HOH X . 
M 9 HOH 188 1091 1091 HOH HOH X . 
M 9 HOH 189 1092 1092 HOH HOH X . 
M 9 HOH 190 1093 1093 HOH HOH X . 
M 9 HOH 191 1094 1094 HOH HOH X . 
M 9 HOH 192 1095 1095 HOH HOH X . 
M 9 HOH 193 1096 1096 HOH HOH X . 
M 9 HOH 194 1097 1097 HOH HOH X . 
M 9 HOH 195 1098 1098 HOH HOH X . 
M 9 HOH 196 1099 1099 HOH HOH X . 
M 9 HOH 197 1100 1100 HOH HOH X . 
M 9 HOH 198 1101 1101 HOH HOH X . 
M 9 HOH 199 1102 1102 HOH HOH X . 
M 9 HOH 200 1103 1103 HOH HOH X . 
M 9 HOH 201 1104 1104 HOH HOH X . 
M 9 HOH 202 1105 1105 HOH HOH X . 
M 9 HOH 203 1106 1106 HOH HOH X . 
M 9 HOH 204 1107 1107 HOH HOH X . 
M 9 HOH 205 1109 1109 HOH HOH X . 
M 9 HOH 206 1110 1110 HOH HOH X . 
M 9 HOH 207 1111 1111 HOH HOH X . 
M 9 HOH 208 1112 1112 HOH HOH X . 
M 9 HOH 209 1113 1113 HOH HOH X . 
M 9 HOH 210 1114 1114 HOH HOH X . 
M 9 HOH 211 1115 1115 HOH HOH X . 
M 9 HOH 212 1116 1116 HOH HOH X . 
M 9 HOH 213 1117 1117 HOH HOH X . 
M 9 HOH 214 1118 1118 HOH HOH X . 
M 9 HOH 215 1119 1119 HOH HOH X . 
M 9 HOH 216 1121 1121 HOH HOH X . 
M 9 HOH 217 1122 1122 HOH HOH X . 
M 9 HOH 218 1123 1123 HOH HOH X . 
M 9 HOH 219 1125 1125 HOH HOH X . 
M 9 HOH 220 1126 1126 HOH HOH X . 
M 9 HOH 221 1127 1127 HOH HOH X . 
M 9 HOH 222 1130 1130 HOH HOH X . 
M 9 HOH 223 1131 1131 HOH HOH X . 
M 9 HOH 224 1133 1133 HOH HOH X . 
M 9 HOH 225 1134 1134 HOH HOH X . 
M 9 HOH 226 1135 1135 HOH HOH X . 
M 9 HOH 227 1137 1137 HOH HOH X . 
M 9 HOH 228 1138 1138 HOH HOH X . 
M 9 HOH 229 1139 1139 HOH HOH X . 
M 9 HOH 230 1140 1140 HOH HOH X . 
M 9 HOH 231 1141 1141 HOH HOH X . 
M 9 HOH 232 1142 1142 HOH HOH X . 
M 9 HOH 233 1143 1143 HOH HOH X . 
M 9 HOH 234 1144 1144 HOH HOH X . 
M 9 HOH 235 1145 1145 HOH HOH X . 
M 9 HOH 236 1146 1146 HOH HOH X . 
M 9 HOH 237 1147 1147 HOH HOH X . 
M 9 HOH 238 1148 1148 HOH HOH X . 
M 9 HOH 239 1149 1149 HOH HOH X . 
M 9 HOH 240 1150 1150 HOH HOH X . 
M 9 HOH 241 1152 1152 HOH HOH X . 
M 9 HOH 242 1154 1154 HOH HOH X . 
M 9 HOH 243 1156 1156 HOH HOH X . 
M 9 HOH 244 1158 1158 HOH HOH X . 
M 9 HOH 245 1159 1159 HOH HOH X . 
M 9 HOH 246 1160 1160 HOH HOH X . 
M 9 HOH 247 1161 1161 HOH HOH X . 
M 9 HOH 248 1162 1162 HOH HOH X . 
M 9 HOH 249 1163 1163 HOH HOH X . 
M 9 HOH 250 1165 1165 HOH HOH X . 
M 9 HOH 251 1166 1166 HOH HOH X . 
M 9 HOH 252 1167 1167 HOH HOH X . 
M 9 HOH 253 1168 1168 HOH HOH X . 
M 9 HOH 254 1169 1169 HOH HOH X . 
M 9 HOH 255 1170 1170 HOH HOH X . 
M 9 HOH 256 1171 1171 HOH HOH X . 
# 
loop_
_pdbx_struct_mod_residue.id 
_pdbx_struct_mod_residue.label_asym_id 
_pdbx_struct_mod_residue.label_comp_id 
_pdbx_struct_mod_residue.label_seq_id 
_pdbx_struct_mod_residue.auth_asym_id 
_pdbx_struct_mod_residue.auth_comp_id 
_pdbx_struct_mod_residue.auth_seq_id 
_pdbx_struct_mod_residue.PDB_ins_code 
_pdbx_struct_mod_residue.parent_comp_id 
_pdbx_struct_mod_residue.details 
1 A MSE 1   X MSE 1   ? MET SELENOMETHIONINE 
2 A MSE 6   X MSE 6   ? MET SELENOMETHIONINE 
3 A MSE 106 X MSE 106 ? MET SELENOMETHIONINE 
4 A MSE 120 X MSE 120 ? MET SELENOMETHIONINE 
# 
_pdbx_struct_assembly.id                   1 
_pdbx_struct_assembly.details              author_and_software_defined_assembly 
_pdbx_struct_assembly.method_details       PISA 
_pdbx_struct_assembly.oligomeric_details   monomeric 
_pdbx_struct_assembly.oligomeric_count     1 
# 
_pdbx_struct_assembly_gen.assembly_id       1 
_pdbx_struct_assembly_gen.oper_expression   1 
_pdbx_struct_assembly_gen.asym_id_list      A,B,C,D,E,F,G,H,I,J,K,L,M 
# 
_pdbx_struct_oper_list.id                   1 
_pdbx_struct_oper_list.type                 'identity operation' 
_pdbx_struct_oper_list.name                 1_555 
_pdbx_struct_oper_list.symmetry_operation   x,y,z 
_pdbx_struct_oper_list.matrix[1][1]         1.0000000000 
_pdbx_struct_oper_list.matrix[1][2]         0.0000000000 
_pdbx_struct_oper_list.matrix[1][3]         0.0000000000 
_pdbx_struct_oper_list.vector[1]            0.0000000000 
_pdbx_struct_oper_list.matrix[2][1]         0.0000000000 
_pdbx_struct_oper_list.matrix[2][2]         1.0000000000 
_pdbx_struct_oper_list.matrix[2][3]         0.0000000000 
_pdbx_struct_oper_list.vector[2]            0.0000000000 
_pdbx_struct_oper_list.matrix[3][1]         0.0000000000 
_pdbx_struct_oper_list.matrix[3][2]         0.0000000000 
_pdbx_struct_oper_list.matrix[3][3]         1.0000000000 
_pdbx_struct_oper_list.vector[3]            0.0000000000 
# 
loop_
_pdbx_struct_conn_angle.id 
_pdbx_struct_conn_angle.ptnr1_label_atom_id 
_pdbx_struct_conn_angle.ptnr1_label_alt_id 
_pdbx_struct_conn_angle.ptnr1_label_asym_id 
_pdbx_struct_conn_angle.ptnr1_label_comp_id 
_pdbx_struct_conn_angle.ptnr1_label_seq_id 
_pdbx_struct_conn_angle.ptnr1_auth_atom_id 
_pdbx_struct_conn_angle.ptnr1_auth_asym_id 
_pdbx_struct_conn_angle.ptnr1_auth_comp_id 
_pdbx_struct_conn_angle.ptnr1_auth_seq_id 
_pdbx_struct_conn_angle.ptnr1_PDB_ins_code 
_pdbx_struct_conn_angle.ptnr1_symmetry 
_pdbx_struct_conn_angle.ptnr2_label_atom_id 
_pdbx_struct_conn_angle.ptnr2_label_alt_id 
_pdbx_struct_conn_angle.ptnr2_label_asym_id 
_pdbx_struct_conn_angle.ptnr2_label_comp_id 
_pdbx_struct_conn_angle.ptnr2_label_seq_id 
_pdbx_struct_conn_angle.ptnr2_auth_atom_id 
_pdbx_struct_conn_angle.ptnr2_auth_asym_id 
_pdbx_struct_conn_angle.ptnr2_auth_comp_id 
_pdbx_struct_conn_angle.ptnr2_auth_seq_id 
_pdbx_struct_conn_angle.ptnr2_PDB_ins_code 
_pdbx_struct_conn_angle.ptnr2_symmetry 
_pdbx_struct_conn_angle.ptnr3_label_atom_id 
_pdbx_struct_conn_angle.ptnr3_label_alt_id 
_pdbx_struct_conn_angle.ptnr3_label_asym_id 
_pdbx_struct_conn_angle.ptnr3_label_comp_id 
_pdbx_struct_conn_angle.ptnr3_label_seq_id 
_pdbx_struct_conn_angle.ptnr3_auth_atom_id 
_pdbx_struct_conn_angle.ptnr3_auth_asym_id 
_pdbx_struct_conn_angle.ptnr3_auth_comp_id 
_pdbx_struct_conn_angle.ptnr3_auth_seq_id 
_pdbx_struct_conn_angle.ptnr3_PDB_ins_code 
_pdbx_struct_conn_angle.ptnr3_symmetry 
_pdbx_struct_conn_angle.value 
_pdbx_struct_conn_angle.value_esd 
1  O  ? A GLU 11 ? X GLU 11  ? 1_555 K ? B K . ? X K 601 ? 1_555 OH ? A TYR 18 ? X TYR 18   ? 1_555 86.0  ? 
2  O  ? A GLU 11 ? X GLU 11  ? 1_555 K ? B K . ? X K 601 ? 1_555 O  ? M HOH .  ? X HOH 906  ? 1_555 131.2 ? 
3  OH ? A TYR 18 ? X TYR 18  ? 1_555 K ? B K . ? X K 601 ? 1_555 O  ? M HOH .  ? X HOH 906  ? 1_555 87.7  ? 
4  O  ? A GLU 11 ? X GLU 11  ? 1_555 K ? B K . ? X K 601 ? 1_555 O  ? M HOH .  ? X HOH 947  ? 1_555 130.5 ? 
5  OH ? A TYR 18 ? X TYR 18  ? 1_555 K ? B K . ? X K 601 ? 1_555 O  ? M HOH .  ? X HOH 947  ? 1_555 97.9  ? 
6  O  ? M HOH .  ? X HOH 906 ? 1_555 K ? B K . ? X K 601 ? 1_555 O  ? M HOH .  ? X HOH 947  ? 1_555 98.3  ? 
7  O  ? A GLU 11 ? X GLU 11  ? 1_555 K ? B K . ? X K 601 ? 1_555 O  ? M HOH .  ? X HOH 956  ? 1_555 86.4  ? 
8  OH ? A TYR 18 ? X TYR 18  ? 1_555 K ? B K . ? X K 601 ? 1_555 O  ? M HOH .  ? X HOH 956  ? 1_555 161.3 ? 
9  O  ? M HOH .  ? X HOH 906 ? 1_555 K ? B K . ? X K 601 ? 1_555 O  ? M HOH .  ? X HOH 956  ? 1_555 110.0 ? 
10 O  ? M HOH .  ? X HOH 947 ? 1_555 K ? B K . ? X K 601 ? 1_555 O  ? M HOH .  ? X HOH 956  ? 1_555 74.4  ? 
11 O  ? A GLU 11 ? X GLU 11  ? 1_555 K ? B K . ? X K 601 ? 1_555 O  ? M HOH .  ? X HOH 1045 ? 1_555 63.8  ? 
12 OH ? A TYR 18 ? X TYR 18  ? 1_555 K ? B K . ? X K 601 ? 1_555 O  ? M HOH .  ? X HOH 1045 ? 1_555 76.4  ? 
13 O  ? M HOH .  ? X HOH 906 ? 1_555 K ? B K . ? X K 601 ? 1_555 O  ? M HOH .  ? X HOH 1045 ? 1_555 157.8 ? 
14 O  ? M HOH .  ? X HOH 947 ? 1_555 K ? B K . ? X K 601 ? 1_555 O  ? M HOH .  ? X HOH 1045 ? 1_555 69.3  ? 
15 O  ? M HOH .  ? X HOH 956 ? 1_555 K ? B K . ? X K 601 ? 1_555 O  ? M HOH .  ? X HOH 1045 ? 1_555 85.0  ? 
# 
loop_
_pdbx_audit_revision_history.ordinal 
_pdbx_audit_revision_history.data_content_type 
_pdbx_audit_revision_history.major_revision 
_pdbx_audit_revision_history.minor_revision 
_pdbx_audit_revision_history.revision_date 
1 'Structure model' 1 0 2008-11-25 
2 'Structure model' 1 1 2011-07-13 
3 'Structure model' 1 2 2021-10-20 
# 
_pdbx_audit_revision_details.ordinal             1 
_pdbx_audit_revision_details.revision_ordinal    1 
_pdbx_audit_revision_details.data_content_type   'Structure model' 
_pdbx_audit_revision_details.provider            repository 
_pdbx_audit_revision_details.type                'Initial release' 
_pdbx_audit_revision_details.description         ? 
_pdbx_audit_revision_details.details             ? 
# 
loop_
_pdbx_audit_revision_group.ordinal 
_pdbx_audit_revision_group.revision_ordinal 
_pdbx_audit_revision_group.data_content_type 
_pdbx_audit_revision_group.group 
1 2 'Structure model' Advisory                    
2 2 'Structure model' 'Version format compliance' 
3 3 'Structure model' 'Database references'       
4 3 'Structure model' 'Derived calculations'      
5 3 'Structure model' 'Source and taxonomy'       
# 
loop_
_pdbx_audit_revision_category.ordinal 
_pdbx_audit_revision_category.revision_ordinal 
_pdbx_audit_revision_category.data_content_type 
_pdbx_audit_revision_category.category 
1 3 'Structure model' database_2             
2 3 'Structure model' entity_src_gen         
3 3 'Structure model' pdbx_struct_conn_angle 
4 3 'Structure model' struct_conn            
5 3 'Structure model' struct_ref_seq_dif     
6 3 'Structure model' struct_site            
# 
loop_
_pdbx_audit_revision_item.ordinal 
_pdbx_audit_revision_item.revision_ordinal 
_pdbx_audit_revision_item.data_content_type 
_pdbx_audit_revision_item.item 
1  3 'Structure model' '_database_2.pdbx_DOI'                           
2  3 'Structure model' '_database_2.pdbx_database_accession'            
3  3 'Structure model' '_entity_src_gen.pdbx_gene_src_ncbi_taxonomy_id' 
4  3 'Structure model' '_entity_src_gen.pdbx_host_org_ncbi_taxonomy_id' 
5  3 'Structure model' '_pdbx_struct_conn_angle.ptnr1_auth_seq_id'      
6  3 'Structure model' '_pdbx_struct_conn_angle.ptnr3_auth_seq_id'      
7  3 'Structure model' '_pdbx_struct_conn_angle.value'                  
8  3 'Structure model' '_struct_conn.pdbx_dist_value'                   
9  3 'Structure model' '_struct_conn.pdbx_leaving_atom_flag'            
10 3 'Structure model' '_struct_conn.ptnr2_auth_seq_id'                 
11 3 'Structure model' '_struct_ref_seq_dif.details'                    
12 3 'Structure model' '_struct_site.pdbx_auth_asym_id'                 
13 3 'Structure model' '_struct_site.pdbx_auth_comp_id'                 
14 3 'Structure model' '_struct_site.pdbx_auth_seq_id'                  
# 
loop_
_pdbx_refine_tls.id 
_pdbx_refine_tls.details 
_pdbx_refine_tls.method 
_pdbx_refine_tls.origin_x 
_pdbx_refine_tls.origin_y 
_pdbx_refine_tls.origin_z 
_pdbx_refine_tls.T[1][1] 
_pdbx_refine_tls.T[2][2] 
_pdbx_refine_tls.T[3][3] 
_pdbx_refine_tls.T[1][2] 
_pdbx_refine_tls.T[1][3] 
_pdbx_refine_tls.T[2][3] 
_pdbx_refine_tls.L[1][1] 
_pdbx_refine_tls.L[2][2] 
_pdbx_refine_tls.L[3][3] 
_pdbx_refine_tls.L[1][2] 
_pdbx_refine_tls.L[1][3] 
_pdbx_refine_tls.L[2][3] 
_pdbx_refine_tls.S[1][1] 
_pdbx_refine_tls.S[1][2] 
_pdbx_refine_tls.S[1][3] 
_pdbx_refine_tls.S[2][1] 
_pdbx_refine_tls.S[2][2] 
_pdbx_refine_tls.S[2][3] 
_pdbx_refine_tls.S[3][1] 
_pdbx_refine_tls.S[3][2] 
_pdbx_refine_tls.S[3][3] 
_pdbx_refine_tls.pdbx_refine_id 
1 ? refined -6.3160 5.6081  -3.3666  0.0021  -0.0260 -0.0261 -0.0093 -0.0015 -0.0172 0.9520 0.8606 3.7165 -0.7018 -0.3285 1.3279  -0.0151 -0.0581 0.0977  0.1032  -0.0173 0.0177  -0.1901 -0.1657 0.0324  'X-RAY DIFFRACTION' 
2 ? refined -5.2880 2.5337  15.0634  0.0088  -0.0169 -0.0363 -0.0110 -0.0023 -0.0189 1.0356 1.1449 1.4117 0.3853  0.1604  0.3149  0.0173  -0.0668 -0.0178 0.1055  -0.0572 -0.0092 0.0245  -0.0545 0.0400  'X-RAY DIFFRACTION' 
3 ? refined -0.1178 10.3088 5.2181   0.0209  -0.0290 -0.0291 -0.0129 -0.0136 -0.0103 5.2668 1.7694 3.1200 -1.1736 -1.7277 0.9005  -0.0294 -0.0012 0.0573  -0.0068 -0.0005 -0.0398 -0.0662 0.0574  0.0300  'X-RAY DIFFRACTION' 
4 ? refined 13.4425 3.6716  -2.2047  -0.0166 0.0185  -0.0135 -0.0044 -0.0145 -0.0256 8.7693 6.1683 8.6091 -4.2598 -5.4093 5.1598  -0.1604 -0.3269 0.2436  0.2330  0.3668  -0.3228 0.2005  0.5027  -0.2063 'X-RAY DIFFRACTION' 
5 ? refined 5.9296  2.1512  -8.5380  0.0109  -0.0262 -0.0075 -0.0101 0.0069  -0.0170 1.5120 0.1692 2.1312 -0.0235 -1.1677 -0.2588 0.0476  -0.0475 0.0910  0.0195  -0.0036 -0.0365 -0.0488 0.0465  -0.0440 'X-RAY DIFFRACTION' 
6 ? refined 9.7269  -7.3248 -6.8020  0.0092  -0.0328 0.0033  -0.0251 -0.0033 -0.0114 1.2035 0.8001 3.2417 -0.7622 -0.7710 0.5123  -0.0631 -0.1322 0.0006  0.0899  -0.0086 -0.1629 -0.0347 0.2907  0.0715  'X-RAY DIFFRACTION' 
7 ? refined -0.5379 -9.1542 -9.9259  0.0126  -0.0163 -0.0160 -0.0166 0.0168  -0.0192 0.5408 0.5768 0.6541 -0.0258 -0.4832 -0.0159 -0.0250 0.0492  -0.0292 -0.0469 0.0124  -0.0007 0.0795  -0.0460 0.0126  'X-RAY DIFFRACTION' 
8 ? refined -6.1995 0.8883  -14.9095 -0.0120 -0.0092 -0.0430 -0.0097 -0.0004 -0.0139 3.7921 4.1727 6.4097 -0.6744 -1.8079 -2.3590 0.0648  0.2510  0.0978  -0.1850 -0.0309 0.0860  -0.0217 -0.3597 -0.0339 'X-RAY DIFFRACTION' 
# 
loop_
_pdbx_refine_tls_group.id 
_pdbx_refine_tls_group.refine_tls_id 
_pdbx_refine_tls_group.beg_auth_asym_id 
_pdbx_refine_tls_group.beg_auth_seq_id 
_pdbx_refine_tls_group.beg_label_asym_id 
_pdbx_refine_tls_group.beg_label_seq_id 
_pdbx_refine_tls_group.end_auth_asym_id 
_pdbx_refine_tls_group.end_auth_seq_id 
_pdbx_refine_tls_group.end_label_asym_id 
_pdbx_refine_tls_group.end_label_seq_id 
_pdbx_refine_tls_group.selection 
_pdbx_refine_tls_group.pdbx_refine_id 
_pdbx_refine_tls_group.selection_details 
1 1 X 1   A 1   X 12  A 12  ? 'X-RAY DIFFRACTION' ? 
2 2 X 13  A 13  X 62  A 62  ? 'X-RAY DIFFRACTION' ? 
3 3 X 63  A 63  X 73  A 73  ? 'X-RAY DIFFRACTION' ? 
4 4 X 74  A 74  X 84  A 84  ? 'X-RAY DIFFRACTION' ? 
5 5 X 85  A 85  X 105 A 105 ? 'X-RAY DIFFRACTION' ? 
6 6 X 106 A 106 X 123 A 123 ? 'X-RAY DIFFRACTION' ? 
7 7 X 124 A 124 X 153 A 153 ? 'X-RAY DIFFRACTION' ? 
8 8 X 154 A 154 X 164 A 164 ? 'X-RAY DIFFRACTION' ? 
# 
loop_
_software.name 
_software.classification 
_software.version 
_software.citation_id 
_software.pdbx_ordinal 
REFMAC    refinement        5.2.0019 ? 1 
HKL-2000  'data collection' .        ? 2 
HKL-2000  'data reduction'  .        ? 3 
SCALEPACK 'data scaling'    .        ? 4 
MLPHARE   phasing           .        ? 5 
# 
_pdbx_validate_close_contact.id               1 
_pdbx_validate_close_contact.PDB_model_num    1 
_pdbx_validate_close_contact.auth_atom_id_1   O1S 
_pdbx_validate_close_contact.auth_asym_id_1   X 
_pdbx_validate_close_contact.auth_comp_id_1   EPE 
_pdbx_validate_close_contact.auth_seq_id_1    901 
_pdbx_validate_close_contact.PDB_ins_code_1   ? 
_pdbx_validate_close_contact.label_alt_id_1   ? 
_pdbx_validate_close_contact.auth_atom_id_2   O 
_pdbx_validate_close_contact.auth_asym_id_2   X 
_pdbx_validate_close_contact.auth_comp_id_2   HOH 
_pdbx_validate_close_contact.auth_seq_id_2    1105 
_pdbx_validate_close_contact.PDB_ins_code_2   ? 
_pdbx_validate_close_contact.label_alt_id_2   ? 
_pdbx_validate_close_contact.dist             2.01 
# 
_pdbx_validate_torsion.id              1 
_pdbx_validate_torsion.PDB_model_num   1 
_pdbx_validate_torsion.auth_comp_id    ILE 
_pdbx_validate_torsion.auth_asym_id    X 
_pdbx_validate_torsion.auth_seq_id     29 
_pdbx_validate_torsion.PDB_ins_code    ? 
_pdbx_validate_torsion.label_alt_id    ? 
_pdbx_validate_torsion.phi             -109.40 
_pdbx_validate_torsion.psi             77.26 
# 
loop_
_pdbx_entity_nonpoly.entity_id 
_pdbx_entity_nonpoly.name 
_pdbx_entity_nonpoly.comp_id 
2 'POTASSIUM ION'                                       K   
3 'CHLORIDE ION'                                        CL  
4 'AZIDE ION'                                           AZI 
5 '4-(2-HYDROXYETHYL)-1-PIPERAZINE ETHANESULFONIC ACID' EPE 
6 BETA-MERCAPTOETHANOL                                  BME 
7 '2-HYDROXYETHYL DISULFIDE'                            HED 
8 GLYCEROL                                              GOL 
9 water                                                 HOH 
# 
